data_2KE4
#
_entry.id   2KE4
#
_entity_poly.entity_id   1
_entity_poly.type   'polypeptide(L)'
_entity_poly.pdbx_seq_one_letter_code
;GPHMTEDFSHLPPEQQRKRLQQQLEERSRELQKEVDQREALKKMKDVYEKTPQMGDPASLEPQIAETLSNIERLKLEVQK
YEAWLAEAESRVLSNRGD
;
_entity_poly.pdbx_strand_id   A
#
# COMPACT_ATOMS: atom_id res chain seq x y z
N GLY A 1 -12.03 15.35 -11.64
CA GLY A 1 -11.95 15.35 -13.09
C GLY A 1 -12.65 14.12 -13.69
N PRO A 2 -12.98 14.24 -15.00
CA PRO A 2 -13.65 13.15 -15.70
C PRO A 2 -12.68 12.01 -15.99
N HIS A 3 -11.66 12.32 -16.77
CA HIS A 3 -10.67 11.33 -17.13
C HIS A 3 -9.34 11.65 -16.44
N MET A 4 -8.50 10.64 -16.31
CA MET A 4 -7.21 10.80 -15.68
C MET A 4 -6.07 10.55 -16.66
N THR A 5 -4.98 11.26 -16.45
CA THR A 5 -3.81 11.12 -17.31
C THR A 5 -3.09 9.80 -17.02
N GLU A 6 -1.98 9.62 -17.72
CA GLU A 6 -1.18 8.41 -17.54
C GLU A 6 0.13 8.74 -16.82
N ASP A 7 1.03 9.37 -17.55
CA ASP A 7 2.32 9.74 -16.99
C ASP A 7 2.17 11.04 -16.20
N PHE A 8 2.97 11.14 -15.15
CA PHE A 8 2.94 12.32 -14.30
C PHE A 8 4.14 13.22 -14.56
N SER A 9 4.80 12.95 -15.68
CA SER A 9 5.97 13.73 -16.05
C SER A 9 5.54 15.10 -16.57
N HIS A 10 4.65 15.08 -17.55
CA HIS A 10 4.15 16.31 -18.13
C HIS A 10 3.63 17.23 -17.03
N LEU A 11 3.28 16.61 -15.90
CA LEU A 11 2.76 17.36 -14.77
C LEU A 11 3.87 18.22 -14.18
N PRO A 12 3.45 19.29 -13.44
CA PRO A 12 4.40 20.19 -12.82
C PRO A 12 5.04 19.56 -11.59
N PRO A 13 6.12 20.22 -11.09
CA PRO A 13 6.83 19.73 -9.93
C PRO A 13 6.04 19.99 -8.65
N GLU A 14 5.02 20.83 -8.79
CA GLU A 14 4.18 21.17 -7.65
C GLU A 14 3.06 20.14 -7.49
N GLN A 15 2.54 19.69 -8.63
CA GLN A 15 1.47 18.70 -8.63
C GLN A 15 2.05 17.29 -8.68
N GLN A 16 3.28 17.21 -9.15
CA GLN A 16 3.96 15.93 -9.26
C GLN A 16 4.03 15.25 -7.90
N ARG A 17 4.38 16.04 -6.90
CA ARG A 17 4.48 15.53 -5.54
C ARG A 17 3.10 15.30 -4.95
N LYS A 18 2.09 15.71 -5.70
CA LYS A 18 0.71 15.55 -5.27
C LYS A 18 0.18 14.18 -5.72
N ARG A 19 0.98 13.54 -6.57
CA ARG A 19 0.61 12.23 -7.08
C ARG A 19 1.01 11.13 -6.09
N LEU A 20 2.31 11.06 -5.84
CA LEU A 20 2.85 10.07 -4.92
C LEU A 20 2.03 10.09 -3.62
N GLN A 21 1.93 11.29 -3.06
CA GLN A 21 1.19 11.48 -1.82
C GLN A 21 -0.07 10.60 -1.82
N GLN A 22 -1.06 11.04 -2.58
CA GLN A 22 -2.30 10.31 -2.68
C GLN A 22 -2.04 8.82 -2.87
N GLN A 23 -1.36 8.51 -3.96
CA GLN A 23 -1.02 7.13 -4.27
C GLN A 23 -0.43 6.43 -3.04
N LEU A 24 0.17 7.24 -2.18
CA LEU A 24 0.77 6.71 -0.96
C LEU A 24 -0.32 6.39 0.05
N GLU A 25 -1.27 7.30 0.18
CA GLU A 25 -2.37 7.12 1.10
C GLU A 25 -3.09 5.80 0.81
N GLU A 26 -2.94 5.34 -0.43
CA GLU A 26 -3.57 4.11 -0.85
C GLU A 26 -2.65 2.92 -0.59
N ARG A 27 -1.46 3.00 -1.15
CA ARG A 27 -0.47 1.94 -0.98
C ARG A 27 -0.38 1.54 0.49
N SER A 28 -0.75 2.47 1.37
CA SER A 28 -0.72 2.22 2.79
C SER A 28 -2.07 1.71 3.27
N ARG A 29 -3.12 2.18 2.61
CA ARG A 29 -4.47 1.77 2.95
C ARG A 29 -4.64 0.26 2.73
N GLU A 30 -4.30 -0.17 1.53
CA GLU A 30 -4.41 -1.58 1.18
C GLU A 30 -3.47 -2.42 2.06
N LEU A 31 -2.58 -1.73 2.75
CA LEU A 31 -1.63 -2.39 3.62
C LEU A 31 -2.26 -2.61 4.99
N GLN A 32 -2.86 -1.54 5.52
CA GLN A 32 -3.51 -1.62 6.81
C GLN A 32 -4.75 -2.51 6.74
N LYS A 33 -5.16 -2.79 5.51
CA LYS A 33 -6.33 -3.63 5.29
C LYS A 33 -5.93 -5.10 5.42
N GLU A 34 -4.69 -5.37 5.04
CA GLU A 34 -4.17 -6.73 5.10
C GLU A 34 -3.52 -6.99 6.47
N VAL A 35 -3.13 -5.90 7.11
CA VAL A 35 -2.48 -5.99 8.41
C VAL A 35 -3.56 -6.20 9.48
N ASP A 36 -4.69 -5.55 9.28
CA ASP A 36 -5.79 -5.66 10.21
C ASP A 36 -6.22 -7.12 10.34
N GLN A 37 -6.04 -7.85 9.24
CA GLN A 37 -6.40 -9.25 9.20
C GLN A 37 -5.14 -10.12 9.28
N ARG A 38 -4.02 -9.53 8.87
CA ARG A 38 -2.75 -10.23 8.89
C ARG A 38 -2.64 -11.10 10.14
N GLU A 39 -2.96 -10.49 11.27
CA GLU A 39 -2.91 -11.20 12.54
C GLU A 39 -4.23 -11.91 12.82
N ALA A 40 -5.28 -11.40 12.18
CA ALA A 40 -6.60 -11.97 12.36
C ALA A 40 -6.65 -13.33 11.67
N LEU A 41 -5.73 -13.54 10.75
CA LEU A 41 -5.65 -14.79 10.02
C LEU A 41 -5.47 -15.95 11.01
N LYS A 42 -4.44 -15.83 11.83
CA LYS A 42 -4.15 -16.85 12.82
C LYS A 42 -5.43 -17.17 13.60
N LYS A 43 -6.22 -16.13 13.85
CA LYS A 43 -7.46 -16.29 14.57
C LYS A 43 -8.51 -16.91 13.66
N MET A 44 -8.41 -16.57 12.38
CA MET A 44 -9.34 -17.09 11.39
C MET A 44 -9.16 -18.60 11.21
N LYS A 45 -8.12 -19.12 11.83
CA LYS A 45 -7.83 -20.54 11.74
C LYS A 45 -8.53 -21.27 12.90
N ASP A 46 -8.22 -20.83 14.11
CA ASP A 46 -8.81 -21.43 15.30
C ASP A 46 -10.32 -21.49 15.14
N VAL A 47 -10.88 -20.41 14.59
CA VAL A 47 -12.31 -20.32 14.38
C VAL A 47 -12.78 -21.59 13.65
N TYR A 48 -11.92 -22.08 12.77
CA TYR A 48 -12.24 -23.27 12.00
C TYR A 48 -11.77 -24.53 12.73
N GLU A 49 -10.66 -24.38 13.44
CA GLU A 49 -10.10 -25.50 14.19
C GLU A 49 -11.14 -26.07 15.16
N LYS A 50 -12.06 -25.20 15.56
CA LYS A 50 -13.10 -25.61 16.49
C LYS A 50 -14.47 -25.51 15.78
N THR A 51 -14.58 -24.51 14.93
CA THR A 51 -15.81 -24.31 14.19
C THR A 51 -15.51 -24.11 12.70
N PRO A 52 -15.07 -25.21 12.05
CA PRO A 52 -14.73 -25.17 10.63
C PRO A 52 -16.00 -25.14 9.78
N GLN A 53 -17.14 -25.15 10.46
CA GLN A 53 -18.43 -25.12 9.78
C GLN A 53 -18.67 -23.75 9.16
N MET A 54 -17.77 -22.82 9.47
CA MET A 54 -17.88 -21.47 8.95
C MET A 54 -16.73 -21.16 7.99
N GLY A 55 -15.82 -22.11 7.89
CA GLY A 55 -14.67 -21.95 7.00
C GLY A 55 -13.62 -23.03 7.28
N ASP A 56 -12.62 -23.08 6.41
CA ASP A 56 -11.55 -24.05 6.55
C ASP A 56 -10.22 -23.32 6.70
N PRO A 57 -9.34 -23.91 7.55
CA PRO A 57 -8.03 -23.32 7.80
C PRO A 57 -7.09 -23.55 6.61
N ALA A 58 -7.41 -24.58 5.83
CA ALA A 58 -6.61 -24.91 4.67
C ALA A 58 -6.77 -23.82 3.62
N SER A 59 -7.77 -22.98 3.83
CA SER A 59 -8.04 -21.89 2.91
C SER A 59 -7.49 -20.58 3.47
N LEU A 60 -6.74 -20.71 4.55
CA LEU A 60 -6.14 -19.55 5.19
C LEU A 60 -4.62 -19.62 5.05
N GLU A 61 -4.16 -20.70 4.45
CA GLU A 61 -2.74 -20.92 4.25
C GLU A 61 -2.23 -20.06 3.09
N PRO A 62 -2.98 -20.14 1.95
CA PRO A 62 -2.63 -19.38 0.77
C PRO A 62 -2.95 -17.90 0.93
N GLN A 63 -3.62 -17.60 2.04
CA GLN A 63 -4.02 -16.23 2.32
C GLN A 63 -3.04 -15.59 3.32
N ILE A 64 -2.52 -16.43 4.22
CA ILE A 64 -1.58 -15.97 5.22
C ILE A 64 -0.29 -15.52 4.52
N ALA A 65 0.37 -16.48 3.89
CA ALA A 65 1.60 -16.22 3.19
C ALA A 65 1.40 -15.05 2.22
N GLU A 66 0.13 -14.85 1.86
CA GLU A 66 -0.22 -13.77 0.95
C GLU A 66 -0.22 -12.42 1.67
N THR A 67 -0.70 -12.46 2.91
CA THR A 67 -0.75 -11.25 3.72
C THR A 67 0.63 -10.95 4.32
N LEU A 68 1.47 -11.97 4.33
CA LEU A 68 2.81 -11.82 4.86
C LEU A 68 3.77 -11.46 3.72
N SER A 69 3.42 -11.92 2.53
CA SER A 69 4.24 -11.66 1.36
C SER A 69 3.80 -10.37 0.69
N ASN A 70 2.56 -9.98 0.98
CA ASN A 70 2.00 -8.77 0.41
C ASN A 70 2.44 -7.56 1.24
N ILE A 71 2.20 -7.67 2.55
CA ILE A 71 2.57 -6.60 3.46
C ILE A 71 3.97 -6.10 3.13
N GLU A 72 4.77 -7.00 2.56
CA GLU A 72 6.13 -6.67 2.19
C GLU A 72 6.14 -5.81 0.92
N ARG A 73 5.56 -6.37 -0.13
CA ARG A 73 5.48 -5.67 -1.40
C ARG A 73 4.60 -4.44 -1.29
N LEU A 74 3.91 -4.35 -0.15
CA LEU A 74 3.01 -3.23 0.09
C LEU A 74 3.79 -2.11 0.77
N LYS A 75 4.21 -2.37 2.00
CA LYS A 75 4.95 -1.39 2.76
C LYS A 75 6.12 -0.85 1.91
N LEU A 76 6.81 -1.78 1.28
CA LEU A 76 7.93 -1.43 0.43
C LEU A 76 7.54 -0.25 -0.47
N GLU A 77 6.38 -0.39 -1.09
CA GLU A 77 5.88 0.65 -1.98
C GLU A 77 5.50 1.89 -1.17
N VAL A 78 5.05 1.66 0.05
CA VAL A 78 4.66 2.73 0.93
C VAL A 78 5.90 3.47 1.43
N GLN A 79 7.05 2.92 1.07
CA GLN A 79 8.32 3.51 1.47
C GLN A 79 8.89 4.35 0.33
N LYS A 80 9.11 3.69 -0.79
CA LYS A 80 9.66 4.37 -1.96
C LYS A 80 8.94 5.70 -2.17
N TYR A 81 7.61 5.64 -2.02
CA TYR A 81 6.80 6.84 -2.19
C TYR A 81 7.15 7.89 -1.13
N GLU A 82 6.98 7.50 0.13
CA GLU A 82 7.27 8.40 1.23
C GLU A 82 8.68 8.98 1.08
N ALA A 83 9.50 8.28 0.30
CA ALA A 83 10.86 8.71 0.07
C ALA A 83 10.95 9.46 -1.26
N TRP A 84 10.00 9.15 -2.13
CA TRP A 84 9.95 9.79 -3.44
C TRP A 84 9.57 11.25 -3.24
N LEU A 85 8.64 11.47 -2.33
CA LEU A 85 8.18 12.82 -2.03
C LEU A 85 9.37 13.77 -2.02
N ALA A 86 10.44 13.31 -1.37
CA ALA A 86 11.65 14.11 -1.27
C ALA A 86 12.42 14.02 -2.59
N GLU A 87 12.41 12.82 -3.16
CA GLU A 87 13.11 12.59 -4.41
C GLU A 87 12.46 13.40 -5.54
N ALA A 88 11.26 13.87 -5.27
CA ALA A 88 10.52 14.66 -6.24
C ALA A 88 10.63 16.14 -5.88
N GLU A 89 10.19 16.46 -4.68
CA GLU A 89 10.24 17.83 -4.19
C GLU A 89 11.61 18.43 -4.43
N SER A 90 12.63 17.58 -4.31
CA SER A 90 14.00 18.01 -4.51
C SER A 90 14.08 18.95 -5.72
N ARG A 91 13.27 18.64 -6.73
CA ARG A 91 13.24 19.44 -7.94
C ARG A 91 12.81 20.87 -7.62
N VAL A 92 11.78 20.98 -6.80
CA VAL A 92 11.26 22.28 -6.41
C VAL A 92 12.32 23.02 -5.61
N LEU A 93 12.68 22.43 -4.47
CA LEU A 93 13.68 23.03 -3.60
C LEU A 93 14.87 23.51 -4.45
N SER A 94 15.41 22.58 -5.22
CA SER A 94 16.54 22.89 -6.07
C SER A 94 16.31 24.22 -6.79
N ASN A 95 15.17 24.30 -7.45
CA ASN A 95 14.80 25.51 -8.18
C ASN A 95 14.45 26.61 -7.19
N ARG A 96 15.37 27.54 -7.02
CA ARG A 96 15.17 28.65 -6.12
C ARG A 96 15.46 29.97 -6.81
N GLY A 97 15.29 31.06 -6.07
CA GLY A 97 15.53 32.39 -6.61
C GLY A 97 15.40 33.45 -5.52
N ASP A 98 16.14 33.24 -4.45
CA ASP A 98 16.13 34.17 -3.33
C ASP A 98 16.13 35.61 -3.86
N GLY A 1 -7.37 6.15 -7.92
CA GLY A 1 -8.78 5.86 -8.18
C GLY A 1 -9.00 5.49 -9.65
N PRO A 2 -10.22 5.83 -10.15
CA PRO A 2 -10.58 5.54 -11.52
C PRO A 2 -9.89 6.52 -12.48
N HIS A 3 -9.13 7.43 -11.90
CA HIS A 3 -8.41 8.41 -12.69
C HIS A 3 -7.00 7.90 -13.00
N MET A 4 -6.35 8.58 -13.94
CA MET A 4 -5.01 8.20 -14.33
C MET A 4 -4.23 9.42 -14.84
N THR A 5 -2.91 9.29 -14.79
CA THR A 5 -2.04 10.37 -15.23
C THR A 5 -0.96 9.83 -16.17
N GLU A 6 -0.41 10.73 -16.97
CA GLU A 6 0.64 10.35 -17.91
C GLU A 6 1.94 10.09 -17.17
N ASP A 7 1.94 9.01 -16.40
CA ASP A 7 3.11 8.63 -15.62
C ASP A 7 3.68 9.87 -14.91
N PHE A 8 2.76 10.76 -14.55
CA PHE A 8 3.16 11.98 -13.87
C PHE A 8 4.47 12.53 -14.42
N SER A 9 4.69 12.27 -15.70
CA SER A 9 5.91 12.72 -16.36
C SER A 9 5.60 13.92 -17.26
N HIS A 10 4.37 14.41 -17.13
CA HIS A 10 3.94 15.54 -17.93
C HIS A 10 3.71 16.75 -17.02
N LEU A 11 3.90 16.52 -15.72
CA LEU A 11 3.71 17.58 -14.74
C LEU A 11 5.05 17.87 -14.05
N PRO A 12 5.10 19.05 -13.38
CA PRO A 12 6.31 19.46 -12.68
C PRO A 12 6.49 18.66 -11.39
N PRO A 13 7.67 18.88 -10.73
CA PRO A 13 7.97 18.19 -9.48
C PRO A 13 7.17 18.78 -8.32
N GLU A 14 6.37 19.78 -8.65
CA GLU A 14 5.55 20.44 -7.64
C GLU A 14 4.16 19.78 -7.57
N GLN A 15 3.71 19.30 -8.72
CA GLN A 15 2.41 18.65 -8.80
C GLN A 15 2.58 17.13 -8.75
N GLN A 16 3.80 16.69 -9.02
CA GLN A 16 4.11 15.27 -9.02
C GLN A 16 4.06 14.73 -7.58
N ARG A 17 4.41 15.59 -6.64
CA ARG A 17 4.41 15.21 -5.24
C ARG A 17 2.97 15.05 -4.74
N LYS A 18 2.04 15.65 -5.46
CA LYS A 18 0.64 15.59 -5.11
C LYS A 18 0.16 14.14 -5.23
N ARG A 19 0.56 13.50 -6.32
CA ARG A 19 0.18 12.12 -6.58
C ARG A 19 0.68 11.22 -5.44
N LEU A 20 1.99 11.10 -5.35
CA LEU A 20 2.60 10.29 -4.32
C LEU A 20 1.76 10.36 -3.05
N GLN A 21 1.75 11.55 -2.45
CA GLN A 21 0.99 11.76 -1.23
C GLN A 21 -0.36 11.05 -1.31
N GLN A 22 -1.10 11.39 -2.37
CA GLN A 22 -2.41 10.79 -2.58
C GLN A 22 -2.31 9.26 -2.52
N GLN A 23 -1.57 8.71 -3.46
CA GLN A 23 -1.39 7.28 -3.53
C GLN A 23 -0.79 6.75 -2.22
N LEU A 24 -0.23 7.67 -1.46
CA LEU A 24 0.37 7.31 -0.19
C LEU A 24 -0.71 6.88 0.80
N GLU A 25 -1.72 7.74 0.93
CA GLU A 25 -2.83 7.46 1.81
C GLU A 25 -3.61 6.23 1.34
N GLU A 26 -3.60 6.04 0.03
CA GLU A 26 -4.29 4.91 -0.57
C GLU A 26 -3.63 3.59 -0.14
N ARG A 27 -2.31 3.56 -0.28
CA ARG A 27 -1.55 2.38 0.08
C ARG A 27 -1.63 2.14 1.59
N SER A 28 -1.61 3.25 2.33
CA SER A 28 -1.66 3.17 3.79
C SER A 28 -3.09 2.88 4.23
N ARG A 29 -3.98 2.80 3.25
CA ARG A 29 -5.38 2.52 3.53
C ARG A 29 -5.68 1.03 3.31
N GLU A 30 -4.81 0.39 2.55
CA GLU A 30 -4.97 -1.02 2.26
C GLU A 30 -4.01 -1.85 3.11
N LEU A 31 -3.02 -1.17 3.67
CA LEU A 31 -2.04 -1.83 4.51
C LEU A 31 -2.67 -2.13 5.88
N GLN A 32 -3.24 -1.11 6.48
CA GLN A 32 -3.88 -1.25 7.77
C GLN A 32 -5.07 -2.20 7.67
N LYS A 33 -5.46 -2.49 6.44
CA LYS A 33 -6.58 -3.38 6.20
C LYS A 33 -6.08 -4.82 6.10
N GLU A 34 -4.88 -4.96 5.55
CA GLU A 34 -4.26 -6.26 5.39
C GLU A 34 -3.61 -6.70 6.71
N VAL A 35 -3.15 -5.71 7.46
CA VAL A 35 -2.50 -5.98 8.74
C VAL A 35 -3.56 -6.27 9.79
N ASP A 36 -4.69 -5.59 9.66
CA ASP A 36 -5.80 -5.77 10.59
C ASP A 36 -6.27 -7.22 10.53
N GLN A 37 -6.16 -7.80 9.35
CA GLN A 37 -6.57 -9.19 9.16
C GLN A 37 -5.35 -10.10 9.10
N ARG A 38 -4.22 -9.51 8.76
CA ARG A 38 -2.98 -10.26 8.67
C ARG A 38 -2.91 -11.30 9.79
N GLU A 39 -3.12 -10.83 11.01
CA GLU A 39 -3.07 -11.70 12.17
C GLU A 39 -4.42 -12.42 12.34
N ALA A 40 -5.46 -11.80 11.80
CA ALA A 40 -6.79 -12.36 11.90
C ALA A 40 -6.86 -13.63 11.05
N LEU A 41 -5.96 -13.71 10.08
CA LEU A 41 -5.91 -14.86 9.19
C LEU A 41 -5.72 -16.13 10.02
N LYS A 42 -4.68 -16.11 10.85
CA LYS A 42 -4.37 -17.24 11.70
C LYS A 42 -5.62 -17.61 12.52
N LYS A 43 -6.41 -16.59 12.83
CA LYS A 43 -7.62 -16.79 13.60
C LYS A 43 -8.67 -17.49 12.73
N MET A 44 -8.69 -17.10 11.46
CA MET A 44 -9.64 -17.69 10.52
C MET A 44 -9.39 -19.19 10.36
N LYS A 45 -8.26 -19.64 10.89
CA LYS A 45 -7.89 -21.04 10.82
C LYS A 45 -8.47 -21.78 12.03
N ASP A 46 -8.14 -21.27 13.20
CA ASP A 46 -8.61 -21.86 14.43
C ASP A 46 -10.13 -22.03 14.37
N VAL A 47 -10.78 -21.02 13.82
CA VAL A 47 -12.23 -21.03 13.68
C VAL A 47 -12.65 -22.32 12.96
N TYR A 48 -11.79 -22.76 12.04
CA TYR A 48 -12.06 -23.96 11.28
C TYR A 48 -11.45 -25.19 11.96
N GLU A 49 -10.44 -24.93 12.79
CA GLU A 49 -9.76 -26.01 13.50
C GLU A 49 -10.71 -26.62 14.53
N LYS A 50 -11.66 -25.83 14.98
CA LYS A 50 -12.62 -26.28 15.97
C LYS A 50 -14.01 -26.30 15.33
N THR A 51 -14.26 -25.32 14.49
CA THR A 51 -15.54 -25.22 13.82
C THR A 51 -15.34 -25.07 12.31
N PRO A 52 -15.26 -26.25 11.63
CA PRO A 52 -15.07 -26.26 10.18
C PRO A 52 -16.37 -25.89 9.45
N GLN A 53 -17.40 -25.62 10.25
CA GLN A 53 -18.69 -25.25 9.69
C GLN A 53 -18.68 -23.80 9.23
N MET A 54 -17.58 -23.12 9.56
CA MET A 54 -17.43 -21.73 9.18
C MET A 54 -16.79 -21.59 7.80
N GLY A 55 -15.66 -22.28 7.63
CA GLY A 55 -14.95 -22.25 6.37
C GLY A 55 -13.87 -23.33 6.33
N ASP A 56 -12.80 -23.05 5.60
CA ASP A 56 -11.70 -23.99 5.46
C ASP A 56 -10.38 -23.24 5.64
N PRO A 57 -9.44 -23.91 6.35
CA PRO A 57 -8.13 -23.32 6.60
C PRO A 57 -7.26 -23.39 5.34
N ALA A 58 -7.56 -24.35 4.49
CA ALA A 58 -6.82 -24.52 3.25
C ALA A 58 -7.07 -23.32 2.34
N SER A 59 -8.08 -22.54 2.71
CA SER A 59 -8.44 -21.36 1.94
C SER A 59 -7.85 -20.11 2.59
N LEU A 60 -7.02 -20.33 3.60
CA LEU A 60 -6.40 -19.25 4.32
C LEU A 60 -4.88 -19.31 4.13
N GLU A 61 -4.46 -20.32 3.38
CA GLU A 61 -3.05 -20.51 3.11
C GLU A 61 -2.59 -19.56 2.00
N PRO A 62 -3.38 -19.54 0.89
CA PRO A 62 -3.07 -18.68 -0.24
C PRO A 62 -3.41 -17.22 0.07
N GLN A 63 -4.04 -17.02 1.21
CA GLN A 63 -4.43 -15.68 1.62
C GLN A 63 -3.43 -15.14 2.64
N ILE A 64 -2.91 -16.05 3.47
CA ILE A 64 -1.94 -15.68 4.48
C ILE A 64 -0.67 -15.17 3.80
N ALA A 65 -0.04 -16.07 3.06
CA ALA A 65 1.19 -15.73 2.35
C ALA A 65 0.95 -14.49 1.48
N GLU A 66 -0.32 -14.25 1.18
CA GLU A 66 -0.69 -13.11 0.37
C GLU A 66 -0.67 -11.83 1.21
N THR A 67 -1.11 -11.95 2.45
CA THR A 67 -1.14 -10.83 3.36
C THR A 67 0.25 -10.57 3.94
N LEU A 68 1.09 -11.60 3.85
CA LEU A 68 2.45 -11.49 4.35
C LEU A 68 3.38 -11.03 3.23
N SER A 69 2.99 -11.35 2.01
CA SER A 69 3.78 -10.98 0.84
C SER A 69 3.26 -9.66 0.26
N ASN A 70 2.14 -9.21 0.82
CA ASN A 70 1.54 -7.97 0.37
C ASN A 70 1.91 -6.84 1.34
N ILE A 71 2.06 -7.21 2.60
CA ILE A 71 2.41 -6.26 3.64
C ILE A 71 3.83 -5.74 3.38
N GLU A 72 4.61 -6.57 2.71
CA GLU A 72 5.99 -6.21 2.39
C GLU A 72 6.02 -5.23 1.21
N ARG A 73 4.97 -5.26 0.43
CA ARG A 73 4.87 -4.38 -0.73
C ARG A 73 4.06 -3.13 -0.38
N LEU A 74 3.16 -3.30 0.59
CA LEU A 74 2.31 -2.20 1.02
C LEU A 74 3.18 -1.13 1.67
N LYS A 75 3.68 -1.43 2.85
CA LYS A 75 4.52 -0.51 3.59
C LYS A 75 5.61 0.01 2.66
N LEU A 76 6.25 -0.93 1.97
CA LEU A 76 7.32 -0.58 1.04
C LEU A 76 6.83 0.51 0.09
N GLU A 77 5.67 0.27 -0.50
CA GLU A 77 5.09 1.22 -1.43
C GLU A 77 4.71 2.51 -0.71
N VAL A 78 4.36 2.36 0.56
CA VAL A 78 3.97 3.49 1.38
C VAL A 78 5.23 4.23 1.84
N GLN A 79 6.37 3.65 1.51
CA GLN A 79 7.65 4.24 1.88
C GLN A 79 8.23 5.03 0.71
N LYS A 80 8.43 4.32 -0.39
CA LYS A 80 8.99 4.92 -1.58
C LYS A 80 8.38 6.32 -1.78
N TYR A 81 7.06 6.37 -1.64
CA TYR A 81 6.34 7.62 -1.79
C TYR A 81 6.81 8.65 -0.76
N GLU A 82 6.64 8.30 0.51
CA GLU A 82 7.04 9.17 1.60
C GLU A 82 8.51 9.57 1.44
N ALA A 83 9.22 8.79 0.65
CA ALA A 83 10.63 9.06 0.40
C ALA A 83 10.79 9.80 -0.93
N TRP A 84 9.77 9.66 -1.77
CA TRP A 84 9.78 10.30 -3.07
C TRP A 84 9.51 11.79 -2.86
N LEU A 85 8.59 12.07 -1.95
CA LEU A 85 8.23 13.45 -1.64
C LEU A 85 9.50 14.32 -1.68
N ALA A 86 10.55 13.79 -1.09
CA ALA A 86 11.83 14.50 -1.04
C ALA A 86 12.55 14.32 -2.37
N GLU A 87 12.50 13.11 -2.88
CA GLU A 87 13.14 12.80 -4.15
C GLU A 87 12.53 13.63 -5.27
N ALA A 88 11.38 14.21 -4.98
CA ALA A 88 10.69 15.04 -5.96
C ALA A 88 10.86 16.52 -5.57
N GLU A 89 10.21 16.88 -4.48
CA GLU A 89 10.29 18.26 -3.99
C GLU A 89 11.70 18.81 -4.19
N SER A 90 12.68 17.98 -3.87
CA SER A 90 14.07 18.37 -4.00
C SER A 90 14.27 19.16 -5.30
N ARG A 91 13.77 18.60 -6.39
CA ARG A 91 13.88 19.23 -7.69
C ARG A 91 13.27 20.63 -7.64
N VAL A 92 12.13 20.74 -6.97
CA VAL A 92 11.44 22.00 -6.84
C VAL A 92 12.34 23.01 -6.14
N LEU A 93 12.63 22.73 -4.88
CA LEU A 93 13.48 23.59 -4.09
C LEU A 93 14.74 23.92 -4.87
N SER A 94 15.17 22.96 -5.67
CA SER A 94 16.37 23.12 -6.49
C SER A 94 15.98 23.67 -7.87
N ASN A 95 14.96 24.51 -7.88
CA ASN A 95 14.49 25.10 -9.12
C ASN A 95 13.87 26.47 -8.82
N ARG A 96 14.41 27.48 -9.50
CA ARG A 96 13.93 28.84 -9.32
C ARG A 96 13.87 29.56 -10.66
N GLY A 97 13.48 30.82 -10.61
CA GLY A 97 13.38 31.64 -11.81
C GLY A 97 14.36 32.81 -11.77
N ASP A 98 15.46 32.65 -12.49
CA ASP A 98 16.48 33.68 -12.53
C ASP A 98 15.95 34.89 -13.31
N GLY A 1 -6.46 3.60 -7.60
CA GLY A 1 -7.76 3.36 -8.19
C GLY A 1 -7.84 3.94 -9.61
N PRO A 2 -9.09 4.15 -10.07
CA PRO A 2 -9.32 4.70 -11.40
C PRO A 2 -9.02 6.19 -11.44
N HIS A 3 -9.02 6.78 -10.25
CA HIS A 3 -8.75 8.21 -10.13
C HIS A 3 -7.25 8.47 -10.29
N MET A 4 -6.46 7.60 -9.68
CA MET A 4 -5.02 7.71 -9.75
C MET A 4 -4.57 8.12 -11.16
N THR A 5 -3.51 8.92 -11.20
CA THR A 5 -2.97 9.38 -12.46
C THR A 5 -2.39 8.20 -13.26
N GLU A 6 -1.66 8.55 -14.31
CA GLU A 6 -1.05 7.54 -15.16
C GLU A 6 0.43 7.86 -15.38
N ASP A 7 0.67 8.84 -16.25
CA ASP A 7 2.03 9.25 -16.56
C ASP A 7 2.32 10.58 -15.87
N PHE A 8 3.35 10.58 -15.05
CA PHE A 8 3.75 11.78 -14.33
C PHE A 8 5.13 12.25 -14.78
N SER A 9 5.58 11.70 -15.90
CA SER A 9 6.89 12.06 -16.43
C SER A 9 6.74 13.20 -17.44
N HIS A 10 5.51 13.71 -17.54
CA HIS A 10 5.23 14.80 -18.46
C HIS A 10 4.67 15.99 -17.68
N LEU A 11 4.80 15.91 -16.36
CA LEU A 11 4.31 16.97 -15.50
C LEU A 11 5.42 17.35 -14.51
N PRO A 12 5.24 18.56 -13.90
CA PRO A 12 6.21 19.06 -12.94
C PRO A 12 6.10 18.33 -11.61
N PRO A 13 7.05 18.64 -10.69
CA PRO A 13 7.07 18.02 -9.38
C PRO A 13 5.97 18.60 -8.48
N GLU A 14 5.30 19.62 -9.01
CA GLU A 14 4.23 20.28 -8.27
C GLU A 14 2.94 19.46 -8.38
N GLN A 15 2.74 18.88 -9.55
CA GLN A 15 1.56 18.08 -9.80
C GLN A 15 1.88 16.59 -9.63
N GLN A 16 3.17 16.30 -9.58
CA GLN A 16 3.62 14.93 -9.43
C GLN A 16 3.69 14.56 -7.95
N ARG A 17 4.28 15.46 -7.18
CA ARG A 17 4.42 15.23 -5.75
C ARG A 17 3.05 15.07 -5.10
N LYS A 18 2.04 15.59 -5.78
CA LYS A 18 0.68 15.50 -5.29
C LYS A 18 0.25 14.03 -5.24
N ARG A 19 0.62 13.30 -6.28
CA ARG A 19 0.28 11.89 -6.37
C ARG A 19 0.80 11.14 -5.14
N LEU A 20 2.11 11.21 -4.95
CA LEU A 20 2.73 10.56 -3.82
C LEU A 20 1.81 10.64 -2.60
N GLN A 21 1.71 11.84 -2.05
CA GLN A 21 0.87 12.07 -0.90
C GLN A 21 -0.42 11.26 -1.01
N GLN A 22 -1.14 11.50 -2.09
CA GLN A 22 -2.40 10.79 -2.33
C GLN A 22 -2.21 9.29 -2.11
N GLN A 23 -1.37 8.70 -2.95
CA GLN A 23 -1.10 7.28 -2.85
C GLN A 23 -0.48 6.94 -1.49
N LEU A 24 -0.02 7.98 -0.81
CA LEU A 24 0.58 7.81 0.50
C LEU A 24 -0.51 7.49 1.53
N GLU A 25 -1.64 8.16 1.35
CA GLU A 25 -2.77 7.97 2.25
C GLU A 25 -3.67 6.84 1.74
N GLU A 26 -3.34 6.36 0.55
CA GLU A 26 -4.11 5.29 -0.05
C GLU A 26 -3.44 3.94 0.21
N ARG A 27 -2.12 3.93 0.08
CA ARG A 27 -1.36 2.72 0.32
C ARG A 27 -1.39 2.34 1.80
N SER A 28 -1.31 3.36 2.63
CA SER A 28 -1.33 3.16 4.07
C SER A 28 -2.76 2.85 4.54
N ARG A 29 -3.68 2.93 3.59
CA ARG A 29 -5.08 2.67 3.89
C ARG A 29 -5.40 1.18 3.70
N GLU A 30 -4.67 0.57 2.77
CA GLU A 30 -4.86 -0.84 2.49
C GLU A 30 -3.81 -1.68 3.22
N LEU A 31 -2.73 -1.03 3.60
CA LEU A 31 -1.66 -1.70 4.32
C LEU A 31 -2.17 -2.15 5.69
N GLN A 32 -2.52 -1.17 6.50
CA GLN A 32 -3.01 -1.44 7.84
C GLN A 32 -4.07 -2.55 7.79
N LYS A 33 -4.71 -2.67 6.64
CA LYS A 33 -5.74 -3.67 6.45
C LYS A 33 -5.09 -5.05 6.36
N GLU A 34 -4.25 -5.21 5.34
CA GLU A 34 -3.55 -6.46 5.13
C GLU A 34 -2.87 -6.92 6.42
N VAL A 35 -2.27 -5.96 7.11
CA VAL A 35 -1.58 -6.24 8.35
C VAL A 35 -2.61 -6.47 9.46
N ASP A 36 -3.69 -5.70 9.38
CA ASP A 36 -4.76 -5.79 10.36
C ASP A 36 -5.30 -7.22 10.38
N GLN A 37 -5.45 -7.77 9.18
CA GLN A 37 -5.96 -9.12 9.04
C GLN A 37 -4.80 -10.12 8.98
N ARG A 38 -3.65 -9.62 8.60
CA ARG A 38 -2.45 -10.45 8.51
C ARG A 38 -2.41 -11.45 9.67
N GLU A 39 -2.51 -10.91 10.87
CA GLU A 39 -2.49 -11.74 12.07
C GLU A 39 -3.87 -12.36 12.31
N ALA A 40 -4.88 -11.71 11.75
CA ALA A 40 -6.24 -12.19 11.91
C ALA A 40 -6.41 -13.50 11.11
N LEU A 41 -5.56 -13.66 10.11
CA LEU A 41 -5.60 -14.84 9.27
C LEU A 41 -5.46 -16.09 10.16
N LYS A 42 -4.42 -16.09 10.97
CA LYS A 42 -4.17 -17.20 11.86
C LYS A 42 -5.43 -17.49 12.69
N LYS A 43 -6.19 -16.43 12.93
CA LYS A 43 -7.42 -16.55 13.70
C LYS A 43 -8.54 -17.04 12.78
N MET A 44 -8.45 -16.65 11.52
CA MET A 44 -9.44 -17.05 10.54
C MET A 44 -9.35 -18.55 10.24
N LYS A 45 -8.33 -19.17 10.79
CA LYS A 45 -8.11 -20.60 10.60
C LYS A 45 -8.82 -21.37 11.71
N ASP A 46 -8.47 -21.03 12.94
CA ASP A 46 -9.07 -21.69 14.09
C ASP A 46 -10.59 -21.67 13.95
N VAL A 47 -11.09 -20.53 13.50
CA VAL A 47 -12.52 -20.38 13.33
C VAL A 47 -13.07 -21.55 12.51
N TYR A 48 -12.25 -22.01 11.57
CA TYR A 48 -12.63 -23.12 10.72
C TYR A 48 -12.21 -24.45 11.35
N GLU A 49 -11.10 -24.41 12.06
CA GLU A 49 -10.59 -25.61 12.71
C GLU A 49 -11.63 -26.20 13.65
N LYS A 50 -12.49 -25.32 14.15
CA LYS A 50 -13.54 -25.74 15.06
C LYS A 50 -14.89 -25.54 14.39
N THR A 51 -14.98 -24.48 13.60
CA THR A 51 -16.21 -24.16 12.91
C THR A 51 -15.93 -23.86 11.43
N PRO A 52 -15.53 -24.94 10.70
CA PRO A 52 -15.23 -24.80 9.28
C PRO A 52 -16.51 -24.65 8.46
N GLN A 53 -17.64 -24.65 9.16
CA GLN A 53 -18.93 -24.52 8.51
C GLN A 53 -19.13 -23.09 8.00
N MET A 54 -18.16 -22.24 8.33
CA MET A 54 -18.22 -20.85 7.91
C MET A 54 -17.06 -20.51 6.97
N GLY A 55 -16.19 -21.49 6.77
CA GLY A 55 -15.05 -21.31 5.89
C GLY A 55 -14.06 -22.47 6.04
N ASP A 56 -13.02 -22.42 5.21
CA ASP A 56 -12.01 -23.45 5.23
C ASP A 56 -10.64 -22.82 5.42
N PRO A 57 -9.78 -23.51 6.21
CA PRO A 57 -8.43 -23.01 6.48
C PRO A 57 -7.53 -23.21 5.26
N ALA A 58 -7.87 -24.19 4.45
CA ALA A 58 -7.10 -24.49 3.25
C ALA A 58 -7.19 -23.32 2.29
N SER A 59 -8.17 -22.45 2.56
CA SER A 59 -8.38 -21.28 1.72
C SER A 59 -7.76 -20.05 2.39
N LEU A 60 -7.01 -20.30 3.45
CA LEU A 60 -6.36 -19.23 4.18
C LEU A 60 -4.84 -19.36 4.04
N GLU A 61 -4.44 -20.42 3.36
CA GLU A 61 -3.03 -20.68 3.14
C GLU A 61 -2.48 -19.78 2.05
N PRO A 62 -3.23 -19.74 0.91
CA PRO A 62 -2.83 -18.93 -0.22
C PRO A 62 -3.09 -17.44 0.04
N GLN A 63 -3.75 -17.19 1.16
CA GLN A 63 -4.08 -15.82 1.54
C GLN A 63 -3.06 -15.30 2.56
N ILE A 64 -2.60 -16.21 3.41
CA ILE A 64 -1.62 -15.85 4.42
C ILE A 64 -0.35 -15.35 3.74
N ALA A 65 0.31 -16.25 3.03
CA ALA A 65 1.54 -15.92 2.33
C ALA A 65 1.27 -14.75 1.38
N GLU A 66 0.00 -14.54 1.09
CA GLU A 66 -0.40 -13.46 0.20
C GLU A 66 -0.39 -12.13 0.94
N THR A 67 -0.79 -12.19 2.21
CA THR A 67 -0.82 -11.00 3.04
C THR A 67 0.59 -10.50 3.33
N LEU A 68 1.46 -11.45 3.65
CA LEU A 68 2.84 -11.13 3.95
C LEU A 68 3.48 -10.45 2.74
N SER A 69 3.29 -11.08 1.58
CA SER A 69 3.84 -10.56 0.35
C SER A 69 3.11 -9.28 -0.05
N ASN A 70 1.90 -9.14 0.48
CA ASN A 70 1.08 -7.97 0.18
C ASN A 70 1.37 -6.88 1.22
N ILE A 71 2.03 -7.29 2.30
CA ILE A 71 2.37 -6.37 3.37
C ILE A 71 3.70 -5.70 3.05
N GLU A 72 4.54 -6.43 2.32
CA GLU A 72 5.85 -5.92 1.95
C GLU A 72 5.74 -5.08 0.67
N ARG A 73 4.64 -5.28 -0.04
CA ARG A 73 4.41 -4.55 -1.28
C ARG A 73 3.62 -3.28 -1.01
N LEU A 74 3.17 -3.15 0.23
CA LEU A 74 2.40 -1.98 0.64
C LEU A 74 3.34 -0.97 1.31
N LYS A 75 3.79 -1.33 2.50
CA LYS A 75 4.69 -0.48 3.25
C LYS A 75 5.77 0.06 2.32
N LEU A 76 6.43 -0.87 1.63
CA LEU A 76 7.49 -0.50 0.71
C LEU A 76 7.03 0.67 -0.15
N GLU A 77 5.86 0.51 -0.76
CA GLU A 77 5.30 1.55 -1.61
C GLU A 77 4.93 2.77 -0.77
N VAL A 78 4.62 2.51 0.50
CA VAL A 78 4.24 3.58 1.40
C VAL A 78 5.50 4.32 1.86
N GLN A 79 6.64 3.80 1.44
CA GLN A 79 7.92 4.39 1.80
C GLN A 79 8.43 5.27 0.65
N LYS A 80 8.61 4.63 -0.50
CA LYS A 80 9.10 5.33 -1.67
C LYS A 80 8.42 6.71 -1.76
N TYR A 81 7.13 6.71 -1.50
CA TYR A 81 6.36 7.94 -1.55
C TYR A 81 6.86 8.94 -0.50
N GLU A 82 6.79 8.52 0.76
CA GLU A 82 7.22 9.36 1.85
C GLU A 82 8.67 9.83 1.62
N ALA A 83 9.35 9.10 0.75
CA ALA A 83 10.73 9.43 0.43
C ALA A 83 10.78 10.22 -0.87
N TRP A 84 9.71 10.07 -1.65
CA TRP A 84 9.62 10.77 -2.92
C TRP A 84 9.35 12.25 -2.64
N LEU A 85 8.47 12.48 -1.68
CA LEU A 85 8.13 13.84 -1.30
C LEU A 85 9.39 14.71 -1.29
N ALA A 86 10.45 14.14 -0.74
CA ALA A 86 11.72 14.85 -0.66
C ALA A 86 12.41 14.78 -2.02
N GLU A 87 12.30 13.62 -2.66
CA GLU A 87 12.91 13.41 -3.96
C GLU A 87 12.26 14.33 -5.00
N ALA A 88 11.12 14.89 -4.62
CA ALA A 88 10.40 15.79 -5.51
C ALA A 88 10.60 17.23 -5.04
N GLU A 89 10.07 17.51 -3.86
CA GLU A 89 10.18 18.85 -3.29
C GLU A 89 11.57 19.44 -3.59
N SER A 90 12.59 18.72 -3.16
CA SER A 90 13.96 19.15 -3.37
C SER A 90 14.12 19.67 -4.81
N ARG A 91 13.65 18.88 -5.76
CA ARG A 91 13.73 19.25 -7.15
C ARG A 91 13.04 20.59 -7.39
N VAL A 92 11.87 20.75 -6.79
CA VAL A 92 11.10 21.98 -6.92
C VAL A 92 11.98 23.15 -6.50
N LEU A 93 12.17 23.27 -5.19
CA LEU A 93 12.97 24.34 -4.65
C LEU A 93 14.25 24.52 -5.49
N SER A 94 15.00 23.43 -5.59
CA SER A 94 16.23 23.44 -6.36
C SER A 94 16.04 24.25 -7.64
N ASN A 95 15.33 23.65 -8.58
CA ASN A 95 15.07 24.31 -9.85
C ASN A 95 14.63 25.75 -9.60
N ARG A 96 15.59 26.66 -9.73
CA ARG A 96 15.32 28.07 -9.51
C ARG A 96 14.72 28.69 -10.77
N GLY A 97 13.65 29.44 -10.56
CA GLY A 97 12.96 30.09 -11.67
C GLY A 97 12.82 31.59 -11.41
N ASP A 98 13.74 32.12 -10.62
CA ASP A 98 13.72 33.53 -10.29
C ASP A 98 13.71 34.35 -11.58
N GLY A 1 -8.48 15.11 -11.98
CA GLY A 1 -8.30 14.55 -13.30
C GLY A 1 -9.48 13.68 -13.72
N PRO A 2 -9.43 13.18 -14.98
CA PRO A 2 -10.50 12.34 -15.50
C PRO A 2 -10.42 10.94 -14.90
N HIS A 3 -9.64 10.09 -15.54
CA HIS A 3 -9.48 8.72 -15.08
C HIS A 3 -8.24 8.63 -14.18
N MET A 4 -7.08 8.62 -14.81
CA MET A 4 -5.83 8.53 -14.08
C MET A 4 -4.63 8.55 -15.03
N THR A 5 -3.55 9.15 -14.56
CA THR A 5 -2.33 9.24 -15.36
C THR A 5 -1.53 7.94 -15.26
N GLU A 6 -0.39 7.94 -15.93
CA GLU A 6 0.48 6.76 -15.92
C GLU A 6 1.70 7.02 -15.05
N ASP A 7 2.36 8.13 -15.32
CA ASP A 7 3.55 8.51 -14.57
C ASP A 7 3.30 9.84 -13.85
N PHE A 8 3.90 9.96 -12.67
CA PHE A 8 3.76 11.16 -11.87
C PHE A 8 4.89 12.15 -12.16
N SER A 9 5.37 12.10 -13.38
CA SER A 9 6.46 12.99 -13.80
C SER A 9 5.98 13.89 -14.94
N HIS A 10 5.18 13.31 -15.82
CA HIS A 10 4.65 14.06 -16.95
C HIS A 10 4.09 15.39 -16.47
N LEU A 11 3.54 15.37 -15.26
CA LEU A 11 2.96 16.57 -14.68
C LEU A 11 4.09 17.44 -14.10
N PRO A 12 3.69 18.64 -13.63
CA PRO A 12 4.65 19.57 -13.05
C PRO A 12 5.06 19.13 -11.65
N PRO A 13 6.06 19.86 -11.10
CA PRO A 13 6.56 19.55 -9.76
C PRO A 13 5.59 20.01 -8.69
N GLU A 14 4.52 20.66 -9.14
CA GLU A 14 3.50 21.15 -8.23
C GLU A 14 2.53 20.03 -7.86
N GLN A 15 2.19 19.23 -8.86
CA GLN A 15 1.27 18.12 -8.64
C GLN A 15 2.05 16.86 -8.27
N GLN A 16 3.21 16.71 -8.90
CA GLN A 16 4.05 15.55 -8.65
C GLN A 16 4.09 15.24 -7.15
N ARG A 17 3.93 16.28 -6.36
CA ARG A 17 3.95 16.13 -4.92
C ARG A 17 2.54 15.81 -4.40
N LYS A 18 1.56 16.46 -5.01
CA LYS A 18 0.17 16.25 -4.62
C LYS A 18 -0.19 14.77 -4.82
N ARG A 19 0.40 14.19 -5.86
CA ARG A 19 0.15 12.79 -6.16
C ARG A 19 0.63 11.89 -5.01
N LEU A 20 1.91 12.07 -4.67
CA LEU A 20 2.50 11.29 -3.60
C LEU A 20 1.49 11.15 -2.46
N GLN A 21 1.23 12.26 -1.81
CA GLN A 21 0.28 12.27 -0.69
C GLN A 21 -0.92 11.39 -1.01
N GLN A 22 -1.68 11.81 -2.01
CA GLN A 22 -2.86 11.08 -2.43
C GLN A 22 -2.58 9.58 -2.44
N GLN A 23 -1.78 9.16 -3.42
CA GLN A 23 -1.42 7.76 -3.55
C GLN A 23 -1.01 7.20 -2.19
N LEU A 24 -0.55 8.08 -1.32
CA LEU A 24 -0.13 7.67 0.01
C LEU A 24 -1.35 7.24 0.82
N GLU A 25 -2.40 8.05 0.74
CA GLU A 25 -3.63 7.76 1.46
C GLU A 25 -4.32 6.53 0.85
N GLU A 26 -4.09 6.34 -0.44
CA GLU A 26 -4.68 5.21 -1.16
C GLU A 26 -3.98 3.91 -0.74
N ARG A 27 -2.67 3.89 -0.94
CA ARG A 27 -1.90 2.71 -0.60
C ARG A 27 -2.01 2.42 0.90
N SER A 28 -2.17 3.48 1.67
CA SER A 28 -2.29 3.34 3.11
C SER A 28 -3.71 2.90 3.48
N ARG A 29 -4.67 3.39 2.71
CA ARG A 29 -6.06 3.06 2.94
C ARG A 29 -6.32 1.59 2.58
N GLU A 30 -5.66 1.15 1.52
CA GLU A 30 -5.81 -0.22 1.07
C GLU A 30 -4.83 -1.13 1.81
N LEU A 31 -3.97 -0.51 2.59
CA LEU A 31 -2.98 -1.25 3.35
C LEU A 31 -3.57 -1.64 4.71
N GLN A 32 -4.29 -0.69 5.30
CA GLN A 32 -4.91 -0.92 6.59
C GLN A 32 -6.00 -1.98 6.47
N LYS A 33 -6.31 -2.32 5.24
CA LYS A 33 -7.34 -3.33 4.98
C LYS A 33 -6.66 -4.69 4.79
N GLU A 34 -5.35 -4.67 4.64
CA GLU A 34 -4.59 -5.88 4.45
C GLU A 34 -3.86 -6.25 5.75
N VAL A 35 -3.31 -5.24 6.40
CA VAL A 35 -2.59 -5.44 7.65
C VAL A 35 -3.59 -5.64 8.78
N ASP A 36 -4.82 -5.20 8.53
CA ASP A 36 -5.87 -5.33 9.53
C ASP A 36 -6.37 -6.77 9.55
N GLN A 37 -6.21 -7.45 8.42
CA GLN A 37 -6.63 -8.83 8.31
C GLN A 37 -5.42 -9.76 8.36
N ARG A 38 -4.28 -9.22 7.96
CA ARG A 38 -3.04 -9.98 7.94
C ARG A 38 -2.91 -10.80 9.23
N GLU A 39 -3.34 -10.19 10.32
CA GLU A 39 -3.28 -10.85 11.62
C GLU A 39 -4.51 -11.71 11.83
N ALA A 40 -5.59 -11.34 11.16
CA ALA A 40 -6.84 -12.07 11.27
C ALA A 40 -6.67 -13.45 10.66
N LEU A 41 -6.06 -13.47 9.48
CA LEU A 41 -5.83 -14.72 8.77
C LEU A 41 -5.42 -15.80 9.77
N LYS A 42 -4.30 -15.55 10.43
CA LYS A 42 -3.79 -16.49 11.42
C LYS A 42 -4.94 -16.95 12.31
N LYS A 43 -5.78 -16.00 12.68
CA LYS A 43 -6.92 -16.29 13.54
C LYS A 43 -7.89 -17.21 12.79
N MET A 44 -8.05 -16.93 11.51
CA MET A 44 -8.95 -17.71 10.67
C MET A 44 -8.50 -19.18 10.62
N LYS A 45 -7.28 -19.40 11.08
CA LYS A 45 -6.72 -20.74 11.09
C LYS A 45 -7.10 -21.44 12.40
N ASP A 46 -6.77 -20.78 13.50
CA ASP A 46 -7.07 -21.33 14.81
C ASP A 46 -8.55 -21.71 14.88
N VAL A 47 -9.37 -20.85 14.29
CA VAL A 47 -10.81 -21.09 14.28
C VAL A 47 -11.09 -22.48 13.71
N TYR A 48 -10.23 -22.89 12.78
CA TYR A 48 -10.37 -24.20 12.16
C TYR A 48 -9.54 -25.25 12.89
N GLU A 49 -8.52 -24.77 13.59
CA GLU A 49 -7.65 -25.65 14.34
C GLU A 49 -8.41 -26.29 15.51
N LYS A 50 -9.42 -25.57 15.97
CA LYS A 50 -10.23 -26.05 17.08
C LYS A 50 -11.66 -26.32 16.57
N THR A 51 -12.10 -25.48 15.65
CA THR A 51 -13.43 -25.63 15.09
C THR A 51 -13.36 -25.65 13.56
N PRO A 52 -13.14 -26.88 13.01
CA PRO A 52 -13.05 -27.04 11.57
C PRO A 52 -14.43 -26.97 10.93
N GLN A 53 -15.44 -26.76 11.77
CA GLN A 53 -16.80 -26.67 11.29
C GLN A 53 -17.08 -25.26 10.75
N MET A 54 -16.07 -24.41 10.86
CA MET A 54 -16.19 -23.05 10.38
C MET A 54 -15.76 -22.93 8.91
N GLY A 55 -14.58 -23.47 8.63
CA GLY A 55 -14.05 -23.43 7.28
C GLY A 55 -12.87 -24.39 7.14
N ASP A 56 -11.87 -23.93 6.39
CA ASP A 56 -10.68 -24.73 6.16
C ASP A 56 -9.45 -23.83 6.21
N PRO A 57 -8.42 -24.29 6.98
CA PRO A 57 -7.19 -23.53 7.12
C PRO A 57 -6.34 -23.63 5.85
N ALA A 58 -6.54 -24.71 5.12
CA ALA A 58 -5.81 -24.94 3.89
C ALA A 58 -6.18 -23.86 2.87
N SER A 59 -7.27 -23.17 3.17
CA SER A 59 -7.75 -22.11 2.29
C SER A 59 -7.29 -20.74 2.82
N LEU A 60 -6.50 -20.79 3.88
CA LEU A 60 -6.00 -19.57 4.49
C LEU A 60 -4.49 -19.45 4.23
N GLU A 61 -3.96 -20.48 3.59
CA GLU A 61 -2.55 -20.51 3.28
C GLU A 61 -2.25 -19.61 2.07
N PRO A 62 -3.08 -19.79 1.01
CA PRO A 62 -2.91 -19.01 -0.21
C PRO A 62 -3.42 -17.58 -0.01
N GLN A 63 -4.00 -17.35 1.15
CA GLN A 63 -4.54 -16.04 1.47
C GLN A 63 -3.55 -15.27 2.36
N ILE A 64 -2.84 -16.03 3.18
CA ILE A 64 -1.86 -15.44 4.08
C ILE A 64 -0.73 -14.82 3.25
N ALA A 65 0.08 -15.70 2.67
CA ALA A 65 1.20 -15.26 1.86
C ALA A 65 0.74 -14.17 0.89
N GLU A 66 -0.56 -14.21 0.59
CA GLU A 66 -1.14 -13.23 -0.31
C GLU A 66 -1.24 -11.87 0.37
N THR A 67 -1.63 -11.90 1.63
CA THR A 67 -1.77 -10.67 2.40
C THR A 67 -0.39 -10.13 2.80
N LEU A 68 0.44 -11.04 3.29
CA LEU A 68 1.78 -10.67 3.72
C LEU A 68 2.52 -10.02 2.54
N SER A 69 2.54 -10.73 1.43
CA SER A 69 3.20 -10.24 0.23
C SER A 69 2.51 -8.96 -0.26
N ASN A 70 1.25 -8.83 0.12
CA ASN A 70 0.47 -7.67 -0.27
C ASN A 70 0.74 -6.52 0.70
N ILE A 71 1.23 -6.89 1.88
CA ILE A 71 1.54 -5.90 2.91
C ILE A 71 2.88 -5.24 2.59
N GLU A 72 3.85 -6.09 2.29
CA GLU A 72 5.19 -5.61 1.97
C GLU A 72 5.16 -4.74 0.71
N ARG A 73 4.29 -5.13 -0.21
CA ARG A 73 4.15 -4.41 -1.47
C ARG A 73 3.27 -3.18 -1.26
N LEU A 74 2.70 -3.08 -0.08
CA LEU A 74 1.84 -1.97 0.26
C LEU A 74 2.64 -0.91 1.02
N LYS A 75 2.91 -1.22 2.28
CA LYS A 75 3.67 -0.31 3.12
C LYS A 75 4.82 0.30 2.31
N LEU A 76 5.46 -0.55 1.52
CA LEU A 76 6.56 -0.10 0.69
C LEU A 76 6.12 1.11 -0.14
N GLU A 77 5.00 0.93 -0.82
CA GLU A 77 4.46 2.00 -1.65
C GLU A 77 4.07 3.20 -0.79
N VAL A 78 3.65 2.90 0.43
CA VAL A 78 3.25 3.94 1.35
C VAL A 78 4.49 4.62 1.94
N GLN A 79 5.64 4.06 1.57
CA GLN A 79 6.91 4.60 2.05
C GLN A 79 7.54 5.49 0.97
N LYS A 80 7.76 4.89 -0.19
CA LYS A 80 8.36 5.62 -1.30
C LYS A 80 7.72 7.00 -1.39
N TYR A 81 6.41 7.02 -1.29
CA TYR A 81 5.67 8.27 -1.37
C TYR A 81 6.08 9.22 -0.23
N GLU A 82 5.94 8.73 0.99
CA GLU A 82 6.30 9.53 2.16
C GLU A 82 7.73 10.04 2.03
N ALA A 83 8.50 9.35 1.20
CA ALA A 83 9.89 9.72 0.99
C ALA A 83 10.00 10.54 -0.30
N TRP A 84 8.99 10.40 -1.14
CA TRP A 84 8.97 11.11 -2.40
C TRP A 84 8.63 12.57 -2.11
N LEU A 85 7.72 12.76 -1.16
CA LEU A 85 7.30 14.10 -0.78
C LEU A 85 8.52 15.02 -0.76
N ALA A 86 9.59 14.52 -0.18
CA ALA A 86 10.83 15.28 -0.08
C ALA A 86 11.55 15.23 -1.43
N GLU A 87 11.54 14.05 -2.02
CA GLU A 87 12.20 13.86 -3.31
C GLU A 87 11.55 14.73 -4.37
N ALA A 88 10.36 15.23 -4.05
CA ALA A 88 9.63 16.08 -4.97
C ALA A 88 9.71 17.53 -4.49
N GLU A 89 9.05 17.79 -3.36
CA GLU A 89 9.04 19.11 -2.79
C GLU A 89 10.44 19.74 -2.87
N SER A 90 11.42 18.98 -2.41
CA SER A 90 12.80 19.43 -2.42
C SER A 90 13.11 20.14 -3.74
N ARG A 91 12.83 19.43 -4.83
CA ARG A 91 13.07 19.97 -6.15
C ARG A 91 12.38 21.33 -6.31
N VAL A 92 11.23 21.44 -5.68
CA VAL A 92 10.46 22.67 -5.74
C VAL A 92 11.17 23.76 -4.92
N LEU A 93 11.38 23.46 -3.65
CA LEU A 93 12.06 24.38 -2.76
C LEU A 93 13.22 25.05 -3.51
N SER A 94 14.08 24.21 -4.06
CA SER A 94 15.23 24.70 -4.80
C SER A 94 15.87 23.56 -5.58
N ASN A 95 15.52 23.47 -6.85
CA ASN A 95 16.07 22.44 -7.72
C ASN A 95 17.60 22.52 -7.72
N ARG A 96 18.21 21.47 -8.23
CA ARG A 96 19.66 21.42 -8.29
C ARG A 96 20.17 22.19 -9.50
N GLY A 97 21.48 22.16 -9.69
CA GLY A 97 22.11 22.86 -10.80
C GLY A 97 23.62 22.71 -10.77
N ASP A 98 24.23 23.43 -9.83
CA ASP A 98 25.67 23.38 -9.67
C ASP A 98 26.11 21.95 -9.34
N GLY A 1 -9.59 18.49 -5.84
CA GLY A 1 -9.79 17.07 -6.12
C GLY A 1 -10.86 16.87 -7.18
N PRO A 2 -10.56 17.38 -8.41
CA PRO A 2 -11.49 17.25 -9.52
C PRO A 2 -11.48 15.83 -10.08
N HIS A 3 -10.44 15.53 -10.84
CA HIS A 3 -10.31 14.22 -11.44
C HIS A 3 -8.82 13.85 -11.56
N MET A 4 -8.58 12.65 -12.04
CA MET A 4 -7.21 12.17 -12.20
C MET A 4 -6.83 12.14 -13.68
N THR A 5 -5.53 12.30 -13.93
CA THR A 5 -5.02 12.29 -15.28
C THR A 5 -4.67 10.86 -15.71
N GLU A 6 -4.04 10.76 -16.87
CA GLU A 6 -3.64 9.47 -17.40
C GLU A 6 -2.15 9.22 -17.14
N ASP A 7 -1.33 10.10 -17.70
CA ASP A 7 0.11 9.98 -17.55
C ASP A 7 0.62 11.13 -16.67
N PHE A 8 1.50 10.79 -15.74
CA PHE A 8 2.06 11.78 -14.84
C PHE A 8 3.58 11.72 -14.85
N SER A 9 4.11 11.07 -15.87
CA SER A 9 5.56 10.93 -16.01
C SER A 9 6.10 12.05 -16.90
N HIS A 10 5.23 12.99 -17.22
CA HIS A 10 5.61 14.11 -18.06
C HIS A 10 5.46 15.42 -17.27
N LEU A 11 4.90 15.29 -16.08
CA LEU A 11 4.68 16.44 -15.23
C LEU A 11 6.00 16.81 -14.54
N PRO A 12 5.99 17.98 -13.86
CA PRO A 12 7.17 18.46 -13.16
C PRO A 12 7.39 17.67 -11.86
N PRO A 13 8.56 17.95 -11.21
CA PRO A 13 8.90 17.28 -9.97
C PRO A 13 8.07 17.83 -8.80
N GLU A 14 7.22 18.79 -9.13
CA GLU A 14 6.36 19.41 -8.12
C GLU A 14 4.98 18.75 -8.12
N GLN A 15 4.62 18.18 -9.27
CA GLN A 15 3.34 17.52 -9.41
C GLN A 15 3.50 16.01 -9.22
N GLN A 16 4.53 15.48 -9.86
CA GLN A 16 4.80 14.05 -9.78
C GLN A 16 4.63 13.56 -8.33
N ARG A 17 5.08 14.40 -7.41
CA ARG A 17 4.99 14.07 -6.00
C ARG A 17 3.55 14.26 -5.50
N LYS A 18 2.91 15.29 -6.03
CA LYS A 18 1.55 15.59 -5.66
C LYS A 18 0.67 14.35 -5.85
N ARG A 19 1.06 13.55 -6.82
CA ARG A 19 0.33 12.32 -7.12
C ARG A 19 0.66 11.24 -6.08
N LEU A 20 1.93 11.22 -5.68
CA LEU A 20 2.38 10.25 -4.71
C LEU A 20 1.50 10.33 -3.45
N GLN A 21 1.41 11.53 -2.90
CA GLN A 21 0.62 11.77 -1.72
C GLN A 21 -0.74 11.07 -1.85
N GLN A 22 -1.29 11.15 -3.06
CA GLN A 22 -2.58 10.54 -3.35
C GLN A 22 -2.45 9.01 -3.33
N GLN A 23 -1.53 8.52 -4.14
CA GLN A 23 -1.31 7.08 -4.23
C GLN A 23 -0.80 6.54 -2.90
N LEU A 24 -0.39 7.45 -2.03
CA LEU A 24 0.11 7.08 -0.73
C LEU A 24 -1.04 6.60 0.15
N GLU A 25 -2.02 7.48 0.32
CA GLU A 25 -3.19 7.16 1.13
C GLU A 25 -3.85 5.89 0.61
N GLU A 26 -3.69 5.64 -0.68
CA GLU A 26 -4.26 4.47 -1.31
C GLU A 26 -3.54 3.20 -0.84
N ARG A 27 -2.26 3.15 -1.14
CA ARG A 27 -1.45 2.00 -0.75
C ARG A 27 -1.67 1.67 0.73
N SER A 28 -1.81 2.73 1.51
CA SER A 28 -2.03 2.56 2.94
C SER A 28 -3.43 1.98 3.20
N ARG A 29 -4.40 2.57 2.53
CA ARG A 29 -5.78 2.13 2.67
C ARG A 29 -5.86 0.60 2.60
N GLU A 30 -4.99 0.03 1.77
CA GLU A 30 -4.95 -1.41 1.60
C GLU A 30 -3.98 -2.03 2.60
N LEU A 31 -2.91 -1.29 2.89
CA LEU A 31 -1.91 -1.76 3.83
C LEU A 31 -2.59 -2.15 5.14
N GLN A 32 -3.39 -1.23 5.66
CA GLN A 32 -4.09 -1.46 6.90
C GLN A 32 -5.08 -2.62 6.74
N LYS A 33 -5.56 -2.78 5.53
CA LYS A 33 -6.51 -3.85 5.23
C LYS A 33 -5.81 -5.20 5.39
N GLU A 34 -4.69 -5.34 4.69
CA GLU A 34 -3.92 -6.57 4.74
C GLU A 34 -3.37 -6.80 6.15
N VAL A 35 -2.94 -5.69 6.77
CA VAL A 35 -2.40 -5.76 8.11
C VAL A 35 -3.54 -5.92 9.11
N ASP A 36 -4.74 -5.56 8.67
CA ASP A 36 -5.91 -5.66 9.51
C ASP A 36 -6.36 -7.12 9.60
N GLN A 37 -6.01 -7.88 8.57
CA GLN A 37 -6.35 -9.28 8.52
C GLN A 37 -5.13 -10.15 8.80
N ARG A 38 -3.97 -9.58 8.54
CA ARG A 38 -2.71 -10.27 8.76
C ARG A 38 -2.72 -10.96 10.13
N GLU A 39 -3.33 -10.28 11.09
CA GLU A 39 -3.43 -10.82 12.44
C GLU A 39 -4.72 -11.62 12.61
N ALA A 40 -5.68 -11.31 11.76
CA ALA A 40 -6.97 -11.99 11.80
C ALA A 40 -6.83 -13.36 11.14
N LEU A 41 -5.78 -13.50 10.35
CA LEU A 41 -5.52 -14.76 9.66
C LEU A 41 -5.41 -15.89 10.68
N LYS A 42 -4.48 -15.71 11.60
CA LYS A 42 -4.26 -16.70 12.64
C LYS A 42 -5.60 -17.09 13.27
N LYS A 43 -6.48 -16.11 13.34
CA LYS A 43 -7.80 -16.34 13.92
C LYS A 43 -8.67 -17.07 12.90
N MET A 44 -8.49 -16.73 11.64
CA MET A 44 -9.24 -17.35 10.56
C MET A 44 -8.97 -18.85 10.50
N LYS A 45 -7.94 -19.26 11.23
CA LYS A 45 -7.57 -20.67 11.26
C LYS A 45 -8.29 -21.36 12.42
N ASP A 46 -8.08 -20.81 13.61
CA ASP A 46 -8.70 -21.37 14.80
C ASP A 46 -10.20 -21.53 14.57
N VAL A 47 -10.77 -20.53 13.90
CA VAL A 47 -12.19 -20.56 13.60
C VAL A 47 -12.55 -21.88 12.91
N TYR A 48 -11.62 -22.36 12.10
CA TYR A 48 -11.82 -23.60 11.38
C TYR A 48 -11.32 -24.79 12.21
N GLU A 49 -10.30 -24.54 13.01
CA GLU A 49 -9.73 -25.57 13.86
C GLU A 49 -10.80 -26.15 14.78
N LYS A 50 -11.78 -25.32 15.10
CA LYS A 50 -12.86 -25.73 15.98
C LYS A 50 -14.17 -25.75 15.19
N THR A 51 -14.27 -24.83 14.25
CA THR A 51 -15.46 -24.72 13.42
C THR A 51 -15.07 -24.61 11.95
N PRO A 52 -14.50 -25.72 11.41
CA PRO A 52 -14.07 -25.75 10.02
C PRO A 52 -15.28 -25.89 9.09
N GLN A 53 -16.46 -25.91 9.69
CA GLN A 53 -17.69 -26.04 8.93
C GLN A 53 -18.00 -24.73 8.21
N MET A 54 -17.16 -23.74 8.46
CA MET A 54 -17.34 -22.44 7.84
C MET A 54 -16.15 -22.09 6.94
N GLY A 55 -15.16 -22.98 6.96
CA GLY A 55 -13.97 -22.78 6.16
C GLY A 55 -12.87 -23.75 6.57
N ASP A 56 -11.81 -23.79 5.75
CA ASP A 56 -10.69 -24.67 6.02
C ASP A 56 -9.43 -23.84 6.23
N PRO A 57 -8.57 -24.29 7.19
CA PRO A 57 -7.33 -23.59 7.49
C PRO A 57 -6.29 -23.83 6.39
N ALA A 58 -6.45 -24.95 5.70
CA ALA A 58 -5.53 -25.30 4.63
C ALA A 58 -5.65 -24.27 3.50
N SER A 59 -6.72 -23.49 3.58
CA SER A 59 -6.96 -22.46 2.57
C SER A 59 -6.54 -21.10 3.12
N LEU A 60 -5.89 -21.12 4.27
CA LEU A 60 -5.44 -19.89 4.90
C LEU A 60 -3.91 -19.89 4.94
N GLU A 61 -3.33 -20.97 4.44
CA GLU A 61 -1.88 -21.10 4.42
C GLU A 61 -1.29 -20.26 3.28
N PRO A 62 -1.90 -20.41 2.08
CA PRO A 62 -1.45 -19.68 0.91
C PRO A 62 -1.88 -18.21 0.98
N GLN A 63 -2.65 -17.91 2.01
CA GLN A 63 -3.14 -16.55 2.21
C GLN A 63 -2.28 -15.82 3.25
N ILE A 64 -1.82 -16.59 4.22
CA ILE A 64 -0.98 -16.03 5.28
C ILE A 64 0.29 -15.44 4.66
N ALA A 65 1.04 -16.31 4.01
CA ALA A 65 2.28 -15.89 3.37
C ALA A 65 1.97 -14.82 2.32
N GLU A 66 0.70 -14.73 1.96
CA GLU A 66 0.27 -13.75 0.97
C GLU A 66 0.02 -12.40 1.64
N THR A 67 -0.47 -12.46 2.88
CA THR A 67 -0.75 -11.26 3.63
C THR A 67 0.56 -10.65 4.17
N LEU A 68 1.42 -11.53 4.67
CA LEU A 68 2.69 -11.09 5.22
C LEU A 68 3.53 -10.47 4.11
N SER A 69 3.54 -11.15 2.97
CA SER A 69 4.30 -10.67 1.83
C SER A 69 3.59 -9.46 1.19
N ASN A 70 2.30 -9.34 1.49
CA ASN A 70 1.52 -8.25 0.96
C ASN A 70 1.64 -7.04 1.89
N ILE A 71 2.12 -7.30 3.09
CA ILE A 71 2.30 -6.25 4.07
C ILE A 71 3.68 -5.60 3.88
N GLU A 72 4.68 -6.45 3.71
CA GLU A 72 6.03 -5.99 3.51
C GLU A 72 6.17 -5.28 2.16
N ARG A 73 5.26 -5.61 1.26
CA ARG A 73 5.26 -5.00 -0.06
C ARG A 73 4.43 -3.72 -0.06
N LEU A 74 3.33 -3.76 0.68
CA LEU A 74 2.44 -2.61 0.77
C LEU A 74 3.16 -1.49 1.53
N LYS A 75 3.47 -1.76 2.79
CA LYS A 75 4.14 -0.78 3.62
C LYS A 75 5.34 -0.21 2.85
N LEU A 76 6.05 -1.09 2.18
CA LEU A 76 7.22 -0.69 1.41
C LEU A 76 6.80 0.35 0.37
N GLU A 77 5.72 0.03 -0.34
CA GLU A 77 5.20 0.92 -1.37
C GLU A 77 4.80 2.26 -0.75
N VAL A 78 4.41 2.19 0.51
CA VAL A 78 4.00 3.39 1.23
C VAL A 78 5.21 4.01 1.93
N GLN A 79 6.32 3.31 1.82
CA GLN A 79 7.56 3.78 2.44
C GLN A 79 8.44 4.46 1.40
N LYS A 80 8.08 4.27 0.14
CA LYS A 80 8.84 4.87 -0.95
C LYS A 80 8.22 6.23 -1.29
N TYR A 81 6.90 6.27 -1.29
CA TYR A 81 6.19 7.50 -1.60
C TYR A 81 6.54 8.60 -0.59
N GLU A 82 6.25 8.32 0.67
CA GLU A 82 6.52 9.27 1.73
C GLU A 82 7.99 9.70 1.69
N ALA A 83 8.80 8.88 1.03
CA ALA A 83 10.22 9.17 0.91
C ALA A 83 10.49 9.81 -0.45
N TRP A 84 9.57 9.59 -1.38
CA TRP A 84 9.69 10.14 -2.72
C TRP A 84 9.40 11.64 -2.64
N LEU A 85 8.40 11.97 -1.84
CA LEU A 85 8.02 13.36 -1.68
C LEU A 85 9.27 14.23 -1.61
N ALA A 86 10.25 13.74 -0.87
CA ALA A 86 11.51 14.47 -0.73
C ALA A 86 12.38 14.22 -1.96
N GLU A 87 12.35 12.99 -2.43
CA GLU A 87 13.13 12.61 -3.60
C GLU A 87 12.65 13.37 -4.83
N ALA A 88 11.47 13.95 -4.69
CA ALA A 88 10.88 14.72 -5.79
C ALA A 88 11.01 16.21 -5.49
N GLU A 89 10.36 16.62 -4.39
CA GLU A 89 10.39 18.00 -3.98
C GLU A 89 11.78 18.61 -4.22
N SER A 90 12.79 17.86 -3.80
CA SER A 90 14.16 18.30 -3.95
C SER A 90 14.36 18.89 -5.36
N ARG A 91 13.92 18.14 -6.35
CA ARG A 91 14.04 18.58 -7.73
C ARG A 91 13.36 19.94 -7.92
N VAL A 92 12.25 20.10 -7.22
CA VAL A 92 11.49 21.35 -7.30
C VAL A 92 12.31 22.48 -6.69
N LEU A 93 12.67 22.30 -5.43
CA LEU A 93 13.45 23.30 -4.72
C LEU A 93 14.66 23.69 -5.58
N SER A 94 15.17 22.70 -6.30
CA SER A 94 16.32 22.92 -7.16
C SER A 94 15.94 23.82 -8.34
N ASN A 95 14.88 23.42 -9.01
CA ASN A 95 14.40 24.18 -10.16
C ASN A 95 13.73 25.47 -9.67
N ARG A 96 14.55 26.39 -9.20
CA ARG A 96 14.06 27.66 -8.70
C ARG A 96 12.75 27.45 -7.95
N GLY A 97 12.70 26.37 -7.19
CA GLY A 97 11.51 26.05 -6.41
C GLY A 97 11.48 26.84 -5.11
N ASP A 98 12.45 27.74 -4.97
CA ASP A 98 12.54 28.56 -3.77
C ASP A 98 12.39 30.03 -4.16
N GLY A 1 -17.74 7.96 -10.63
CA GLY A 1 -16.85 8.58 -9.66
C GLY A 1 -15.75 9.38 -10.35
N PRO A 2 -14.80 9.89 -9.53
CA PRO A 2 -13.69 10.66 -10.04
C PRO A 2 -12.66 9.77 -10.74
N HIS A 3 -11.69 10.41 -11.37
CA HIS A 3 -10.65 9.69 -12.07
C HIS A 3 -9.31 9.87 -11.34
N MET A 4 -8.27 9.33 -11.94
CA MET A 4 -6.94 9.44 -11.36
C MET A 4 -6.00 10.22 -12.27
N THR A 5 -4.81 10.49 -11.76
CA THR A 5 -3.81 11.23 -12.51
C THR A 5 -3.42 10.46 -13.77
N GLU A 6 -2.43 10.99 -14.47
CA GLU A 6 -1.95 10.36 -15.69
C GLU A 6 -0.43 10.15 -15.61
N ASP A 7 0.19 10.16 -16.78
CA ASP A 7 1.63 9.98 -16.87
C ASP A 7 2.32 10.99 -15.94
N PHE A 8 2.76 10.50 -14.80
CA PHE A 8 3.44 11.34 -13.83
C PHE A 8 4.96 11.13 -13.89
N SER A 9 5.39 10.44 -14.94
CA SER A 9 6.80 10.18 -15.12
C SER A 9 7.37 11.09 -16.20
N HIS A 10 6.65 12.18 -16.46
CA HIS A 10 7.06 13.14 -17.46
C HIS A 10 6.93 14.56 -16.91
N LEU A 11 6.67 14.63 -15.61
CA LEU A 11 6.51 15.91 -14.95
C LEU A 11 7.60 16.08 -13.89
N PRO A 12 7.77 17.34 -13.43
CA PRO A 12 8.77 17.65 -12.42
C PRO A 12 8.32 17.16 -11.04
N PRO A 13 9.27 17.26 -10.06
CA PRO A 13 8.98 16.83 -8.71
C PRO A 13 8.08 17.85 -7.99
N GLU A 14 7.72 18.89 -8.72
CA GLU A 14 6.87 19.94 -8.18
C GLU A 14 5.40 19.50 -8.22
N GLN A 15 4.99 19.05 -9.40
CA GLN A 15 3.61 18.61 -9.58
C GLN A 15 3.53 17.08 -9.47
N GLN A 16 4.69 16.47 -9.33
CA GLN A 16 4.76 15.02 -9.21
C GLN A 16 4.65 14.60 -7.75
N ARG A 17 5.21 15.42 -6.88
CA ARG A 17 5.18 15.15 -5.45
C ARG A 17 3.76 15.32 -4.92
N LYS A 18 2.88 15.79 -5.79
CA LYS A 18 1.49 16.00 -5.41
C LYS A 18 0.77 14.65 -5.39
N ARG A 19 1.01 13.87 -6.43
CA ARG A 19 0.39 12.55 -6.53
C ARG A 19 0.96 11.61 -5.47
N LEU A 20 2.24 11.79 -5.19
CA LEU A 20 2.92 10.95 -4.21
C LEU A 20 2.12 10.98 -2.91
N GLN A 21 2.15 12.11 -2.24
CA GLN A 21 1.44 12.27 -0.98
C GLN A 21 0.06 11.61 -1.07
N GLN A 22 -0.62 11.89 -2.17
CA GLN A 22 -1.95 11.33 -2.39
C GLN A 22 -1.90 9.80 -2.33
N GLN A 23 -1.37 9.23 -3.41
CA GLN A 23 -1.25 7.78 -3.51
C GLN A 23 -0.72 7.20 -2.20
N LEU A 24 0.02 8.04 -1.48
CA LEU A 24 0.60 7.63 -0.22
C LEU A 24 -0.52 7.19 0.74
N GLU A 25 -1.36 8.14 1.09
CA GLU A 25 -2.48 7.86 1.98
C GLU A 25 -3.28 6.66 1.47
N GLU A 26 -3.56 6.68 0.18
CA GLU A 26 -4.31 5.60 -0.44
C GLU A 26 -3.60 4.27 -0.24
N ARG A 27 -2.28 4.32 -0.33
CA ARG A 27 -1.48 3.12 -0.16
C ARG A 27 -1.54 2.64 1.29
N SER A 28 -1.77 3.60 2.19
CA SER A 28 -1.86 3.29 3.60
C SER A 28 -3.31 3.07 4.01
N ARG A 29 -4.20 3.33 3.05
CA ARG A 29 -5.62 3.17 3.29
C ARG A 29 -6.04 1.72 3.05
N GLU A 30 -5.31 1.06 2.16
CA GLU A 30 -5.59 -0.32 1.82
C GLU A 30 -4.64 -1.26 2.57
N LEU A 31 -3.55 -0.68 3.06
CA LEU A 31 -2.56 -1.45 3.79
C LEU A 31 -3.19 -1.96 5.09
N GLN A 32 -3.62 -1.02 5.92
CA GLN A 32 -4.24 -1.37 7.19
C GLN A 32 -5.32 -2.43 6.98
N LYS A 33 -5.87 -2.44 5.77
CA LYS A 33 -6.91 -3.39 5.43
C LYS A 33 -6.32 -4.81 5.42
N GLU A 34 -5.20 -4.94 4.74
CA GLU A 34 -4.53 -6.22 4.65
C GLU A 34 -3.94 -6.62 6.01
N VAL A 35 -3.35 -5.63 6.66
CA VAL A 35 -2.76 -5.87 7.97
C VAL A 35 -3.87 -6.04 9.02
N ASP A 36 -5.03 -5.49 8.70
CA ASP A 36 -6.17 -5.58 9.59
C ASP A 36 -6.62 -7.03 9.70
N GLN A 37 -6.47 -7.74 8.58
CA GLN A 37 -6.85 -9.14 8.53
C GLN A 37 -5.61 -10.04 8.58
N ARG A 38 -4.48 -9.44 8.28
CA ARG A 38 -3.22 -10.16 8.28
C ARG A 38 -3.16 -11.10 9.49
N GLU A 39 -3.56 -10.57 10.64
CA GLU A 39 -3.57 -11.35 11.86
C GLU A 39 -4.86 -12.16 11.98
N ALA A 40 -5.89 -11.65 11.33
CA ALA A 40 -7.20 -12.31 11.35
C ALA A 40 -7.07 -13.71 10.75
N LEU A 41 -6.29 -13.77 9.66
CA LEU A 41 -6.08 -15.03 8.98
C LEU A 41 -5.66 -16.10 10.00
N LYS A 42 -4.60 -15.78 10.73
CA LYS A 42 -4.09 -16.69 11.74
C LYS A 42 -5.25 -17.18 12.62
N LYS A 43 -6.30 -16.37 12.66
CA LYS A 43 -7.47 -16.71 13.46
C LYS A 43 -8.47 -17.48 12.59
N MET A 44 -8.45 -17.16 11.30
CA MET A 44 -9.34 -17.82 10.36
C MET A 44 -9.04 -19.31 10.26
N LYS A 45 -7.91 -19.69 10.86
CA LYS A 45 -7.50 -21.09 10.85
C LYS A 45 -8.00 -21.78 12.12
N ASP A 46 -7.56 -21.24 13.25
CA ASP A 46 -7.94 -21.78 14.55
C ASP A 46 -9.46 -22.00 14.57
N VAL A 47 -10.16 -21.11 13.88
CA VAL A 47 -11.61 -21.19 13.81
C VAL A 47 -12.01 -22.53 13.18
N TYR A 48 -11.25 -22.92 12.17
CA TYR A 48 -11.51 -24.16 11.47
C TYR A 48 -10.85 -25.34 12.18
N GLU A 49 -9.85 -25.01 13.00
CA GLU A 49 -9.12 -26.02 13.74
C GLU A 49 -10.03 -26.65 14.80
N LYS A 50 -10.94 -25.84 15.31
CA LYS A 50 -11.87 -26.30 16.33
C LYS A 50 -13.28 -26.32 15.76
N THR A 51 -13.55 -25.37 14.88
CA THR A 51 -14.86 -25.28 14.25
C THR A 51 -14.72 -25.24 12.74
N PRO A 52 -14.65 -26.46 12.13
CA PRO A 52 -14.52 -26.58 10.69
C PRO A 52 -15.85 -26.26 9.99
N GLN A 53 -16.84 -25.95 10.80
CA GLN A 53 -18.15 -25.62 10.28
C GLN A 53 -18.17 -24.19 9.74
N MET A 54 -17.02 -23.55 9.80
CA MET A 54 -16.89 -22.18 9.33
C MET A 54 -16.20 -22.14 7.96
N GLY A 55 -15.08 -22.86 7.87
CA GLY A 55 -14.32 -22.91 6.64
C GLY A 55 -13.14 -23.88 6.76
N ASP A 56 -12.15 -23.66 5.92
CA ASP A 56 -10.96 -24.51 5.92
C ASP A 56 -9.72 -23.64 6.15
N PRO A 57 -8.78 -24.20 6.95
CA PRO A 57 -7.55 -23.48 7.26
C PRO A 57 -6.59 -23.49 6.06
N ALA A 58 -6.73 -24.52 5.25
CA ALA A 58 -5.89 -24.66 4.07
C ALA A 58 -6.34 -23.66 3.01
N SER A 59 -7.42 -22.96 3.32
CA SER A 59 -7.97 -21.97 2.41
C SER A 59 -7.48 -20.58 2.80
N LEU A 60 -6.58 -20.55 3.77
CA LEU A 60 -6.04 -19.29 4.25
C LEU A 60 -4.54 -19.24 3.94
N GLU A 61 -4.05 -20.31 3.34
CA GLU A 61 -2.65 -20.40 2.99
C GLU A 61 -2.34 -19.50 1.78
N PRO A 62 -3.23 -19.60 0.76
CA PRO A 62 -3.06 -18.80 -0.45
C PRO A 62 -3.45 -17.34 -0.19
N GLN A 63 -4.11 -17.12 0.94
CA GLN A 63 -4.54 -15.78 1.29
C GLN A 63 -3.57 -15.17 2.31
N ILE A 64 -3.02 -16.03 3.15
CA ILE A 64 -2.07 -15.60 4.16
C ILE A 64 -0.81 -15.04 3.48
N ALA A 65 -0.18 -15.90 2.70
CA ALA A 65 1.03 -15.52 1.99
C ALA A 65 0.72 -14.34 1.07
N GLU A 66 -0.57 -14.14 0.83
CA GLU A 66 -1.01 -13.05 -0.03
C GLU A 66 -1.05 -11.74 0.76
N THR A 67 -1.41 -11.86 2.03
CA THR A 67 -1.50 -10.70 2.90
C THR A 67 -0.10 -10.16 3.21
N LEU A 68 0.81 -11.08 3.48
CA LEU A 68 2.17 -10.72 3.80
C LEU A 68 2.80 -9.99 2.60
N SER A 69 2.73 -10.66 1.45
CA SER A 69 3.28 -10.10 0.23
C SER A 69 2.50 -8.83 -0.16
N ASN A 70 1.30 -8.73 0.39
CA ASN A 70 0.45 -7.58 0.12
C ASN A 70 0.71 -6.50 1.17
N ILE A 71 1.41 -6.89 2.22
CA ILE A 71 1.73 -5.96 3.30
C ILE A 71 3.10 -5.34 3.04
N GLU A 72 3.99 -6.15 2.47
CA GLU A 72 5.33 -5.68 2.16
C GLU A 72 5.33 -4.85 0.87
N ARG A 73 4.31 -5.09 0.06
CA ARG A 73 4.18 -4.37 -1.20
C ARG A 73 3.34 -3.11 -1.01
N LEU A 74 2.77 -2.99 0.19
CA LEU A 74 1.94 -1.85 0.51
C LEU A 74 2.77 -0.81 1.25
N LYS A 75 3.28 -1.23 2.41
CA LYS A 75 4.10 -0.33 3.22
C LYS A 75 5.24 0.22 2.37
N LEU A 76 5.97 -0.69 1.74
CA LEU A 76 7.09 -0.30 0.90
C LEU A 76 6.67 0.87 0.00
N GLU A 77 5.54 0.67 -0.67
CA GLU A 77 5.02 1.71 -1.56
C GLU A 77 4.71 2.97 -0.77
N VAL A 78 4.29 2.77 0.47
CA VAL A 78 3.95 3.88 1.34
C VAL A 78 5.23 4.53 1.86
N GLN A 79 6.35 3.91 1.53
CA GLN A 79 7.64 4.40 1.97
C GLN A 79 8.31 5.20 0.84
N LYS A 80 8.49 4.52 -0.29
CA LYS A 80 9.11 5.15 -1.45
C LYS A 80 8.56 6.57 -1.60
N TYR A 81 7.25 6.68 -1.48
CA TYR A 81 6.59 7.97 -1.60
C TYR A 81 7.10 8.95 -0.54
N GLU A 82 6.90 8.58 0.71
CA GLU A 82 7.32 9.41 1.82
C GLU A 82 8.81 9.74 1.68
N ALA A 83 9.50 8.95 0.88
CA ALA A 83 10.92 9.15 0.67
C ALA A 83 11.13 9.90 -0.64
N TRP A 84 10.12 9.83 -1.50
CA TRP A 84 10.16 10.50 -2.78
C TRP A 84 9.98 12.00 -2.55
N LEU A 85 9.06 12.31 -1.65
CA LEU A 85 8.77 13.70 -1.32
C LEU A 85 10.08 14.49 -1.28
N ALA A 86 11.09 13.88 -0.68
CA ALA A 86 12.40 14.51 -0.57
C ALA A 86 13.16 14.34 -1.88
N GLU A 87 13.03 13.14 -2.45
CA GLU A 87 13.70 12.84 -3.71
C GLU A 87 13.18 13.76 -4.82
N ALA A 88 12.04 14.38 -4.55
CA ALA A 88 11.44 15.28 -5.51
C ALA A 88 11.67 16.73 -5.06
N GLU A 89 11.08 17.07 -3.93
CA GLU A 89 11.21 18.42 -3.39
C GLU A 89 12.65 18.92 -3.57
N SER A 90 13.58 18.07 -3.16
CA SER A 90 14.99 18.43 -3.26
C SER A 90 15.25 19.16 -4.58
N ARG A 91 14.79 18.55 -5.66
CA ARG A 91 14.96 19.13 -6.98
C ARG A 91 14.07 20.35 -7.15
N VAL A 92 12.81 20.18 -6.77
CA VAL A 92 11.85 21.26 -6.87
C VAL A 92 12.50 22.57 -6.44
N LEU A 93 12.85 22.63 -5.16
CA LEU A 93 13.49 23.82 -4.62
C LEU A 93 14.54 24.33 -5.60
N SER A 94 15.22 23.38 -6.24
CA SER A 94 16.26 23.71 -7.21
C SER A 94 15.63 24.38 -8.43
N ASN A 95 14.54 23.79 -8.90
CA ASN A 95 13.84 24.32 -10.06
C ASN A 95 12.41 24.71 -9.65
N ARG A 96 12.24 25.99 -9.42
CA ARG A 96 10.93 26.51 -9.03
C ARG A 96 10.59 27.76 -9.85
N GLY A 97 9.32 27.87 -10.18
CA GLY A 97 8.84 29.01 -10.96
C GLY A 97 8.54 28.60 -12.40
N ASP A 98 8.88 27.36 -12.71
CA ASP A 98 8.66 26.83 -14.05
C ASP A 98 7.20 27.05 -14.44
N GLY A 1 -17.58 16.08 -11.99
CA GLY A 1 -17.02 15.18 -12.98
C GLY A 1 -15.49 15.12 -12.86
N PRO A 2 -15.02 14.32 -11.87
CA PRO A 2 -13.59 14.17 -11.63
C PRO A 2 -12.97 13.27 -12.70
N HIS A 3 -12.02 13.84 -13.43
CA HIS A 3 -11.33 13.10 -14.48
C HIS A 3 -9.95 12.66 -13.98
N MET A 4 -9.37 11.70 -14.70
CA MET A 4 -8.06 11.19 -14.33
C MET A 4 -6.98 11.78 -15.23
N THR A 5 -5.78 11.89 -14.66
CA THR A 5 -4.66 12.44 -15.40
C THR A 5 -4.15 11.43 -16.43
N GLU A 6 -3.09 11.81 -17.12
CA GLU A 6 -2.50 10.95 -18.13
C GLU A 6 -1.01 11.23 -18.27
N ASP A 7 -0.21 10.21 -17.96
CA ASP A 7 1.24 10.35 -18.05
C ASP A 7 1.74 11.15 -16.85
N PHE A 8 1.58 10.57 -15.67
CA PHE A 8 2.01 11.23 -14.45
C PHE A 8 3.48 11.66 -14.55
N SER A 9 4.21 10.98 -15.42
CA SER A 9 5.61 11.28 -15.62
C SER A 9 5.76 12.59 -16.40
N HIS A 10 4.79 12.82 -17.27
CA HIS A 10 4.79 14.03 -18.09
C HIS A 10 4.60 15.26 -17.19
N LEU A 11 4.26 14.99 -15.94
CA LEU A 11 4.05 16.06 -14.98
C LEU A 11 5.40 16.58 -14.50
N PRO A 12 5.38 17.84 -13.98
CA PRO A 12 6.60 18.47 -13.48
C PRO A 12 6.99 17.87 -12.12
N PRO A 13 8.19 18.32 -11.64
CA PRO A 13 8.69 17.84 -10.36
C PRO A 13 7.94 18.50 -9.20
N GLU A 14 6.99 19.35 -9.56
CA GLU A 14 6.20 20.05 -8.56
C GLU A 14 4.87 19.31 -8.33
N GLN A 15 4.38 18.70 -9.39
CA GLN A 15 3.13 17.97 -9.32
C GLN A 15 3.39 16.47 -9.14
N GLN A 16 4.58 16.06 -9.55
CA GLN A 16 4.97 14.67 -9.43
C GLN A 16 4.89 14.21 -7.97
N ARG A 17 5.19 15.14 -7.08
CA ARG A 17 5.16 14.86 -5.65
C ARG A 17 3.75 15.08 -5.10
N LYS A 18 2.88 15.60 -5.96
CA LYS A 18 1.51 15.87 -5.57
C LYS A 18 0.69 14.57 -5.69
N ARG A 19 1.19 13.67 -6.52
CA ARG A 19 0.52 12.40 -6.74
C ARG A 19 0.98 11.38 -5.68
N LEU A 20 2.25 11.47 -5.33
CA LEU A 20 2.81 10.57 -4.34
C LEU A 20 1.98 10.63 -3.06
N GLN A 21 1.91 11.84 -2.51
CA GLN A 21 1.14 12.05 -1.28
C GLN A 21 -0.14 11.22 -1.31
N GLN A 22 -0.98 11.52 -2.29
CA GLN A 22 -2.24 10.81 -2.43
C GLN A 22 -2.01 9.30 -2.48
N GLN A 23 -1.26 8.89 -3.50
CA GLN A 23 -0.95 7.48 -3.66
C GLN A 23 -0.38 6.90 -2.38
N LEU A 24 0.13 7.79 -1.54
CA LEU A 24 0.71 7.38 -0.27
C LEU A 24 -0.40 6.90 0.67
N GLU A 25 -1.31 7.82 0.97
CA GLU A 25 -2.42 7.51 1.85
C GLU A 25 -3.16 6.26 1.35
N GLU A 26 -2.96 5.97 0.08
CA GLU A 26 -3.59 4.82 -0.52
C GLU A 26 -2.85 3.53 -0.13
N ARG A 27 -1.65 3.40 -0.67
CA ARG A 27 -0.83 2.23 -0.39
C ARG A 27 -0.86 1.91 1.11
N SER A 28 -1.11 2.94 1.89
CA SER A 28 -1.17 2.79 3.34
C SER A 28 -2.58 2.35 3.76
N ARG A 29 -3.56 2.93 3.11
CA ARG A 29 -4.95 2.60 3.40
C ARG A 29 -5.22 1.12 3.13
N GLU A 30 -4.65 0.64 2.04
CA GLU A 30 -4.82 -0.75 1.65
C GLU A 30 -3.83 -1.63 2.41
N LEU A 31 -3.06 -0.99 3.28
CA LEU A 31 -2.07 -1.70 4.08
C LEU A 31 -2.74 -2.23 5.35
N GLN A 32 -3.21 -1.29 6.16
CA GLN A 32 -3.87 -1.64 7.41
C GLN A 32 -4.96 -2.69 7.16
N LYS A 33 -5.41 -2.74 5.91
CA LYS A 33 -6.44 -3.68 5.54
C LYS A 33 -5.90 -5.11 5.68
N GLU A 34 -4.80 -5.36 4.99
CA GLU A 34 -4.17 -6.67 5.03
C GLU A 34 -3.60 -6.95 6.42
N VAL A 35 -3.13 -5.88 7.06
CA VAL A 35 -2.55 -5.99 8.38
C VAL A 35 -3.68 -6.08 9.41
N ASP A 36 -4.86 -5.69 8.99
CA ASP A 36 -6.03 -5.72 9.86
C ASP A 36 -6.57 -7.15 9.92
N GLN A 37 -6.35 -7.88 8.83
CA GLN A 37 -6.82 -9.25 8.75
C GLN A 37 -5.64 -10.22 8.94
N ARG A 38 -4.45 -9.71 8.69
CA ARG A 38 -3.25 -10.52 8.84
C ARG A 38 -3.37 -11.42 10.07
N GLU A 39 -3.46 -10.77 11.22
CA GLU A 39 -3.57 -11.50 12.48
C GLU A 39 -4.94 -12.19 12.57
N ALA A 40 -5.88 -11.67 11.79
CA ALA A 40 -7.22 -12.23 11.77
C ALA A 40 -7.18 -13.63 11.16
N LEU A 41 -6.30 -13.78 10.18
CA LEU A 41 -6.15 -15.06 9.51
C LEU A 41 -5.98 -16.16 10.55
N LYS A 42 -5.15 -15.88 11.54
CA LYS A 42 -4.88 -16.84 12.60
C LYS A 42 -6.21 -17.28 13.23
N LYS A 43 -7.11 -16.31 13.36
CA LYS A 43 -8.41 -16.59 13.94
C LYS A 43 -9.24 -17.43 12.96
N MET A 44 -9.05 -17.15 11.69
CA MET A 44 -9.77 -17.88 10.65
C MET A 44 -9.38 -19.36 10.65
N LYS A 45 -8.33 -19.66 11.41
CA LYS A 45 -7.85 -21.04 11.51
C LYS A 45 -8.57 -21.73 12.66
N ASP A 46 -8.48 -21.13 13.82
CA ASP A 46 -9.11 -21.69 15.01
C ASP A 46 -10.58 -21.99 14.71
N VAL A 47 -11.20 -21.06 14.00
CA VAL A 47 -12.60 -21.21 13.63
C VAL A 47 -12.80 -22.58 12.98
N TYR A 48 -11.79 -23.02 12.26
CA TYR A 48 -11.85 -24.31 11.59
C TYR A 48 -11.28 -25.42 12.48
N GLU A 49 -10.42 -25.01 13.39
CA GLU A 49 -9.79 -25.97 14.31
C GLU A 49 -10.84 -26.55 15.24
N LYS A 50 -11.89 -25.77 15.48
CA LYS A 50 -12.96 -26.20 16.36
C LYS A 50 -14.25 -26.36 15.54
N THR A 51 -14.41 -25.48 14.57
CA THR A 51 -15.58 -25.52 13.72
C THR A 51 -15.17 -25.56 12.24
N PRO A 52 -14.91 -26.81 11.76
CA PRO A 52 -14.51 -27.00 10.37
C PRO A 52 -15.69 -26.83 9.43
N GLN A 53 -16.85 -26.55 10.01
CA GLN A 53 -18.06 -26.36 9.23
C GLN A 53 -18.11 -24.94 8.66
N MET A 54 -17.05 -24.19 8.94
CA MET A 54 -16.96 -22.82 8.46
C MET A 54 -16.16 -22.76 7.15
N GLY A 55 -15.01 -23.40 7.17
CA GLY A 55 -14.15 -23.41 6.00
C GLY A 55 -12.97 -24.38 6.20
N ASP A 56 -11.87 -24.06 5.53
CA ASP A 56 -10.68 -24.88 5.62
C ASP A 56 -9.48 -24.00 5.98
N PRO A 57 -8.68 -24.49 6.97
CA PRO A 57 -7.51 -23.76 7.41
C PRO A 57 -6.38 -23.86 6.39
N ALA A 58 -6.39 -24.96 5.65
CA ALA A 58 -5.38 -25.20 4.64
C ALA A 58 -5.48 -24.12 3.56
N SER A 59 -6.63 -23.46 3.53
CA SER A 59 -6.86 -22.41 2.56
C SER A 59 -6.48 -21.05 3.15
N LEU A 60 -5.89 -21.11 4.33
CA LEU A 60 -5.48 -19.89 5.02
C LEU A 60 -3.95 -19.81 4.99
N GLU A 61 -3.32 -20.91 4.62
CA GLU A 61 -1.87 -20.96 4.55
C GLU A 61 -1.36 -20.10 3.39
N PRO A 62 -2.02 -20.28 2.21
CA PRO A 62 -1.64 -19.54 1.03
C PRO A 62 -2.13 -18.08 1.12
N GLN A 63 -2.91 -17.82 2.15
CA GLN A 63 -3.45 -16.49 2.36
C GLN A 63 -2.63 -15.75 3.42
N ILE A 64 -2.19 -16.50 4.41
CA ILE A 64 -1.39 -15.94 5.49
C ILE A 64 -0.06 -15.46 4.93
N ALA A 65 0.67 -16.39 4.34
CA ALA A 65 1.97 -16.08 3.76
C ALA A 65 1.79 -15.03 2.66
N GLU A 66 0.55 -14.87 2.24
CA GLU A 66 0.23 -13.91 1.19
C GLU A 66 0.07 -12.51 1.79
N THR A 67 -0.45 -12.49 3.01
CA THR A 67 -0.67 -11.22 3.70
C THR A 67 0.67 -10.55 4.02
N LEU A 68 1.58 -11.35 4.56
CA LEU A 68 2.89 -10.85 4.92
C LEU A 68 3.57 -10.26 3.67
N SER A 69 3.65 -11.10 2.65
CA SER A 69 4.26 -10.68 1.40
C SER A 69 3.51 -9.48 0.82
N ASN A 70 2.23 -9.41 1.14
CA ASN A 70 1.39 -8.33 0.67
C ASN A 70 1.51 -7.14 1.62
N ILE A 71 2.08 -7.41 2.79
CA ILE A 71 2.25 -6.38 3.79
C ILE A 71 3.59 -5.66 3.56
N GLU A 72 4.59 -6.46 3.17
CA GLU A 72 5.90 -5.92 2.91
C GLU A 72 5.93 -5.20 1.55
N ARG A 73 4.96 -5.54 0.72
CA ARG A 73 4.86 -4.94 -0.60
C ARG A 73 3.98 -3.68 -0.55
N LEU A 74 3.36 -3.48 0.62
CA LEU A 74 2.50 -2.33 0.81
C LEU A 74 3.29 -1.23 1.51
N LYS A 75 3.70 -1.52 2.73
CA LYS A 75 4.47 -0.56 3.51
C LYS A 75 5.64 -0.05 2.69
N LEU A 76 6.29 -0.98 2.00
CA LEU A 76 7.43 -0.64 1.16
C LEU A 76 7.04 0.50 0.22
N GLU A 77 5.91 0.31 -0.44
CA GLU A 77 5.42 1.31 -1.39
C GLU A 77 5.03 2.59 -0.63
N VAL A 78 4.59 2.41 0.61
CA VAL A 78 4.19 3.53 1.43
C VAL A 78 5.44 4.24 1.96
N GLN A 79 6.58 3.66 1.66
CA GLN A 79 7.85 4.22 2.10
C GLN A 79 8.50 5.01 0.96
N LYS A 80 8.73 4.31 -0.13
CA LYS A 80 9.35 4.93 -1.30
C LYS A 80 8.73 6.31 -1.52
N TYR A 81 7.41 6.35 -1.43
CA TYR A 81 6.69 7.60 -1.62
C TYR A 81 7.09 8.63 -0.57
N GLU A 82 6.91 8.25 0.68
CA GLU A 82 7.25 9.13 1.78
C GLU A 82 8.70 9.60 1.67
N ALA A 83 9.48 8.83 0.92
CA ALA A 83 10.88 9.15 0.71
C ALA A 83 11.05 9.87 -0.63
N TRP A 84 10.06 9.69 -1.49
CA TRP A 84 10.08 10.31 -2.79
C TRP A 84 9.77 11.80 -2.62
N LEU A 85 8.83 12.07 -1.72
CA LEU A 85 8.43 13.44 -1.45
C LEU A 85 9.67 14.34 -1.44
N ALA A 86 10.72 13.83 -0.81
CA ALA A 86 11.97 14.57 -0.71
C ALA A 86 12.76 14.41 -2.02
N GLU A 87 12.70 13.19 -2.55
CA GLU A 87 13.40 12.90 -3.79
C GLU A 87 12.81 13.72 -4.94
N ALA A 88 11.63 14.27 -4.69
CA ALA A 88 10.96 15.07 -5.69
C ALA A 88 11.07 16.56 -5.31
N GLU A 89 10.52 16.89 -4.15
CA GLU A 89 10.55 18.25 -3.66
C GLU A 89 11.90 18.90 -3.97
N SER A 90 12.95 18.11 -3.78
CA SER A 90 14.29 18.59 -4.05
C SER A 90 14.36 19.26 -5.41
N ARG A 91 13.87 18.54 -6.41
CA ARG A 91 13.87 19.06 -7.77
C ARG A 91 13.15 20.41 -7.82
N VAL A 92 12.15 20.55 -6.97
CA VAL A 92 11.39 21.78 -6.91
C VAL A 92 12.23 22.87 -6.25
N LEU A 93 12.48 22.68 -4.96
CA LEU A 93 13.28 23.64 -4.21
C LEU A 93 14.45 24.11 -5.05
N SER A 94 15.27 23.15 -5.47
CA SER A 94 16.43 23.46 -6.30
C SER A 94 16.01 24.34 -7.48
N ASN A 95 15.01 23.87 -8.21
CA ASN A 95 14.51 24.60 -9.36
C ASN A 95 13.77 25.85 -8.88
N ARG A 96 14.51 26.95 -8.82
CA ARG A 96 13.95 28.22 -8.38
C ARG A 96 13.97 29.24 -9.53
N GLY A 97 13.17 30.27 -9.37
CA GLY A 97 13.09 31.31 -10.38
C GLY A 97 13.81 32.58 -9.90
N ASP A 98 15.12 32.54 -9.96
CA ASP A 98 15.93 33.67 -9.54
C ASP A 98 15.93 34.73 -10.65
N GLY A 1 -13.72 8.28 -5.32
CA GLY A 1 -13.33 7.58 -6.54
C GLY A 1 -11.99 8.10 -7.06
N PRO A 2 -10.90 7.64 -6.39
CA PRO A 2 -9.56 8.04 -6.78
C PRO A 2 -9.13 7.32 -8.06
N HIS A 3 -8.13 7.90 -8.72
CA HIS A 3 -7.61 7.33 -9.95
C HIS A 3 -6.09 7.45 -9.97
N MET A 4 -5.48 6.77 -10.93
CA MET A 4 -4.04 6.80 -11.08
C MET A 4 -3.63 6.80 -12.55
N THR A 5 -2.55 7.51 -12.85
CA THR A 5 -2.06 7.59 -14.21
C THR A 5 -1.16 6.39 -14.52
N GLU A 6 -0.53 6.45 -15.69
CA GLU A 6 0.35 5.38 -16.10
C GLU A 6 1.81 5.78 -15.91
N ASP A 7 2.02 7.09 -15.82
CA ASP A 7 3.36 7.62 -15.63
C ASP A 7 3.27 9.11 -15.30
N PHE A 8 3.76 9.45 -14.12
CA PHE A 8 3.74 10.83 -13.67
C PHE A 8 4.97 11.58 -14.17
N SER A 9 5.30 11.36 -15.43
CA SER A 9 6.45 12.01 -16.03
C SER A 9 5.99 13.00 -17.11
N HIS A 10 4.69 13.22 -17.15
CA HIS A 10 4.10 14.13 -18.12
C HIS A 10 3.57 15.37 -17.40
N LEU A 11 3.54 15.28 -16.08
CA LEU A 11 3.05 16.38 -15.26
C LEU A 11 4.25 17.11 -14.64
N PRO A 12 3.95 18.29 -14.04
CA PRO A 12 4.98 19.09 -13.40
C PRO A 12 5.41 18.48 -12.06
N PRO A 13 6.45 19.09 -11.45
CA PRO A 13 6.96 18.62 -10.18
C PRO A 13 6.03 19.00 -9.04
N GLU A 14 5.38 20.16 -9.20
CA GLU A 14 4.47 20.65 -8.20
C GLU A 14 3.23 19.75 -8.12
N GLN A 15 2.92 19.13 -9.25
CA GLN A 15 1.77 18.24 -9.33
C GLN A 15 2.21 16.78 -9.17
N GLN A 16 3.45 16.53 -9.59
CA GLN A 16 4.00 15.19 -9.52
C GLN A 16 4.06 14.73 -8.06
N ARG A 17 4.82 15.46 -7.27
CA ARG A 17 4.98 15.13 -5.86
C ARG A 17 3.63 15.24 -5.14
N LYS A 18 2.70 15.92 -5.80
CA LYS A 18 1.38 16.11 -5.24
C LYS A 18 0.61 14.79 -5.28
N ARG A 19 0.94 13.99 -6.29
CA ARG A 19 0.30 12.69 -6.45
C ARG A 19 0.81 11.71 -5.41
N LEU A 20 2.13 11.65 -5.29
CA LEU A 20 2.76 10.76 -4.33
C LEU A 20 1.95 10.76 -3.03
N GLN A 21 1.97 11.89 -2.35
CA GLN A 21 1.25 12.02 -1.09
C GLN A 21 -0.10 11.31 -1.18
N GLN A 22 -0.89 11.73 -2.15
CA GLN A 22 -2.20 11.14 -2.35
C GLN A 22 -2.10 9.61 -2.41
N GLN A 23 -1.46 9.13 -3.47
CA GLN A 23 -1.28 7.71 -3.66
C GLN A 23 -0.68 7.07 -2.40
N LEU A 24 -0.05 7.92 -1.60
CA LEU A 24 0.57 7.46 -0.37
C LEU A 24 -0.53 7.14 0.66
N GLU A 25 -1.51 8.02 0.72
CA GLU A 25 -2.62 7.85 1.65
C GLU A 25 -3.45 6.64 1.25
N GLU A 26 -3.25 6.20 0.02
CA GLU A 26 -3.99 5.05 -0.50
C GLU A 26 -3.29 3.75 -0.10
N ARG A 27 -2.05 3.61 -0.55
CA ARG A 27 -1.26 2.43 -0.24
C ARG A 27 -1.50 2.00 1.21
N SER A 28 -1.52 2.99 2.09
CA SER A 28 -1.73 2.72 3.50
C SER A 28 -3.16 2.26 3.74
N ARG A 29 -4.09 2.93 3.08
CA ARG A 29 -5.50 2.60 3.21
C ARG A 29 -5.72 1.12 2.90
N GLU A 30 -4.98 0.64 1.91
CA GLU A 30 -5.09 -0.75 1.51
C GLU A 30 -4.19 -1.64 2.39
N LEU A 31 -3.06 -1.07 2.77
CA LEU A 31 -2.11 -1.78 3.61
C LEU A 31 -2.76 -2.11 4.95
N GLN A 32 -3.05 -1.06 5.70
CA GLN A 32 -3.68 -1.21 7.01
C GLN A 32 -4.72 -2.32 6.96
N LYS A 33 -5.35 -2.46 5.81
CA LYS A 33 -6.37 -3.47 5.61
C LYS A 33 -5.71 -4.85 5.59
N GLU A 34 -4.71 -4.99 4.72
CA GLU A 34 -4.00 -6.24 4.59
C GLU A 34 -3.39 -6.65 5.92
N VAL A 35 -2.75 -5.68 6.57
CA VAL A 35 -2.12 -5.93 7.86
C VAL A 35 -3.20 -6.12 8.91
N ASP A 36 -4.29 -5.38 8.75
CA ASP A 36 -5.41 -5.47 9.69
C ASP A 36 -5.91 -6.91 9.74
N GLN A 37 -5.91 -7.55 8.57
CA GLN A 37 -6.37 -8.92 8.48
C GLN A 37 -5.18 -9.89 8.61
N ARG A 38 -4.01 -9.37 8.28
CA ARG A 38 -2.80 -10.17 8.35
C ARG A 38 -2.81 -11.05 9.61
N GLU A 39 -3.14 -10.42 10.72
CA GLU A 39 -3.19 -11.12 11.99
C GLU A 39 -4.57 -11.78 12.18
N ALA A 40 -5.55 -11.22 11.48
CA ALA A 40 -6.90 -11.74 11.56
C ALA A 40 -6.99 -13.08 10.82
N LEU A 41 -6.01 -13.29 9.95
CA LEU A 41 -5.96 -14.52 9.17
C LEU A 41 -5.88 -15.71 10.12
N LYS A 42 -4.85 -15.70 10.95
CA LYS A 42 -4.65 -16.78 11.90
C LYS A 42 -5.97 -17.04 12.65
N LYS A 43 -6.69 -15.96 12.90
CA LYS A 43 -7.96 -16.06 13.61
C LYS A 43 -8.97 -16.78 12.71
N MET A 44 -8.90 -16.47 11.43
CA MET A 44 -9.80 -17.08 10.46
C MET A 44 -9.56 -18.58 10.35
N LYS A 45 -8.47 -19.02 10.97
CA LYS A 45 -8.11 -20.43 10.95
C LYS A 45 -8.73 -21.13 12.17
N ASP A 46 -8.38 -20.63 13.34
CA ASP A 46 -8.90 -21.20 14.57
C ASP A 46 -10.42 -21.35 14.47
N VAL A 47 -11.03 -20.33 13.88
CA VAL A 47 -12.48 -20.34 13.71
C VAL A 47 -12.90 -21.64 13.02
N TYR A 48 -12.06 -22.08 12.09
CA TYR A 48 -12.33 -23.30 11.35
C TYR A 48 -11.80 -24.53 12.10
N GLU A 49 -10.73 -24.30 12.84
CA GLU A 49 -10.12 -25.37 13.60
C GLU A 49 -11.13 -25.99 14.58
N LYS A 50 -12.08 -25.15 14.99
CA LYS A 50 -13.11 -25.60 15.90
C LYS A 50 -14.47 -25.59 15.20
N THR A 51 -14.63 -24.62 14.31
CA THR A 51 -15.86 -24.49 13.55
C THR A 51 -15.56 -24.29 12.08
N PRO A 52 -15.04 -25.38 11.44
CA PRO A 52 -14.71 -25.33 10.02
C PRO A 52 -15.98 -25.38 9.16
N GLN A 53 -17.12 -25.44 9.84
CA GLN A 53 -18.40 -25.50 9.15
C GLN A 53 -18.72 -24.14 8.53
N MET A 54 -17.84 -23.18 8.78
CA MET A 54 -18.03 -21.84 8.25
C MET A 54 -16.88 -21.47 7.31
N GLY A 55 -15.91 -22.36 7.22
CA GLY A 55 -14.75 -22.14 6.37
C GLY A 55 -13.67 -23.19 6.62
N ASP A 56 -12.58 -23.07 5.88
CA ASP A 56 -11.48 -23.99 6.01
C ASP A 56 -10.16 -23.20 6.13
N PRO A 57 -9.25 -23.73 6.99
CA PRO A 57 -7.96 -23.08 7.20
C PRO A 57 -7.04 -23.30 6.01
N ALA A 58 -7.29 -24.40 5.30
CA ALA A 58 -6.48 -24.74 4.14
C ALA A 58 -6.67 -23.67 3.06
N SER A 59 -7.69 -22.84 3.26
CA SER A 59 -7.99 -21.77 2.33
C SER A 59 -7.45 -20.44 2.86
N LEU A 60 -6.68 -20.54 3.93
CA LEU A 60 -6.11 -19.34 4.54
C LEU A 60 -4.59 -19.42 4.46
N GLU A 61 -4.11 -20.53 3.89
CA GLU A 61 -2.69 -20.73 3.75
C GLU A 61 -2.15 -19.94 2.55
N PRO A 62 -2.92 -20.00 1.43
CA PRO A 62 -2.54 -19.29 0.23
C PRO A 62 -2.80 -17.79 0.37
N GLN A 63 -3.67 -17.45 1.31
CA GLN A 63 -4.01 -16.05 1.56
C GLN A 63 -3.05 -15.45 2.59
N ILE A 64 -2.65 -16.29 3.54
CA ILE A 64 -1.74 -15.85 4.58
C ILE A 64 -0.43 -15.37 3.95
N ALA A 65 0.19 -16.26 3.19
CA ALA A 65 1.44 -15.94 2.52
C ALA A 65 1.19 -14.84 1.48
N GLU A 66 -0.08 -14.60 1.22
CA GLU A 66 -0.46 -13.58 0.25
C GLU A 66 -0.55 -12.21 0.92
N THR A 67 -0.95 -12.24 2.19
CA THR A 67 -1.07 -11.01 2.96
C THR A 67 0.31 -10.42 3.25
N LEU A 68 1.26 -11.31 3.45
CA LEU A 68 2.63 -10.90 3.74
C LEU A 68 3.22 -10.19 2.53
N SER A 69 3.29 -10.93 1.42
CA SER A 69 3.83 -10.38 0.19
C SER A 69 3.00 -9.17 -0.24
N ASN A 70 1.75 -9.16 0.19
CA ASN A 70 0.85 -8.06 -0.16
C ASN A 70 1.06 -6.91 0.83
N ILE A 71 1.69 -7.24 1.95
CA ILE A 71 1.96 -6.26 2.98
C ILE A 71 3.28 -5.55 2.67
N GLU A 72 4.28 -6.36 2.34
CA GLU A 72 5.60 -5.84 2.02
C GLU A 72 5.54 -5.03 0.72
N ARG A 73 4.71 -5.50 -0.20
CA ARG A 73 4.56 -4.84 -1.48
C ARG A 73 3.79 -3.53 -1.32
N LEU A 74 3.24 -3.34 -0.11
CA LEU A 74 2.49 -2.14 0.18
C LEU A 74 3.39 -1.14 0.90
N LYS A 75 3.82 -1.51 2.09
CA LYS A 75 4.68 -0.66 2.88
C LYS A 75 5.80 -0.11 2.00
N LEU A 76 6.51 -1.03 1.35
CA LEU A 76 7.60 -0.66 0.47
C LEU A 76 7.18 0.54 -0.38
N GLU A 77 6.02 0.41 -1.01
CA GLU A 77 5.49 1.47 -1.85
C GLU A 77 5.19 2.71 -1.01
N VAL A 78 4.78 2.46 0.22
CA VAL A 78 4.45 3.55 1.14
C VAL A 78 5.74 4.21 1.63
N GLN A 79 6.86 3.61 1.24
CA GLN A 79 8.16 4.12 1.63
C GLN A 79 8.77 4.94 0.49
N LYS A 80 8.92 4.29 -0.66
CA LYS A 80 9.48 4.94 -1.82
C LYS A 80 8.84 6.32 -1.99
N TYR A 81 7.52 6.35 -1.83
CA TYR A 81 6.78 7.59 -1.96
C TYR A 81 7.20 8.59 -0.89
N GLU A 82 7.03 8.19 0.36
CA GLU A 82 7.38 9.03 1.48
C GLU A 82 8.84 9.51 1.36
N ALA A 83 9.59 8.79 0.54
CA ALA A 83 10.99 9.12 0.32
C ALA A 83 11.12 9.90 -0.98
N TRP A 84 10.15 9.69 -1.86
CA TRP A 84 10.15 10.37 -3.15
C TRP A 84 9.86 11.85 -2.90
N LEU A 85 8.94 12.10 -1.98
CA LEU A 85 8.56 13.46 -1.64
C LEU A 85 9.81 14.34 -1.60
N ALA A 86 10.87 13.78 -1.01
CA ALA A 86 12.13 14.50 -0.89
C ALA A 86 12.89 14.39 -2.22
N GLU A 87 12.81 13.21 -2.82
CA GLU A 87 13.48 12.96 -4.07
C GLU A 87 12.87 13.82 -5.18
N ALA A 88 11.71 14.38 -4.89
CA ALA A 88 11.02 15.23 -5.84
C ALA A 88 11.18 16.70 -5.42
N GLU A 89 10.72 16.98 -4.21
CA GLU A 89 10.80 18.34 -3.67
C GLU A 89 12.17 18.94 -3.99
N SER A 90 13.16 18.07 -4.12
CA SER A 90 14.51 18.51 -4.41
C SER A 90 14.51 19.41 -5.65
N ARG A 91 13.81 18.96 -6.67
CA ARG A 91 13.72 19.71 -7.91
C ARG A 91 13.19 21.13 -7.64
N VAL A 92 12.15 21.18 -6.82
CA VAL A 92 11.54 22.45 -6.47
C VAL A 92 12.59 23.35 -5.82
N LEU A 93 12.99 22.96 -4.62
CA LEU A 93 13.98 23.71 -3.88
C LEU A 93 15.07 24.20 -4.84
N SER A 94 15.60 23.26 -5.61
CA SER A 94 16.63 23.57 -6.56
C SER A 94 16.21 24.78 -7.42
N ASN A 95 15.08 24.61 -8.09
CA ASN A 95 14.55 25.66 -8.94
C ASN A 95 14.13 26.85 -8.08
N ARG A 96 14.49 28.04 -8.54
CA ARG A 96 14.15 29.26 -7.82
C ARG A 96 13.71 30.34 -8.80
N GLY A 97 12.54 30.90 -8.51
CA GLY A 97 11.99 31.95 -9.36
C GLY A 97 12.26 33.34 -8.76
N ASP A 98 12.47 33.35 -7.45
CA ASP A 98 12.73 34.59 -6.74
C ASP A 98 13.71 35.43 -7.56
N GLY A 1 -8.29 15.53 -24.86
CA GLY A 1 -8.80 15.11 -23.56
C GLY A 1 -7.80 15.43 -22.46
N PRO A 2 -7.91 14.64 -21.34
CA PRO A 2 -7.03 14.83 -20.21
C PRO A 2 -5.63 14.26 -20.50
N HIS A 3 -4.73 14.47 -19.56
CA HIS A 3 -3.36 13.99 -19.70
C HIS A 3 -3.12 12.84 -18.73
N MET A 4 -2.41 11.83 -19.21
CA MET A 4 -2.10 10.67 -18.40
C MET A 4 -0.59 10.52 -18.22
N THR A 5 -0.22 9.94 -17.09
CA THR A 5 1.19 9.72 -16.78
C THR A 5 1.39 8.36 -16.10
N GLU A 6 2.65 7.96 -16.02
CA GLU A 6 2.99 6.70 -15.40
C GLU A 6 3.93 6.91 -14.21
N ASP A 7 4.99 7.68 -14.47
CA ASP A 7 5.97 7.97 -13.43
C ASP A 7 5.75 9.40 -12.93
N PHE A 8 4.58 9.93 -13.23
CA PHE A 8 4.24 11.28 -12.82
C PHE A 8 5.45 12.21 -12.92
N SER A 9 6.12 12.13 -14.07
CA SER A 9 7.30 12.96 -14.30
C SER A 9 6.94 14.11 -15.26
N HIS A 10 5.85 13.91 -15.98
CA HIS A 10 5.40 14.92 -16.93
C HIS A 10 4.84 16.13 -16.16
N LEU A 11 4.63 15.93 -14.87
CA LEU A 11 4.10 16.98 -14.02
C LEU A 11 5.25 17.60 -13.22
N PRO A 12 4.96 18.79 -12.64
CA PRO A 12 5.95 19.50 -11.84
C PRO A 12 6.14 18.83 -10.48
N PRO A 13 7.14 19.34 -9.72
CA PRO A 13 7.43 18.82 -8.40
C PRO A 13 6.39 19.27 -7.39
N GLU A 14 5.44 20.06 -7.87
CA GLU A 14 4.38 20.58 -7.02
C GLU A 14 3.15 19.68 -7.11
N GLN A 15 2.88 19.21 -8.31
CA GLN A 15 1.73 18.36 -8.55
C GLN A 15 2.16 16.88 -8.56
N GLN A 16 3.47 16.68 -8.47
CA GLN A 16 4.03 15.34 -8.47
C GLN A 16 4.12 14.80 -7.04
N ARG A 17 4.46 15.71 -6.14
CA ARG A 17 4.59 15.34 -4.74
C ARG A 17 3.22 15.21 -4.09
N LYS A 18 2.23 15.80 -4.75
CA LYS A 18 0.86 15.74 -4.25
C LYS A 18 0.33 14.31 -4.36
N ARG A 19 0.67 13.68 -5.48
CA ARG A 19 0.24 12.32 -5.72
C ARG A 19 0.76 11.39 -4.62
N LEU A 20 2.08 11.45 -4.43
CA LEU A 20 2.72 10.62 -3.43
C LEU A 20 1.85 10.59 -2.16
N GLN A 21 1.67 11.76 -1.57
CA GLN A 21 0.86 11.87 -0.37
C GLN A 21 -0.53 11.28 -0.61
N GLN A 22 -1.08 11.59 -1.77
CA GLN A 22 -2.41 11.10 -2.12
C GLN A 22 -2.40 9.57 -2.19
N GLN A 23 -1.84 9.06 -3.27
CA GLN A 23 -1.76 7.62 -3.47
C GLN A 23 -1.29 6.93 -2.19
N LEU A 24 -0.55 7.70 -1.39
CA LEU A 24 -0.04 7.17 -0.13
C LEU A 24 -1.20 6.89 0.82
N GLU A 25 -2.08 7.87 0.94
CA GLU A 25 -3.23 7.75 1.81
C GLU A 25 -4.18 6.68 1.28
N GLU A 26 -3.98 6.32 0.02
CA GLU A 26 -4.81 5.32 -0.63
C GLU A 26 -4.16 3.93 -0.48
N ARG A 27 -2.84 3.92 -0.52
CA ARG A 27 -2.10 2.68 -0.40
C ARG A 27 -2.12 2.19 1.06
N SER A 28 -1.87 3.12 1.96
CA SER A 28 -1.86 2.81 3.38
C SER A 28 -3.28 2.53 3.87
N ARG A 29 -4.23 2.74 2.97
CA ARG A 29 -5.64 2.50 3.29
C ARG A 29 -6.01 1.05 2.99
N GLU A 30 -5.78 0.65 1.75
CA GLU A 30 -6.09 -0.71 1.33
C GLU A 30 -5.11 -1.69 1.96
N LEU A 31 -4.11 -1.13 2.64
CA LEU A 31 -3.10 -1.95 3.29
C LEU A 31 -3.55 -2.27 4.71
N GLN A 32 -4.13 -1.27 5.36
CA GLN A 32 -4.60 -1.42 6.72
C GLN A 32 -5.72 -2.46 6.78
N LYS A 33 -6.24 -2.79 5.60
CA LYS A 33 -7.32 -3.76 5.50
C LYS A 33 -6.72 -5.15 5.25
N GLU A 34 -5.43 -5.16 4.96
CA GLU A 34 -4.73 -6.41 4.71
C GLU A 34 -3.89 -6.81 5.92
N VAL A 35 -3.25 -5.81 6.51
CA VAL A 35 -2.41 -6.04 7.67
C VAL A 35 -3.30 -6.23 8.90
N ASP A 36 -4.41 -5.52 8.91
CA ASP A 36 -5.36 -5.59 10.02
C ASP A 36 -5.87 -7.03 10.14
N GLN A 37 -5.94 -7.70 8.99
CA GLN A 37 -6.42 -9.07 8.95
C GLN A 37 -5.24 -10.03 8.77
N ARG A 38 -4.15 -9.49 8.25
CA ARG A 38 -2.96 -10.29 8.01
C ARG A 38 -2.77 -11.30 9.15
N GLU A 39 -2.83 -10.79 10.37
CA GLU A 39 -2.67 -11.62 11.54
C GLU A 39 -3.96 -12.40 11.82
N ALA A 40 -5.08 -11.76 11.52
CA ALA A 40 -6.38 -12.39 11.73
C ALA A 40 -6.40 -13.76 11.06
N LEU A 41 -5.91 -13.78 9.83
CA LEU A 41 -5.87 -15.01 9.06
C LEU A 41 -5.26 -16.12 9.93
N LYS A 42 -4.00 -15.94 10.25
CA LYS A 42 -3.29 -16.92 11.07
C LYS A 42 -4.10 -17.21 12.34
N LYS A 43 -4.97 -16.26 12.67
CA LYS A 43 -5.81 -16.40 13.84
C LYS A 43 -7.03 -17.25 13.49
N MET A 44 -7.48 -17.11 12.26
CA MET A 44 -8.63 -17.86 11.79
C MET A 44 -8.29 -19.35 11.64
N LYS A 45 -7.02 -19.66 11.83
CA LYS A 45 -6.55 -21.03 11.72
C LYS A 45 -6.71 -21.72 13.08
N ASP A 46 -6.05 -21.16 14.07
CA ASP A 46 -6.11 -21.71 15.42
C ASP A 46 -7.58 -21.96 15.80
N VAL A 47 -8.40 -20.96 15.54
CA VAL A 47 -9.82 -21.07 15.85
C VAL A 47 -10.39 -22.31 15.16
N TYR A 48 -9.92 -22.54 13.95
CA TYR A 48 -10.38 -23.70 13.18
C TYR A 48 -9.60 -24.96 13.56
N GLU A 49 -8.47 -24.74 14.23
CA GLU A 49 -7.62 -25.84 14.65
C GLU A 49 -8.24 -26.54 15.87
N LYS A 50 -8.89 -25.74 16.70
CA LYS A 50 -9.52 -26.27 17.90
C LYS A 50 -11.04 -26.28 17.72
N THR A 51 -11.53 -25.24 17.05
CA THR A 51 -12.95 -25.11 16.81
C THR A 51 -13.22 -25.06 15.30
N PRO A 52 -13.27 -26.27 14.68
CA PRO A 52 -13.52 -26.37 13.26
C PRO A 52 -15.00 -26.11 12.94
N GLN A 53 -15.76 -25.84 13.99
CA GLN A 53 -17.18 -25.58 13.83
C GLN A 53 -17.40 -24.14 13.34
N MET A 54 -16.29 -23.43 13.16
CA MET A 54 -16.35 -22.06 12.69
C MET A 54 -16.17 -21.99 11.17
N GLY A 55 -15.13 -22.67 10.71
CA GLY A 55 -14.82 -22.69 9.29
C GLY A 55 -13.70 -23.68 8.98
N ASP A 56 -13.12 -23.52 7.79
CA ASP A 56 -12.03 -24.39 7.37
C ASP A 56 -10.74 -23.58 7.29
N PRO A 57 -9.66 -24.16 7.87
CA PRO A 57 -8.37 -23.50 7.86
C PRO A 57 -7.71 -23.60 6.49
N ALA A 58 -8.10 -24.64 5.75
CA ALA A 58 -7.56 -24.85 4.42
C ALA A 58 -7.98 -23.70 3.51
N SER A 59 -8.96 -22.94 3.98
CA SER A 59 -9.47 -21.81 3.22
C SER A 59 -8.79 -20.52 3.68
N LEU A 60 -7.80 -20.68 4.56
CA LEU A 60 -7.07 -19.55 5.08
C LEU A 60 -5.67 -19.55 4.48
N GLU A 61 -5.36 -20.61 3.76
CA GLU A 61 -4.06 -20.73 3.13
C GLU A 61 -3.96 -19.83 1.90
N PRO A 62 -5.03 -19.90 1.06
CA PRO A 62 -5.08 -19.09 -0.15
C PRO A 62 -5.39 -17.63 0.18
N GLN A 63 -5.70 -17.40 1.44
CA GLN A 63 -6.03 -16.05 1.89
C GLN A 63 -4.81 -15.42 2.56
N ILE A 64 -4.05 -16.25 3.25
CA ILE A 64 -2.85 -15.79 3.94
C ILE A 64 -1.83 -15.32 2.91
N ALA A 65 -1.46 -16.23 2.03
CA ALA A 65 -0.48 -15.92 1.00
C ALA A 65 -1.02 -14.78 0.12
N GLU A 66 -2.31 -14.54 0.25
CA GLU A 66 -2.95 -13.48 -0.52
C GLU A 66 -2.79 -12.15 0.20
N THR A 67 -2.81 -12.20 1.52
CA THR A 67 -2.67 -11.01 2.33
C THR A 67 -1.19 -10.69 2.56
N LEU A 68 -0.37 -11.73 2.46
CA LEU A 68 1.06 -11.56 2.65
C LEU A 68 1.66 -10.93 1.40
N SER A 69 1.42 -11.58 0.27
CA SER A 69 1.94 -11.09 -1.00
C SER A 69 1.31 -9.73 -1.33
N ASN A 70 0.21 -9.45 -0.65
CA ASN A 70 -0.51 -8.20 -0.87
C ASN A 70 0.03 -7.14 0.09
N ILE A 71 0.72 -7.61 1.12
CA ILE A 71 1.29 -6.71 2.12
C ILE A 71 2.66 -6.21 1.62
N GLU A 72 3.43 -7.15 1.10
CA GLU A 72 4.75 -6.82 0.58
C GLU A 72 4.64 -5.92 -0.65
N ARG A 73 3.47 -5.99 -1.28
CA ARG A 73 3.22 -5.19 -2.47
C ARG A 73 2.50 -3.90 -2.10
N LEU A 74 2.09 -3.83 -0.83
CA LEU A 74 1.40 -2.65 -0.34
C LEU A 74 2.39 -1.73 0.36
N LYS A 75 2.77 -2.12 1.57
CA LYS A 75 3.71 -1.35 2.36
C LYS A 75 4.82 -0.82 1.44
N LEU A 76 5.37 -1.72 0.65
CA LEU A 76 6.43 -1.36 -0.28
C LEU A 76 6.04 -0.09 -1.03
N GLU A 77 4.87 -0.15 -1.64
CA GLU A 77 4.36 0.98 -2.40
C GLU A 77 4.10 2.17 -1.47
N VAL A 78 3.76 1.85 -0.24
CA VAL A 78 3.49 2.88 0.75
C VAL A 78 4.82 3.44 1.27
N GLN A 79 5.90 2.83 0.81
CA GLN A 79 7.23 3.26 1.22
C GLN A 79 7.85 4.15 0.14
N LYS A 80 7.96 3.58 -1.06
CA LYS A 80 8.52 4.31 -2.18
C LYS A 80 8.00 5.74 -2.17
N TYR A 81 6.70 5.86 -1.93
CA TYR A 81 6.06 7.16 -1.90
C TYR A 81 6.64 8.03 -0.79
N GLU A 82 6.53 7.53 0.43
CA GLU A 82 7.04 8.25 1.59
C GLU A 82 8.50 8.63 1.36
N ALA A 83 9.14 7.93 0.44
CA ALA A 83 10.53 8.19 0.13
C ALA A 83 10.62 9.06 -1.12
N TRP A 84 9.55 9.01 -1.90
CA TRP A 84 9.49 9.78 -3.13
C TRP A 84 9.31 11.25 -2.76
N LEU A 85 8.51 11.47 -1.72
CA LEU A 85 8.24 12.83 -1.26
C LEU A 85 9.54 13.64 -1.29
N ALA A 86 10.61 13.00 -0.82
CA ALA A 86 11.90 13.66 -0.81
C ALA A 86 12.53 13.60 -2.20
N GLU A 87 12.32 12.47 -2.87
CA GLU A 87 12.85 12.29 -4.21
C GLU A 87 12.19 13.27 -5.18
N ALA A 88 11.08 13.86 -4.73
CA ALA A 88 10.36 14.81 -5.54
C ALA A 88 10.62 16.23 -5.02
N GLU A 89 10.19 16.46 -3.79
CA GLU A 89 10.38 17.76 -3.17
C GLU A 89 11.78 18.30 -3.48
N SER A 90 12.75 17.39 -3.49
CA SER A 90 14.12 17.75 -3.77
C SER A 90 14.16 18.81 -4.88
N ARG A 91 13.41 18.54 -5.94
CA ARG A 91 13.36 19.44 -7.08
C ARG A 91 12.88 20.82 -6.62
N VAL A 92 11.82 20.82 -5.84
CA VAL A 92 11.25 22.06 -5.34
C VAL A 92 12.34 22.85 -4.61
N LEU A 93 12.77 22.31 -3.48
CA LEU A 93 13.80 22.95 -2.68
C LEU A 93 14.88 23.51 -3.61
N SER A 94 15.41 22.63 -4.44
CA SER A 94 16.45 23.03 -5.39
C SER A 94 16.04 24.31 -6.10
N ASN A 95 14.92 24.23 -6.81
CA ASN A 95 14.42 25.36 -7.56
C ASN A 95 14.12 26.51 -6.58
N ARG A 96 14.63 27.68 -6.91
CA ARG A 96 14.43 28.85 -6.08
C ARG A 96 12.98 29.35 -6.20
N GLY A 97 12.74 30.50 -5.59
CA GLY A 97 11.40 31.08 -5.63
C GLY A 97 11.39 32.45 -4.93
N ASP A 98 12.22 33.34 -5.45
CA ASP A 98 12.31 34.68 -4.89
C ASP A 98 11.31 35.59 -5.59
N GLY A 1 -8.90 -2.07 -14.66
CA GLY A 1 -9.63 -0.83 -14.51
C GLY A 1 -10.04 -0.26 -15.86
N PRO A 2 -10.85 0.83 -15.80
CA PRO A 2 -11.32 1.48 -17.02
C PRO A 2 -10.20 2.31 -17.66
N HIS A 3 -9.97 3.48 -17.07
CA HIS A 3 -8.94 4.37 -17.57
C HIS A 3 -7.96 4.71 -16.45
N MET A 4 -7.06 5.63 -16.74
CA MET A 4 -6.07 6.05 -15.77
C MET A 4 -5.96 7.57 -15.72
N THR A 5 -5.53 8.06 -14.56
CA THR A 5 -5.37 9.49 -14.37
C THR A 5 -4.37 10.06 -15.38
N GLU A 6 -3.68 11.10 -14.95
CA GLU A 6 -2.69 11.75 -15.79
C GLU A 6 -1.27 11.40 -15.32
N ASP A 7 -0.65 10.48 -16.06
CA ASP A 7 0.70 10.05 -15.72
C ASP A 7 1.49 11.25 -15.20
N PHE A 8 1.98 11.10 -13.97
CA PHE A 8 2.75 12.16 -13.35
C PHE A 8 4.19 12.18 -13.88
N SER A 9 4.43 11.32 -14.85
CA SER A 9 5.75 11.22 -15.46
C SER A 9 5.91 12.30 -16.52
N HIS A 10 4.92 13.17 -16.59
CA HIS A 10 4.93 14.25 -17.57
C HIS A 10 4.73 15.59 -16.86
N LEU A 11 4.98 15.57 -15.55
CA LEU A 11 4.83 16.76 -14.74
C LEU A 11 6.05 16.91 -13.83
N PRO A 12 6.19 18.13 -13.24
CA PRO A 12 7.30 18.40 -12.34
C PRO A 12 7.09 17.74 -10.98
N PRO A 13 8.16 17.76 -10.15
CA PRO A 13 8.10 17.16 -8.83
C PRO A 13 7.30 18.03 -7.87
N GLU A 14 6.77 19.12 -8.41
CA GLU A 14 5.98 20.05 -7.61
C GLU A 14 4.54 19.54 -7.49
N GLN A 15 3.95 19.25 -8.63
CA GLN A 15 2.59 18.76 -8.67
C GLN A 15 2.57 17.23 -8.69
N GLN A 16 3.76 16.66 -8.79
CA GLN A 16 3.90 15.21 -8.82
C GLN A 16 4.02 14.66 -7.40
N ARG A 17 4.67 15.44 -6.55
CA ARG A 17 4.86 15.06 -5.16
C ARG A 17 3.51 14.97 -4.44
N LYS A 18 2.63 15.88 -4.81
CA LYS A 18 1.30 15.93 -4.20
C LYS A 18 0.62 14.58 -4.38
N ARG A 19 0.94 13.93 -5.49
CA ARG A 19 0.36 12.63 -5.80
C ARG A 19 0.91 11.57 -4.83
N LEU A 20 2.22 11.65 -4.59
CA LEU A 20 2.87 10.71 -3.69
C LEU A 20 2.23 10.81 -2.31
N GLN A 21 2.57 11.87 -1.61
CA GLN A 21 2.03 12.10 -0.28
C GLN A 21 0.55 11.71 -0.23
N GLN A 22 -0.12 11.91 -1.35
CA GLN A 22 -1.53 11.59 -1.45
C GLN A 22 -1.74 10.08 -1.34
N GLN A 23 -1.23 9.37 -2.34
CA GLN A 23 -1.35 7.92 -2.37
C GLN A 23 -0.58 7.30 -1.20
N LEU A 24 0.21 8.13 -0.56
CA LEU A 24 1.01 7.67 0.57
C LEU A 24 0.07 7.19 1.68
N GLU A 25 -0.73 8.12 2.17
CA GLU A 25 -1.68 7.80 3.23
C GLU A 25 -2.50 6.56 2.87
N GLU A 26 -2.55 6.29 1.56
CA GLU A 26 -3.29 5.15 1.07
C GLU A 26 -2.53 3.85 1.36
N ARG A 27 -1.42 3.68 0.63
CA ARG A 27 -0.60 2.50 0.80
C ARG A 27 -0.50 2.13 2.28
N SER A 28 -0.36 3.15 3.11
CA SER A 28 -0.25 2.94 4.55
C SER A 28 -1.61 2.56 5.12
N ARG A 29 -2.63 3.28 4.66
CA ARG A 29 -3.99 3.03 5.13
C ARG A 29 -4.36 1.55 4.92
N GLU A 30 -4.05 1.07 3.72
CA GLU A 30 -4.34 -0.31 3.38
C GLU A 30 -3.28 -1.24 3.97
N LEU A 31 -2.36 -0.64 4.72
CA LEU A 31 -1.30 -1.40 5.34
C LEU A 31 -1.78 -1.95 6.68
N GLN A 32 -2.14 -1.03 7.57
CA GLN A 32 -2.61 -1.41 8.89
C GLN A 32 -3.89 -2.24 8.77
N LYS A 33 -4.47 -2.21 7.58
CA LYS A 33 -5.69 -2.96 7.32
C LYS A 33 -5.34 -4.40 6.94
N GLU A 34 -4.10 -4.58 6.50
CA GLU A 34 -3.62 -5.90 6.12
C GLU A 34 -2.95 -6.59 7.30
N VAL A 35 -2.18 -5.81 8.05
CA VAL A 35 -1.48 -6.32 9.21
C VAL A 35 -2.49 -6.59 10.33
N ASP A 36 -3.58 -5.84 10.30
CA ASP A 36 -4.62 -5.98 11.30
C ASP A 36 -5.35 -7.30 11.09
N GLN A 37 -5.36 -7.75 9.84
CA GLN A 37 -6.01 -9.01 9.50
C GLN A 37 -4.98 -10.13 9.37
N ARG A 38 -3.75 -9.72 9.09
CA ARG A 38 -2.67 -10.69 8.95
C ARG A 38 -2.84 -11.83 9.94
N GLU A 39 -2.71 -11.50 11.22
CA GLU A 39 -2.85 -12.49 12.27
C GLU A 39 -4.29 -13.00 12.33
N ALA A 40 -5.21 -12.18 11.86
CA ALA A 40 -6.61 -12.53 11.85
C ALA A 40 -6.80 -13.77 10.96
N LEU A 41 -6.07 -13.78 9.86
CA LEU A 41 -6.15 -14.88 8.92
C LEU A 41 -5.87 -16.20 9.65
N LYS A 42 -4.83 -16.16 10.47
CA LYS A 42 -4.44 -17.34 11.23
C LYS A 42 -5.57 -17.72 12.19
N LYS A 43 -6.39 -16.73 12.50
CA LYS A 43 -7.51 -16.94 13.41
C LYS A 43 -8.66 -17.59 12.63
N MET A 44 -8.79 -17.18 11.38
CA MET A 44 -9.84 -17.71 10.53
C MET A 44 -9.63 -19.19 10.24
N LYS A 45 -8.46 -19.68 10.65
CA LYS A 45 -8.12 -21.08 10.45
C LYS A 45 -8.62 -21.90 11.64
N ASP A 46 -8.18 -21.49 12.83
CA ASP A 46 -8.58 -22.18 14.05
C ASP A 46 -10.11 -22.33 14.06
N VAL A 47 -10.78 -21.26 13.69
CA VAL A 47 -12.23 -21.27 13.66
C VAL A 47 -12.72 -22.49 12.88
N TYR A 48 -11.94 -22.86 11.88
CA TYR A 48 -12.29 -24.00 11.05
C TYR A 48 -11.64 -25.28 11.59
N GLU A 49 -10.56 -25.10 12.33
CA GLU A 49 -9.84 -26.22 12.90
C GLU A 49 -10.71 -26.91 13.97
N LYS A 50 -11.62 -26.12 14.54
CA LYS A 50 -12.51 -26.64 15.56
C LYS A 50 -13.94 -26.61 15.04
N THR A 51 -14.24 -25.57 14.28
CA THR A 51 -15.58 -25.41 13.71
C THR A 51 -15.49 -25.15 12.21
N PRO A 52 -15.47 -26.27 11.42
CA PRO A 52 -15.38 -26.17 9.98
C PRO A 52 -16.73 -25.73 9.39
N GLN A 53 -17.70 -25.53 10.27
CA GLN A 53 -19.03 -25.12 9.85
C GLN A 53 -19.05 -23.61 9.59
N MET A 54 -17.89 -22.99 9.75
CA MET A 54 -17.76 -21.56 9.54
C MET A 54 -17.27 -21.25 8.11
N GLY A 55 -16.21 -21.96 7.73
CA GLY A 55 -15.63 -21.78 6.41
C GLY A 55 -14.51 -22.80 6.15
N ASP A 56 -13.72 -22.53 5.13
CA ASP A 56 -12.62 -23.40 4.78
C ASP A 56 -11.30 -22.68 5.01
N PRO A 57 -10.35 -23.42 5.65
CA PRO A 57 -9.04 -22.86 5.94
C PRO A 57 -8.18 -22.77 4.68
N ALA A 58 -8.52 -23.62 3.71
CA ALA A 58 -7.79 -23.65 2.46
C ALA A 58 -8.04 -22.33 1.71
N SER A 59 -8.99 -21.58 2.20
CA SER A 59 -9.33 -20.30 1.59
C SER A 59 -8.62 -19.16 2.33
N LEU A 60 -7.80 -19.54 3.29
CA LEU A 60 -7.07 -18.57 4.08
C LEU A 60 -5.58 -18.63 3.70
N GLU A 61 -5.26 -19.60 2.85
CA GLU A 61 -3.89 -19.78 2.40
C GLU A 61 -3.54 -18.74 1.34
N PRO A 62 -4.46 -18.59 0.34
CA PRO A 62 -4.26 -17.64 -0.73
C PRO A 62 -4.50 -16.21 -0.26
N GLN A 63 -4.96 -16.11 0.98
CA GLN A 63 -5.24 -14.81 1.57
C GLN A 63 -4.10 -14.38 2.48
N ILE A 64 -3.51 -15.37 3.14
CA ILE A 64 -2.40 -15.10 4.04
C ILE A 64 -1.21 -14.58 3.24
N ALA A 65 -0.62 -15.47 2.44
CA ALA A 65 0.51 -15.10 1.62
C ALA A 65 0.20 -13.81 0.87
N GLU A 66 -1.09 -13.56 0.69
CA GLU A 66 -1.53 -12.37 -0.01
C GLU A 66 -1.32 -11.13 0.87
N THR A 67 -1.61 -11.29 2.14
CA THR A 67 -1.46 -10.20 3.09
C THR A 67 0.02 -9.98 3.41
N LEU A 68 0.80 -11.04 3.25
CA LEU A 68 2.22 -10.96 3.51
C LEU A 68 2.95 -10.52 2.24
N SER A 69 2.34 -10.84 1.10
CA SER A 69 2.93 -10.48 -0.18
C SER A 69 2.46 -9.07 -0.59
N ASN A 70 1.50 -8.57 0.17
CA ASN A 70 0.96 -7.24 -0.12
C ASN A 70 1.55 -6.25 0.88
N ILE A 71 1.56 -6.65 2.15
CA ILE A 71 2.07 -5.80 3.21
C ILE A 71 3.51 -5.40 2.86
N GLU A 72 4.24 -6.34 2.28
CA GLU A 72 5.62 -6.10 1.90
C GLU A 72 5.69 -5.02 0.82
N ARG A 73 4.57 -4.86 0.11
CA ARG A 73 4.49 -3.87 -0.95
C ARG A 73 3.87 -2.58 -0.42
N LEU A 74 3.05 -2.73 0.61
CA LEU A 74 2.38 -1.58 1.22
C LEU A 74 3.43 -0.71 1.90
N LYS A 75 4.23 -1.33 2.75
CA LYS A 75 5.26 -0.62 3.47
C LYS A 75 6.34 -0.16 2.49
N LEU A 76 6.69 -1.06 1.57
CA LEU A 76 7.70 -0.77 0.58
C LEU A 76 7.29 0.48 -0.20
N GLU A 77 6.09 0.44 -0.74
CA GLU A 77 5.58 1.57 -1.51
C GLU A 77 5.47 2.81 -0.63
N VAL A 78 5.36 2.57 0.67
CA VAL A 78 5.25 3.65 1.63
C VAL A 78 6.65 4.08 2.07
N GLN A 79 7.64 3.33 1.60
CA GLN A 79 9.02 3.62 1.94
C GLN A 79 9.70 4.39 0.80
N LYS A 80 9.03 4.40 -0.35
CA LYS A 80 9.55 5.09 -1.51
C LYS A 80 8.89 6.47 -1.61
N TYR A 81 7.59 6.49 -1.36
CA TYR A 81 6.83 7.72 -1.43
C TYR A 81 7.34 8.74 -0.40
N GLU A 82 7.27 8.34 0.86
CA GLU A 82 7.73 9.18 1.95
C GLU A 82 9.17 9.64 1.70
N ALA A 83 9.85 8.90 0.84
CA ALA A 83 11.23 9.21 0.51
C ALA A 83 11.27 9.99 -0.81
N TRP A 84 10.20 9.85 -1.58
CA TRP A 84 10.09 10.54 -2.86
C TRP A 84 9.82 12.01 -2.58
N LEU A 85 8.95 12.25 -1.61
CA LEU A 85 8.59 13.61 -1.25
C LEU A 85 9.83 14.50 -1.30
N ALA A 86 10.92 13.97 -0.78
CA ALA A 86 12.17 14.69 -0.76
C ALA A 86 12.84 14.59 -2.14
N GLU A 87 12.76 13.40 -2.71
CA GLU A 87 13.35 13.16 -4.02
C GLU A 87 12.67 14.04 -5.08
N ALA A 88 11.51 14.57 -4.70
CA ALA A 88 10.76 15.43 -5.60
C ALA A 88 10.91 16.88 -5.15
N GLU A 89 10.42 17.16 -3.95
CA GLU A 89 10.49 18.50 -3.40
C GLU A 89 11.83 19.14 -3.75
N SER A 90 12.90 18.43 -3.44
CA SER A 90 14.24 18.92 -3.71
C SER A 90 14.33 19.40 -5.16
N ARG A 91 13.86 18.56 -6.06
CA ARG A 91 13.88 18.88 -7.48
C ARG A 91 13.07 20.15 -7.75
N VAL A 92 12.03 20.32 -6.95
CA VAL A 92 11.16 21.49 -7.08
C VAL A 92 11.92 22.74 -6.64
N LEU A 93 12.25 22.78 -5.36
CA LEU A 93 12.97 23.91 -4.80
C LEU A 93 14.10 24.31 -5.76
N SER A 94 14.83 23.30 -6.20
CA SER A 94 15.94 23.54 -7.13
C SER A 94 15.54 24.57 -8.18
N ASN A 95 14.40 24.32 -8.81
CA ASN A 95 13.90 25.22 -9.83
C ASN A 95 13.07 26.33 -9.17
N ARG A 96 13.39 27.56 -9.53
CA ARG A 96 12.68 28.71 -8.99
C ARG A 96 11.57 29.16 -9.94
N GLY A 97 11.56 28.54 -11.12
CA GLY A 97 10.56 28.87 -12.12
C GLY A 97 11.12 29.88 -13.13
N ASP A 98 12.17 30.57 -12.71
CA ASP A 98 12.80 31.56 -13.55
C ASP A 98 14.13 31.03 -14.06
N GLY A 1 -14.83 8.79 -2.21
CA GLY A 1 -13.81 7.79 -2.48
C GLY A 1 -13.50 7.71 -3.98
N PRO A 2 -12.98 8.84 -4.52
CA PRO A 2 -12.64 8.91 -5.93
C PRO A 2 -11.36 8.13 -6.23
N HIS A 3 -10.97 8.15 -7.50
CA HIS A 3 -9.77 7.45 -7.92
C HIS A 3 -8.81 8.44 -8.57
N MET A 4 -7.78 7.89 -9.21
CA MET A 4 -6.79 8.71 -9.87
C MET A 4 -6.61 8.28 -11.33
N THR A 5 -5.69 8.95 -12.01
CA THR A 5 -5.41 8.65 -13.40
C THR A 5 -4.93 7.21 -13.55
N GLU A 6 -4.19 6.97 -14.62
CA GLU A 6 -3.67 5.64 -14.89
C GLU A 6 -2.19 5.56 -14.50
N ASP A 7 -1.36 6.22 -15.28
CA ASP A 7 0.07 6.23 -15.02
C ASP A 7 0.49 7.64 -14.58
N PHE A 8 1.27 7.68 -13.51
CA PHE A 8 1.75 8.94 -12.98
C PHE A 8 3.28 8.99 -12.99
N SER A 9 3.86 8.14 -13.81
CA SER A 9 5.31 8.07 -13.91
C SER A 9 5.78 8.86 -15.14
N HIS A 10 4.84 9.62 -15.71
CA HIS A 10 5.14 10.42 -16.88
C HIS A 10 4.67 11.86 -16.66
N LEU A 11 4.54 12.21 -15.39
CA LEU A 11 4.10 13.55 -15.02
C LEU A 11 5.30 14.36 -14.53
N PRO A 12 5.06 15.68 -14.36
CA PRO A 12 6.11 16.58 -13.90
C PRO A 12 6.35 16.40 -12.39
N PRO A 13 7.41 17.10 -11.90
CA PRO A 13 7.75 17.03 -10.49
C PRO A 13 6.78 17.85 -9.64
N GLU A 14 6.25 18.90 -10.25
CA GLU A 14 5.30 19.77 -9.56
C GLU A 14 3.98 19.02 -9.33
N GLN A 15 3.70 18.08 -10.22
CA GLN A 15 2.48 17.30 -10.13
C GLN A 15 2.76 15.96 -9.44
N GLN A 16 3.97 15.45 -9.66
CA GLN A 16 4.37 14.19 -9.08
C GLN A 16 4.27 14.25 -7.55
N ARG A 17 5.15 15.05 -6.96
CA ARG A 17 5.16 15.19 -5.52
C ARG A 17 3.74 15.35 -4.98
N LYS A 18 2.93 16.08 -5.75
CA LYS A 18 1.55 16.31 -5.37
C LYS A 18 0.87 14.97 -5.08
N ARG A 19 1.04 14.04 -6.01
CA ARG A 19 0.45 12.73 -5.87
C ARG A 19 1.18 11.93 -4.78
N LEU A 20 2.50 12.02 -4.82
CA LEU A 20 3.33 11.31 -3.85
C LEU A 20 2.66 11.39 -2.48
N GLN A 21 2.32 12.60 -2.08
CA GLN A 21 1.67 12.82 -0.80
C GLN A 21 0.26 12.23 -0.79
N GLN A 22 -0.45 12.46 -1.89
CA GLN A 22 -1.80 11.95 -2.04
C GLN A 22 -1.79 10.42 -1.99
N GLN A 23 -1.31 9.82 -3.08
CA GLN A 23 -1.24 8.37 -3.16
C GLN A 23 -0.68 7.78 -1.87
N LEU A 24 0.33 8.44 -1.35
CA LEU A 24 0.96 7.99 -0.12
C LEU A 24 -0.11 7.63 0.90
N GLU A 25 -1.00 8.58 1.14
CA GLU A 25 -2.09 8.37 2.08
C GLU A 25 -2.95 7.19 1.65
N GLU A 26 -2.99 6.96 0.35
CA GLU A 26 -3.76 5.86 -0.20
C GLU A 26 -3.09 4.52 0.13
N ARG A 27 -1.79 4.48 -0.08
CA ARG A 27 -1.03 3.27 0.19
C ARG A 27 -1.04 2.97 1.69
N SER A 28 -0.90 4.03 2.47
CA SER A 28 -0.88 3.89 3.92
C SER A 28 -2.31 3.71 4.44
N ARG A 29 -3.25 3.70 3.51
CA ARG A 29 -4.66 3.54 3.86
C ARG A 29 -5.07 2.07 3.69
N GLU A 30 -4.40 1.41 2.77
CA GLU A 30 -4.69 0.00 2.49
C GLU A 30 -3.67 -0.90 3.18
N LEU A 31 -2.78 -0.26 3.94
CA LEU A 31 -1.76 -1.00 4.65
C LEU A 31 -2.36 -1.58 5.94
N GLN A 32 -2.58 -0.70 6.90
CA GLN A 32 -3.14 -1.12 8.17
C GLN A 32 -4.29 -2.11 7.95
N LYS A 33 -4.92 -1.99 6.79
CA LYS A 33 -6.04 -2.85 6.45
C LYS A 33 -5.52 -4.30 6.36
N GLU A 34 -4.40 -4.46 5.66
CA GLU A 34 -3.82 -5.77 5.48
C GLU A 34 -3.32 -6.31 6.83
N VAL A 35 -2.69 -5.44 7.59
CA VAL A 35 -2.17 -5.82 8.89
C VAL A 35 -3.34 -6.01 9.87
N ASP A 36 -4.47 -5.41 9.51
CA ASP A 36 -5.66 -5.52 10.33
C ASP A 36 -6.29 -6.89 10.16
N GLN A 37 -6.03 -7.49 9.00
CA GLN A 37 -6.55 -8.81 8.70
C GLN A 37 -5.46 -9.87 8.85
N ARG A 38 -4.22 -9.42 8.75
CA ARG A 38 -3.09 -10.31 8.88
C ARG A 38 -3.35 -11.36 9.97
N GLU A 39 -3.49 -10.87 11.19
CA GLU A 39 -3.74 -11.75 12.32
C GLU A 39 -5.15 -12.34 12.22
N ALA A 40 -5.99 -11.64 11.47
CA ALA A 40 -7.37 -12.09 11.29
C ALA A 40 -7.38 -13.41 10.52
N LEU A 41 -6.46 -13.50 9.55
CA LEU A 41 -6.35 -14.70 8.74
C LEU A 41 -6.18 -15.92 9.65
N LYS A 42 -5.29 -15.77 10.63
CA LYS A 42 -5.02 -16.83 11.57
C LYS A 42 -6.33 -17.26 12.25
N LYS A 43 -7.12 -16.26 12.60
CA LYS A 43 -8.39 -16.51 13.25
C LYS A 43 -9.33 -17.22 12.27
N MET A 44 -9.25 -16.82 11.02
CA MET A 44 -10.07 -17.41 9.98
C MET A 44 -9.77 -18.90 9.81
N LYS A 45 -8.67 -19.33 10.44
CA LYS A 45 -8.26 -20.71 10.38
C LYS A 45 -8.96 -21.51 11.48
N ASP A 46 -8.78 -21.03 12.70
CA ASP A 46 -9.38 -21.69 13.85
C ASP A 46 -10.88 -21.90 13.59
N VAL A 47 -11.50 -20.88 13.04
CA VAL A 47 -12.92 -20.94 12.73
C VAL A 47 -13.20 -22.19 11.89
N TYR A 48 -12.22 -22.54 11.07
CA TYR A 48 -12.35 -23.72 10.23
C TYR A 48 -11.80 -24.96 10.92
N GLU A 49 -10.86 -24.73 11.82
CA GLU A 49 -10.25 -25.83 12.55
C GLU A 49 -11.30 -26.54 13.41
N LYS A 50 -12.36 -25.81 13.73
CA LYS A 50 -13.43 -26.35 14.54
C LYS A 50 -14.72 -26.38 13.71
N THR A 51 -14.89 -25.34 12.91
CA THR A 51 -16.07 -25.24 12.06
C THR A 51 -15.67 -24.91 10.62
N PRO A 52 -15.05 -25.92 9.95
CA PRO A 52 -14.61 -25.75 8.58
C PRO A 52 -15.80 -25.79 7.61
N GLN A 53 -16.97 -25.95 8.19
CA GLN A 53 -18.19 -26.01 7.39
C GLN A 53 -18.53 -24.63 6.83
N MET A 54 -17.74 -23.65 7.24
CA MET A 54 -17.94 -22.28 6.79
C MET A 54 -16.74 -21.79 5.97
N GLY A 55 -15.72 -22.63 5.92
CA GLY A 55 -14.52 -22.30 5.17
C GLY A 55 -13.40 -23.30 5.47
N ASP A 56 -12.29 -23.13 4.76
CA ASP A 56 -11.15 -23.99 4.94
C ASP A 56 -9.90 -23.14 5.20
N PRO A 57 -9.00 -23.70 6.06
CA PRO A 57 -7.77 -23.01 6.40
C PRO A 57 -6.76 -23.07 5.24
N ALA A 58 -6.91 -24.10 4.43
CA ALA A 58 -6.03 -24.28 3.29
C ALA A 58 -6.23 -23.13 2.31
N SER A 59 -7.31 -22.38 2.52
CA SER A 59 -7.62 -21.25 1.67
C SER A 59 -7.18 -19.95 2.34
N LEU A 60 -6.46 -20.10 3.44
CA LEU A 60 -5.97 -18.94 4.18
C LEU A 60 -4.44 -18.89 4.09
N GLU A 61 -3.89 -19.90 3.44
CA GLU A 61 -2.45 -19.99 3.27
C GLU A 61 -1.98 -19.02 2.18
N PRO A 62 -2.69 -19.07 1.03
CA PRO A 62 -2.35 -18.21 -0.10
C PRO A 62 -2.81 -16.77 0.16
N GLN A 63 -3.52 -16.59 1.27
CA GLN A 63 -4.01 -15.28 1.64
C GLN A 63 -3.10 -14.65 2.70
N ILE A 64 -2.54 -15.51 3.54
CA ILE A 64 -1.66 -15.05 4.59
C ILE A 64 -0.36 -14.54 3.97
N ALA A 65 0.36 -15.45 3.35
CA ALA A 65 1.62 -15.10 2.70
C ALA A 65 1.40 -13.92 1.77
N GLU A 66 0.15 -13.74 1.36
CA GLU A 66 -0.21 -12.66 0.47
C GLU A 66 -0.22 -11.33 1.22
N THR A 67 -0.72 -11.39 2.44
CA THR A 67 -0.80 -10.20 3.29
C THR A 67 0.58 -9.85 3.84
N LEU A 68 1.43 -10.87 3.94
CA LEU A 68 2.77 -10.69 4.45
C LEU A 68 3.69 -10.27 3.31
N SER A 69 3.32 -10.69 2.10
CA SER A 69 4.10 -10.38 0.93
C SER A 69 3.60 -9.09 0.29
N ASN A 70 2.38 -8.73 0.63
CA ASN A 70 1.76 -7.51 0.11
C ASN A 70 2.10 -6.33 1.02
N ILE A 71 1.80 -6.51 2.30
CA ILE A 71 2.06 -5.48 3.28
C ILE A 71 3.45 -4.89 3.03
N GLU A 72 4.32 -5.72 2.48
CA GLU A 72 5.68 -5.29 2.18
C GLU A 72 5.67 -4.21 1.09
N ARG A 73 5.00 -4.54 0.00
CA ARG A 73 4.91 -3.61 -1.13
C ARG A 73 4.20 -2.32 -0.70
N LEU A 74 3.22 -2.49 0.19
CA LEU A 74 2.47 -1.36 0.69
C LEU A 74 3.41 -0.38 1.40
N LYS A 75 3.88 -0.80 2.56
CA LYS A 75 4.79 0.01 3.35
C LYS A 75 5.88 0.57 2.43
N LEU A 76 6.61 -0.35 1.81
CA LEU A 76 7.69 0.03 0.92
C LEU A 76 7.22 1.18 0.03
N GLU A 77 6.08 0.96 -0.63
CA GLU A 77 5.51 1.96 -1.51
C GLU A 77 5.19 3.24 -0.73
N VAL A 78 4.82 3.05 0.53
CA VAL A 78 4.49 4.17 1.38
C VAL A 78 5.78 4.85 1.86
N GLN A 79 6.89 4.23 1.51
CA GLN A 79 8.19 4.76 1.89
C GLN A 79 8.82 5.54 0.72
N LYS A 80 8.98 4.84 -0.39
CA LYS A 80 9.55 5.45 -1.59
C LYS A 80 8.98 6.87 -1.76
N TYR A 81 7.66 6.95 -1.65
CA TYR A 81 6.97 8.22 -1.78
C TYR A 81 7.46 9.23 -0.74
N GLU A 82 7.28 8.85 0.52
CA GLU A 82 7.68 9.70 1.62
C GLU A 82 9.16 10.07 1.49
N ALA A 83 9.86 9.27 0.70
CA ALA A 83 11.29 9.50 0.47
C ALA A 83 11.48 10.24 -0.85
N TRP A 84 10.47 10.15 -1.70
CA TRP A 84 10.51 10.80 -3.00
C TRP A 84 10.28 12.31 -2.77
N LEU A 85 9.36 12.59 -1.85
CA LEU A 85 9.04 13.97 -1.54
C LEU A 85 10.32 14.81 -1.53
N ALA A 86 11.36 14.21 -0.97
CA ALA A 86 12.65 14.90 -0.89
C ALA A 86 13.40 14.71 -2.20
N GLU A 87 13.41 13.48 -2.68
CA GLU A 87 14.08 13.15 -3.92
C GLU A 87 13.53 14.02 -5.06
N ALA A 88 12.37 14.59 -4.81
CA ALA A 88 11.73 15.44 -5.80
C ALA A 88 11.87 16.91 -5.39
N GLU A 89 11.40 17.19 -4.18
CA GLU A 89 11.46 18.54 -3.66
C GLU A 89 12.79 19.19 -4.01
N SER A 90 13.85 18.43 -3.84
CA SER A 90 15.19 18.91 -4.15
C SER A 90 15.27 19.34 -5.62
N ARG A 91 14.75 18.47 -6.47
CA ARG A 91 14.76 18.74 -7.90
C ARG A 91 14.09 20.09 -8.19
N VAL A 92 13.01 20.34 -7.46
CA VAL A 92 12.27 21.58 -7.63
C VAL A 92 13.12 22.75 -7.12
N LEU A 93 13.30 22.77 -5.81
CA LEU A 93 14.09 23.82 -5.17
C LEU A 93 15.32 24.12 -6.05
N SER A 94 15.88 23.06 -6.60
CA SER A 94 17.05 23.19 -7.44
C SER A 94 16.67 23.85 -8.78
N ASN A 95 15.59 23.33 -9.36
CA ASN A 95 15.12 23.87 -10.63
C ASN A 95 13.97 24.83 -10.37
N ARG A 96 14.29 25.95 -9.76
CA ARG A 96 13.30 26.97 -9.45
C ARG A 96 13.32 28.08 -10.51
N GLY A 97 12.47 29.07 -10.29
CA GLY A 97 12.37 30.19 -11.21
C GLY A 97 11.00 30.86 -11.13
N ASP A 98 10.97 32.01 -10.46
CA ASP A 98 9.74 32.75 -10.31
C ASP A 98 9.11 32.99 -11.68
N GLY A 1 -10.18 11.40 -7.10
CA GLY A 1 -9.86 11.18 -8.50
C GLY A 1 -11.01 11.63 -9.42
N PRO A 2 -11.05 12.98 -9.65
CA PRO A 2 -12.09 13.54 -10.50
C PRO A 2 -11.81 13.26 -11.97
N HIS A 3 -10.56 13.41 -12.35
CA HIS A 3 -10.15 13.16 -13.73
C HIS A 3 -8.78 12.48 -13.74
N MET A 4 -8.34 12.15 -14.96
CA MET A 4 -7.06 11.49 -15.12
C MET A 4 -6.14 12.31 -16.04
N THR A 5 -4.93 11.80 -16.21
CA THR A 5 -3.95 12.47 -17.06
C THR A 5 -3.49 11.54 -18.18
N GLU A 6 -2.56 12.04 -18.97
CA GLU A 6 -2.04 11.27 -20.10
C GLU A 6 -0.63 10.78 -19.77
N ASP A 7 -0.06 11.32 -18.70
CA ASP A 7 1.27 10.93 -18.28
C ASP A 7 1.64 11.71 -17.02
N PHE A 8 1.82 10.97 -15.93
CA PHE A 8 2.18 11.56 -14.66
C PHE A 8 3.70 11.66 -14.50
N SER A 9 4.37 11.82 -15.64
CA SER A 9 5.81 11.92 -15.63
C SER A 9 6.26 13.02 -16.62
N HIS A 10 5.29 13.83 -17.01
CA HIS A 10 5.56 14.92 -17.94
C HIS A 10 5.45 16.26 -17.21
N LEU A 11 4.85 16.20 -16.03
CA LEU A 11 4.67 17.40 -15.22
C LEU A 11 5.97 17.69 -14.47
N PRO A 12 5.96 18.83 -13.71
CA PRO A 12 7.11 19.23 -12.93
C PRO A 12 7.26 18.36 -11.68
N PRO A 13 8.41 18.55 -10.98
CA PRO A 13 8.69 17.79 -9.77
C PRO A 13 7.84 18.31 -8.60
N GLU A 14 7.04 19.33 -8.89
CA GLU A 14 6.19 19.92 -7.88
C GLU A 14 4.80 19.28 -7.91
N GLN A 15 4.44 18.79 -9.09
CA GLN A 15 3.15 18.16 -9.27
C GLN A 15 3.28 16.63 -9.16
N GLN A 16 4.43 16.14 -9.61
CA GLN A 16 4.69 14.71 -9.57
C GLN A 16 4.76 14.23 -8.12
N ARG A 17 5.18 15.14 -7.25
CA ARG A 17 5.30 14.81 -5.83
C ARG A 17 3.92 14.83 -5.18
N LYS A 18 2.93 15.26 -5.95
CA LYS A 18 1.56 15.33 -5.45
C LYS A 18 0.91 13.95 -5.56
N ARG A 19 0.98 13.39 -6.76
CA ARG A 19 0.40 12.08 -7.01
C ARG A 19 0.87 11.08 -5.94
N LEU A 20 2.11 11.25 -5.52
CA LEU A 20 2.67 10.38 -4.50
C LEU A 20 1.85 10.48 -3.22
N GLN A 21 1.93 11.64 -2.59
CA GLN A 21 1.19 11.88 -1.36
C GLN A 21 -0.20 11.25 -1.44
N GLN A 22 -0.77 11.30 -2.64
CA GLN A 22 -2.09 10.73 -2.86
C GLN A 22 -2.03 9.20 -2.79
N GLN A 23 -1.21 8.63 -3.64
CA GLN A 23 -1.05 7.18 -3.68
C GLN A 23 -0.43 6.68 -2.37
N LEU A 24 0.05 7.63 -1.58
CA LEU A 24 0.66 7.30 -0.31
C LEU A 24 -0.43 6.89 0.69
N GLU A 25 -1.32 7.83 0.95
CA GLU A 25 -2.41 7.58 1.88
C GLU A 25 -3.27 6.41 1.39
N GLU A 26 -3.10 6.10 0.12
CA GLU A 26 -3.84 5.01 -0.48
C GLU A 26 -3.21 3.66 -0.12
N ARG A 27 -1.94 3.54 -0.46
CA ARG A 27 -1.19 2.32 -0.19
C ARG A 27 -1.49 1.83 1.23
N SER A 28 -1.66 2.79 2.13
CA SER A 28 -1.95 2.47 3.52
C SER A 28 -3.42 2.07 3.67
N ARG A 29 -4.27 2.74 2.90
CA ARG A 29 -5.70 2.46 2.93
C ARG A 29 -5.96 0.98 2.63
N GLU A 30 -5.08 0.43 1.80
CA GLU A 30 -5.21 -0.97 1.41
C GLU A 30 -4.38 -1.86 2.35
N LEU A 31 -3.20 -1.36 2.68
CA LEU A 31 -2.30 -2.10 3.56
C LEU A 31 -2.99 -2.35 4.89
N GLN A 32 -3.33 -1.25 5.56
CA GLN A 32 -4.00 -1.34 6.86
C GLN A 32 -5.03 -2.48 6.84
N LYS A 33 -5.57 -2.73 5.66
CA LYS A 33 -6.56 -3.77 5.51
C LYS A 33 -5.88 -5.14 5.61
N GLU A 34 -4.84 -5.31 4.80
CA GLU A 34 -4.10 -6.56 4.79
C GLU A 34 -3.52 -6.84 6.18
N VAL A 35 -2.99 -5.79 6.79
CA VAL A 35 -2.40 -5.92 8.11
C VAL A 35 -3.51 -6.01 9.15
N ASP A 36 -4.68 -5.51 8.77
CA ASP A 36 -5.83 -5.53 9.66
C ASP A 36 -6.37 -6.96 9.75
N GLN A 37 -6.38 -7.63 8.61
CA GLN A 37 -6.86 -9.00 8.55
C GLN A 37 -5.73 -9.97 8.86
N ARG A 38 -4.52 -9.55 8.54
CA ARG A 38 -3.35 -10.38 8.78
C ARG A 38 -3.50 -11.15 10.09
N GLU A 39 -3.55 -10.39 11.19
CA GLU A 39 -3.70 -10.99 12.51
C GLU A 39 -5.02 -11.75 12.60
N ALA A 40 -6.01 -11.26 11.85
CA ALA A 40 -7.31 -11.88 11.84
C ALA A 40 -7.19 -13.30 11.27
N LEU A 41 -6.29 -13.45 10.31
CA LEU A 41 -6.07 -14.74 9.68
C LEU A 41 -5.87 -15.80 10.76
N LYS A 42 -5.12 -15.44 11.78
CA LYS A 42 -4.84 -16.35 12.89
C LYS A 42 -6.17 -16.88 13.43
N LYS A 43 -7.18 -16.03 13.39
CA LYS A 43 -8.50 -16.40 13.88
C LYS A 43 -9.12 -17.42 12.92
N MET A 44 -8.99 -17.14 11.64
CA MET A 44 -9.53 -18.01 10.62
C MET A 44 -9.13 -19.47 10.88
N LYS A 45 -8.05 -19.62 11.63
CA LYS A 45 -7.56 -20.95 11.96
C LYS A 45 -8.31 -21.49 13.18
N ASP A 46 -8.31 -20.69 14.23
CA ASP A 46 -8.98 -21.07 15.47
C ASP A 46 -10.43 -21.47 15.14
N VAL A 47 -11.04 -20.67 14.28
CA VAL A 47 -12.42 -20.93 13.88
C VAL A 47 -12.55 -22.38 13.41
N TYR A 48 -11.46 -22.89 12.86
CA TYR A 48 -11.45 -24.26 12.37
C TYR A 48 -10.88 -25.21 13.42
N GLU A 49 -10.08 -24.65 14.32
CA GLU A 49 -9.48 -25.43 15.38
C GLU A 49 -10.55 -25.94 16.34
N LYS A 50 -11.64 -25.18 16.42
CA LYS A 50 -12.74 -25.54 17.29
C LYS A 50 -13.96 -25.92 16.44
N THR A 51 -14.14 -25.18 15.35
CA THR A 51 -15.25 -25.43 14.46
C THR A 51 -14.75 -25.63 13.03
N PRO A 52 -14.41 -26.91 12.70
CA PRO A 52 -13.91 -27.25 11.38
C PRO A 52 -15.05 -27.25 10.36
N GLN A 53 -16.24 -26.94 10.85
CA GLN A 53 -17.42 -26.91 9.99
C GLN A 53 -17.49 -25.57 9.25
N MET A 54 -16.74 -24.61 9.75
CA MET A 54 -16.71 -23.29 9.13
C MET A 54 -16.00 -23.33 7.78
N GLY A 55 -14.77 -23.80 7.81
CA GLY A 55 -13.97 -23.90 6.59
C GLY A 55 -12.80 -24.87 6.78
N ASP A 56 -11.67 -24.49 6.20
CA ASP A 56 -10.47 -25.31 6.29
C ASP A 56 -9.26 -24.42 6.54
N PRO A 57 -8.39 -24.87 7.47
CA PRO A 57 -7.19 -24.13 7.81
C PRO A 57 -6.13 -24.25 6.70
N ALA A 58 -6.32 -25.25 5.87
CA ALA A 58 -5.40 -25.49 4.77
C ALA A 58 -5.65 -24.47 3.66
N SER A 59 -6.76 -23.75 3.81
CA SER A 59 -7.13 -22.73 2.83
C SER A 59 -6.76 -21.35 3.36
N LEU A 60 -6.07 -21.34 4.48
CA LEU A 60 -5.66 -20.09 5.09
C LEU A 60 -4.13 -19.95 4.98
N GLU A 61 -3.52 -20.98 4.42
CA GLU A 61 -2.08 -20.98 4.24
C GLU A 61 -1.69 -20.07 3.08
N PRO A 62 -2.42 -20.24 1.94
CA PRO A 62 -2.16 -19.45 0.75
C PRO A 62 -2.68 -18.02 0.92
N GLN A 63 -3.40 -17.81 2.02
CA GLN A 63 -3.96 -16.51 2.31
C GLN A 63 -3.09 -15.77 3.32
N ILE A 64 -2.56 -16.53 4.27
CA ILE A 64 -1.70 -15.95 5.30
C ILE A 64 -0.44 -15.41 4.65
N ALA A 65 0.38 -16.32 4.15
CA ALA A 65 1.63 -15.94 3.51
C ALA A 65 1.34 -14.89 2.43
N GLU A 66 0.10 -14.87 1.98
CA GLU A 66 -0.33 -13.93 0.96
C GLU A 66 -0.46 -12.52 1.55
N THR A 67 -0.98 -12.48 2.77
CA THR A 67 -1.17 -11.22 3.45
C THR A 67 0.18 -10.62 3.85
N LEU A 68 1.09 -11.49 4.25
CA LEU A 68 2.41 -11.06 4.66
C LEU A 68 3.18 -10.54 3.43
N SER A 69 3.07 -11.29 2.35
CA SER A 69 3.74 -10.92 1.11
C SER A 69 3.07 -9.68 0.51
N ASN A 70 1.82 -9.48 0.89
CA ASN A 70 1.06 -8.34 0.40
C ASN A 70 1.26 -7.16 1.36
N ILE A 71 1.86 -7.45 2.50
CA ILE A 71 2.10 -6.42 3.50
C ILE A 71 3.49 -5.83 3.27
N GLU A 72 4.38 -6.66 2.73
CA GLU A 72 5.73 -6.22 2.46
C GLU A 72 5.82 -5.55 1.10
N ARG A 73 4.81 -5.81 0.28
CA ARG A 73 4.76 -5.23 -1.05
C ARG A 73 3.89 -3.97 -1.05
N LEU A 74 3.15 -3.81 0.04
CA LEU A 74 2.28 -2.65 0.18
C LEU A 74 3.05 -1.52 0.86
N LYS A 75 3.41 -1.75 2.11
CA LYS A 75 4.14 -0.76 2.89
C LYS A 75 5.34 -0.29 2.07
N LEU A 76 6.04 -1.26 1.50
CA LEU A 76 7.21 -0.96 0.69
C LEU A 76 6.89 0.18 -0.28
N GLU A 77 5.68 0.13 -0.81
CA GLU A 77 5.23 1.14 -1.75
C GLU A 77 4.88 2.43 -1.01
N VAL A 78 4.49 2.27 0.24
CA VAL A 78 4.12 3.40 1.07
C VAL A 78 5.37 4.09 1.57
N GLN A 79 6.51 3.50 1.24
CA GLN A 79 7.80 4.05 1.65
C GLN A 79 8.42 4.85 0.50
N LYS A 80 8.63 4.16 -0.61
CA LYS A 80 9.21 4.79 -1.78
C LYS A 80 8.62 6.19 -1.95
N TYR A 81 7.31 6.26 -1.79
CA TYR A 81 6.61 7.53 -1.93
C TYR A 81 7.09 8.54 -0.88
N GLU A 82 6.93 8.17 0.37
CA GLU A 82 7.35 9.02 1.47
C GLU A 82 8.81 9.43 1.30
N ALA A 83 9.52 8.65 0.50
CA ALA A 83 10.92 8.92 0.24
C ALA A 83 11.05 9.68 -1.09
N TRP A 84 10.04 9.52 -1.93
CA TRP A 84 10.03 10.17 -3.23
C TRP A 84 9.79 11.66 -3.00
N LEU A 85 8.90 11.95 -2.07
CA LEU A 85 8.57 13.33 -1.75
C LEU A 85 9.85 14.18 -1.78
N ALA A 86 10.89 13.63 -1.18
CA ALA A 86 12.17 14.32 -1.13
C ALA A 86 12.90 14.15 -2.48
N GLU A 87 12.81 12.93 -3.01
CA GLU A 87 13.45 12.63 -4.27
C GLU A 87 12.84 13.50 -5.39
N ALA A 88 11.70 14.08 -5.08
CA ALA A 88 11.02 14.93 -6.04
C ALA A 88 11.22 16.40 -5.65
N GLU A 89 10.64 16.75 -4.51
CA GLU A 89 10.74 18.11 -4.01
C GLU A 89 12.16 18.66 -4.25
N SER A 90 13.13 17.80 -4.03
CA SER A 90 14.53 18.19 -4.21
C SER A 90 14.66 19.02 -5.50
N ARG A 91 14.10 18.48 -6.58
CA ARG A 91 14.16 19.15 -7.86
C ARG A 91 13.60 20.56 -7.75
N VAL A 92 12.52 20.68 -6.99
CA VAL A 92 11.86 21.96 -6.78
C VAL A 92 12.82 22.90 -6.04
N LEU A 93 13.31 22.41 -4.91
CA LEU A 93 14.22 23.19 -4.09
C LEU A 93 15.38 23.66 -4.96
N SER A 94 15.81 22.79 -5.86
CA SER A 94 16.92 23.11 -6.75
C SER A 94 16.54 24.31 -7.63
N ASN A 95 15.38 24.22 -8.25
CA ASN A 95 14.91 25.28 -9.12
C ASN A 95 13.47 25.65 -8.72
N ARG A 96 13.36 26.84 -8.12
CA ARG A 96 12.05 27.32 -7.68
C ARG A 96 11.61 28.50 -8.55
N GLY A 97 12.28 28.64 -9.69
CA GLY A 97 11.97 29.72 -10.61
C GLY A 97 12.74 30.98 -10.25
N ASP A 98 12.61 31.39 -9.00
CA ASP A 98 13.29 32.58 -8.52
C ASP A 98 14.73 32.22 -8.14
N GLY A 1 -11.16 20.27 -12.92
CA GLY A 1 -10.70 21.01 -14.08
C GLY A 1 -10.06 20.08 -15.12
N PRO A 2 -8.76 19.78 -14.87
CA PRO A 2 -8.01 18.90 -15.76
C PRO A 2 -8.43 17.44 -15.57
N HIS A 3 -7.63 16.55 -16.14
CA HIS A 3 -7.90 15.13 -16.04
C HIS A 3 -6.89 14.48 -15.10
N MET A 4 -7.01 13.16 -14.97
CA MET A 4 -6.11 12.41 -14.11
C MET A 4 -5.47 11.24 -14.86
N THR A 5 -4.35 10.78 -14.34
CA THR A 5 -3.63 9.68 -14.95
C THR A 5 -3.58 8.49 -14.00
N GLU A 6 -2.85 7.47 -14.43
CA GLU A 6 -2.71 6.26 -13.62
C GLU A 6 -1.25 6.07 -13.22
N ASP A 7 -0.36 6.40 -14.14
CA ASP A 7 1.06 6.27 -13.88
C ASP A 7 1.66 7.65 -13.58
N PHE A 8 1.07 8.66 -14.19
CA PHE A 8 1.52 10.03 -13.99
C PHE A 8 3.04 10.09 -13.89
N SER A 9 3.69 9.16 -14.57
CA SER A 9 5.14 9.10 -14.56
C SER A 9 5.71 10.20 -15.44
N HIS A 10 4.81 10.95 -16.07
CA HIS A 10 5.22 12.04 -16.95
C HIS A 10 5.03 13.37 -16.22
N LEU A 11 4.03 13.39 -15.35
CA LEU A 11 3.73 14.59 -14.59
C LEU A 11 5.04 15.25 -14.14
N PRO A 12 4.97 16.59 -13.91
CA PRO A 12 6.13 17.34 -13.48
C PRO A 12 6.45 17.07 -12.00
N PRO A 13 7.60 17.62 -11.56
CA PRO A 13 8.03 17.43 -10.18
C PRO A 13 7.20 18.31 -9.23
N GLU A 14 6.27 19.04 -9.82
CA GLU A 14 5.41 19.92 -9.04
C GLU A 14 4.12 19.19 -8.67
N GLN A 15 3.61 18.44 -9.63
CA GLN A 15 2.38 17.69 -9.42
C GLN A 15 2.69 16.27 -8.94
N GLN A 16 3.82 15.76 -9.42
CA GLN A 16 4.23 14.41 -9.04
C GLN A 16 4.20 14.24 -7.52
N ARG A 17 4.98 15.07 -6.84
CA ARG A 17 5.05 15.03 -5.40
C ARG A 17 3.64 15.03 -4.80
N LYS A 18 2.77 15.81 -5.42
CA LYS A 18 1.40 15.92 -4.96
C LYS A 18 0.72 14.55 -5.09
N ARG A 19 0.90 13.93 -6.25
CA ARG A 19 0.32 12.63 -6.51
C ARG A 19 0.73 11.64 -5.41
N LEU A 20 2.03 11.55 -5.20
CA LEU A 20 2.55 10.65 -4.19
C LEU A 20 1.66 10.70 -2.95
N GLN A 21 1.65 11.86 -2.31
CA GLN A 21 0.85 12.05 -1.12
C GLN A 21 -0.51 11.36 -1.27
N GLN A 22 -1.17 11.68 -2.37
CA GLN A 22 -2.47 11.10 -2.64
C GLN A 22 -2.42 9.58 -2.50
N GLN A 23 -1.62 8.97 -3.35
CA GLN A 23 -1.47 7.51 -3.32
C GLN A 23 -0.79 7.08 -2.03
N LEU A 24 -0.30 8.06 -1.29
CA LEU A 24 0.37 7.79 -0.03
C LEU A 24 -0.65 7.31 1.00
N GLU A 25 -1.76 8.04 1.06
CA GLU A 25 -2.82 7.70 2.00
C GLU A 25 -3.63 6.51 1.47
N GLU A 26 -3.62 6.36 0.16
CA GLU A 26 -4.34 5.27 -0.48
C GLU A 26 -3.61 3.95 -0.24
N ARG A 27 -2.31 3.97 -0.50
CA ARG A 27 -1.49 2.79 -0.32
C ARG A 27 -1.45 2.38 1.14
N SER A 28 -1.41 3.38 2.01
CA SER A 28 -1.37 3.14 3.44
C SER A 28 -2.74 2.64 3.92
N ARG A 29 -3.76 3.00 3.15
CA ARG A 29 -5.12 2.60 3.49
C ARG A 29 -5.29 1.09 3.31
N GLU A 30 -5.20 0.67 2.05
CA GLU A 30 -5.34 -0.74 1.72
C GLU A 30 -4.34 -1.58 2.54
N LEU A 31 -3.31 -0.90 3.02
CA LEU A 31 -2.28 -1.56 3.81
C LEU A 31 -2.90 -2.09 5.11
N GLN A 32 -3.18 -1.15 6.01
CA GLN A 32 -3.77 -1.50 7.29
C GLN A 32 -4.92 -2.49 7.09
N LYS A 33 -5.51 -2.45 5.90
CA LYS A 33 -6.61 -3.33 5.58
C LYS A 33 -6.11 -4.78 5.55
N GLU A 34 -5.07 -5.00 4.75
CA GLU A 34 -4.50 -6.33 4.62
C GLU A 34 -3.79 -6.72 5.93
N VAL A 35 -3.22 -5.72 6.58
CA VAL A 35 -2.51 -5.95 7.82
C VAL A 35 -3.52 -6.10 8.96
N ASP A 36 -4.72 -5.59 8.71
CA ASP A 36 -5.78 -5.66 9.70
C ASP A 36 -6.34 -7.09 9.73
N GLN A 37 -6.18 -7.78 8.62
CA GLN A 37 -6.66 -9.14 8.52
C GLN A 37 -5.49 -10.13 8.59
N ARG A 38 -4.33 -9.64 8.17
CA ARG A 38 -3.13 -10.46 8.17
C ARG A 38 -3.03 -11.24 9.49
N GLU A 39 -3.45 -10.58 10.56
CA GLU A 39 -3.41 -11.21 11.88
C GLU A 39 -4.62 -12.13 12.06
N ALA A 40 -5.72 -11.76 11.43
CA ALA A 40 -6.93 -12.54 11.51
C ALA A 40 -6.71 -13.89 10.83
N LEU A 41 -5.96 -13.85 9.73
CA LEU A 41 -5.67 -15.06 8.99
C LEU A 41 -5.30 -16.18 9.95
N LYS A 42 -4.41 -15.85 10.88
CA LYS A 42 -3.96 -16.81 11.87
C LYS A 42 -5.14 -17.20 12.77
N LYS A 43 -5.99 -16.22 13.01
CA LYS A 43 -7.16 -16.44 13.85
C LYS A 43 -8.17 -17.29 13.09
N MET A 44 -8.05 -17.27 11.77
CA MET A 44 -8.96 -18.04 10.93
C MET A 44 -8.55 -19.51 10.89
N LYS A 45 -7.42 -19.80 11.51
CA LYS A 45 -6.91 -21.16 11.55
C LYS A 45 -7.45 -21.85 12.81
N ASP A 46 -7.16 -21.24 13.96
CA ASP A 46 -7.60 -21.78 15.23
C ASP A 46 -9.11 -22.05 15.17
N VAL A 47 -9.82 -21.09 14.62
CA VAL A 47 -11.26 -21.21 14.50
C VAL A 47 -11.61 -22.49 13.72
N TYR A 48 -10.79 -22.75 12.72
CA TYR A 48 -10.99 -23.94 11.89
C TYR A 48 -10.34 -25.16 12.52
N GLU A 49 -9.45 -24.89 13.47
CA GLU A 49 -8.74 -25.97 14.15
C GLU A 49 -9.66 -26.65 15.17
N LYS A 50 -10.54 -25.85 15.76
CA LYS A 50 -11.48 -26.36 16.74
C LYS A 50 -12.88 -26.37 16.13
N THR A 51 -13.17 -25.34 15.36
CA THR A 51 -14.47 -25.21 14.71
C THR A 51 -14.31 -25.18 13.19
N PRO A 52 -14.19 -26.41 12.61
CA PRO A 52 -14.02 -26.54 11.17
C PRO A 52 -15.35 -26.28 10.45
N GLN A 53 -16.38 -26.00 11.24
CA GLN A 53 -17.70 -25.75 10.69
C GLN A 53 -17.78 -24.32 10.15
N MET A 54 -16.65 -23.63 10.24
CA MET A 54 -16.58 -22.25 9.76
C MET A 54 -15.92 -22.19 8.38
N GLY A 55 -14.78 -22.86 8.26
CA GLY A 55 -14.05 -22.89 7.01
C GLY A 55 -12.90 -23.89 7.08
N ASP A 56 -12.00 -23.77 6.11
CA ASP A 56 -10.86 -24.66 6.04
C ASP A 56 -9.57 -23.83 6.12
N PRO A 57 -8.55 -24.41 6.82
CA PRO A 57 -7.27 -23.74 6.96
C PRO A 57 -6.46 -23.80 5.67
N ALA A 58 -6.77 -24.81 4.86
CA ALA A 58 -6.09 -25.00 3.60
C ALA A 58 -6.44 -23.84 2.66
N SER A 59 -7.45 -23.08 3.06
CA SER A 59 -7.89 -21.95 2.27
C SER A 59 -7.33 -20.65 2.84
N LEU A 60 -6.45 -20.81 3.83
CA LEU A 60 -5.85 -19.66 4.47
C LEU A 60 -4.35 -19.62 4.13
N GLU A 61 -3.92 -20.63 3.39
CA GLU A 61 -2.53 -20.73 2.99
C GLU A 61 -2.24 -19.77 1.83
N PRO A 62 -3.13 -19.82 0.80
CA PRO A 62 -2.98 -18.97 -0.37
C PRO A 62 -3.38 -17.53 -0.04
N GLN A 63 -4.05 -17.38 1.10
CA GLN A 63 -4.49 -16.06 1.53
C GLN A 63 -3.46 -15.44 2.49
N ILE A 64 -2.94 -16.29 3.36
CA ILE A 64 -1.96 -15.84 4.34
C ILE A 64 -0.72 -15.31 3.60
N ALA A 65 -0.02 -16.22 2.95
CA ALA A 65 1.18 -15.86 2.21
C ALA A 65 0.84 -14.73 1.23
N GLU A 66 -0.44 -14.63 0.91
CA GLU A 66 -0.91 -13.61 -0.01
C GLU A 66 -0.96 -12.25 0.69
N THR A 67 -1.36 -12.28 1.95
CA THR A 67 -1.46 -11.07 2.74
C THR A 67 -0.07 -10.52 3.07
N LEU A 68 0.79 -11.43 3.51
CA LEU A 68 2.15 -11.07 3.87
C LEU A 68 2.82 -10.39 2.67
N SER A 69 2.79 -11.10 1.55
CA SER A 69 3.39 -10.58 0.33
C SER A 69 2.67 -9.31 -0.11
N ASN A 70 1.45 -9.16 0.39
CA ASN A 70 0.63 -8.01 0.05
C ASN A 70 0.87 -6.91 1.09
N ILE A 71 1.45 -7.30 2.21
CA ILE A 71 1.74 -6.36 3.28
C ILE A 71 3.11 -5.75 3.06
N GLU A 72 4.05 -6.60 2.69
CA GLU A 72 5.42 -6.16 2.44
C GLU A 72 5.48 -5.33 1.16
N ARG A 73 4.51 -5.56 0.30
CA ARG A 73 4.44 -4.84 -0.96
C ARG A 73 3.71 -3.51 -0.78
N LEU A 74 2.81 -3.49 0.18
CA LEU A 74 2.04 -2.29 0.47
C LEU A 74 2.94 -1.28 1.18
N LYS A 75 3.22 -1.56 2.45
CA LYS A 75 4.05 -0.70 3.24
C LYS A 75 5.22 -0.19 2.39
N LEU A 76 5.76 -1.10 1.59
CA LEU A 76 6.87 -0.76 0.72
C LEU A 76 6.47 0.41 -0.19
N GLU A 77 5.34 0.24 -0.84
CA GLU A 77 4.83 1.26 -1.75
C GLU A 77 4.56 2.56 -0.98
N VAL A 78 4.30 2.40 0.31
CA VAL A 78 4.03 3.54 1.16
C VAL A 78 5.34 4.03 1.79
N GLN A 79 6.39 3.27 1.52
CA GLN A 79 7.70 3.60 2.06
C GLN A 79 8.53 4.33 1.01
N LYS A 80 8.04 4.31 -0.22
CA LYS A 80 8.73 4.96 -1.32
C LYS A 80 8.16 6.37 -1.50
N TYR A 81 6.85 6.48 -1.38
CA TYR A 81 6.18 7.76 -1.52
C TYR A 81 6.66 8.75 -0.46
N GLU A 82 6.44 8.36 0.79
CA GLU A 82 6.84 9.21 1.91
C GLU A 82 8.32 9.56 1.81
N ALA A 83 9.03 8.77 1.02
CA ALA A 83 10.45 8.98 0.83
C ALA A 83 10.68 9.74 -0.49
N TRP A 84 9.68 9.65 -1.35
CA TRP A 84 9.76 10.32 -2.64
C TRP A 84 9.56 11.82 -2.41
N LEU A 85 8.60 12.13 -1.56
CA LEU A 85 8.31 13.52 -1.24
C LEU A 85 9.63 14.30 -1.14
N ALA A 86 10.60 13.67 -0.51
CA ALA A 86 11.90 14.29 -0.34
C ALA A 86 12.72 14.13 -1.62
N GLU A 87 12.63 12.94 -2.19
CA GLU A 87 13.35 12.64 -3.41
C GLU A 87 12.87 13.56 -4.55
N ALA A 88 11.72 14.19 -4.31
CA ALA A 88 11.15 15.09 -5.30
C ALA A 88 11.38 16.53 -4.86
N GLU A 89 10.71 16.90 -3.78
CA GLU A 89 10.83 18.25 -3.25
C GLU A 89 12.29 18.70 -3.27
N SER A 90 13.17 17.74 -3.05
CA SER A 90 14.60 18.02 -3.03
C SER A 90 15.04 18.55 -4.40
N ARG A 91 14.90 17.71 -5.40
CA ARG A 91 15.27 18.07 -6.75
C ARG A 91 14.53 19.34 -7.19
N VAL A 92 13.37 19.54 -6.58
CA VAL A 92 12.56 20.71 -6.89
C VAL A 92 13.27 21.96 -6.40
N LEU A 93 13.22 22.16 -5.09
CA LEU A 93 13.86 23.31 -4.48
C LEU A 93 15.25 23.50 -5.09
N SER A 94 15.83 22.39 -5.50
CA SER A 94 17.16 22.42 -6.10
C SER A 94 17.20 23.44 -7.24
N ASN A 95 16.19 23.36 -8.10
CA ASN A 95 16.10 24.26 -9.22
C ASN A 95 14.76 25.00 -9.17
N ARG A 96 14.86 26.33 -9.11
CA ARG A 96 13.67 27.16 -9.05
C ARG A 96 13.80 28.34 -10.02
N GLY A 97 12.80 29.20 -9.99
CA GLY A 97 12.79 30.37 -10.86
C GLY A 97 11.42 31.04 -10.85
N ASP A 98 11.36 32.19 -10.18
CA ASP A 98 10.13 32.95 -10.09
C ASP A 98 10.35 34.36 -10.65
N GLY A 1 -17.07 12.19 -12.54
CA GLY A 1 -16.81 13.61 -12.73
C GLY A 1 -15.36 13.86 -13.16
N PRO A 2 -14.44 13.73 -12.17
CA PRO A 2 -13.03 13.93 -12.44
C PRO A 2 -12.43 12.74 -13.20
N HIS A 3 -11.18 12.91 -13.61
CA HIS A 3 -10.50 11.86 -14.34
C HIS A 3 -9.13 11.59 -13.70
N MET A 4 -8.45 10.58 -14.22
CA MET A 4 -7.14 10.22 -13.72
C MET A 4 -6.23 9.74 -14.84
N THR A 5 -4.93 9.92 -14.63
CA THR A 5 -3.94 9.52 -15.61
C THR A 5 -3.34 8.16 -15.24
N GLU A 6 -2.35 7.76 -16.01
CA GLU A 6 -1.68 6.49 -15.78
C GLU A 6 -0.27 6.73 -15.23
N ASP A 7 0.62 7.13 -16.12
CA ASP A 7 1.99 7.39 -15.75
C ASP A 7 2.08 8.78 -15.08
N PHE A 8 2.94 8.85 -14.06
CA PHE A 8 3.13 10.09 -13.34
C PHE A 8 4.39 10.82 -13.82
N SER A 9 5.18 10.12 -14.61
CA SER A 9 6.41 10.68 -15.14
C SER A 9 6.08 11.73 -16.20
N HIS A 10 4.82 11.76 -16.60
CA HIS A 10 4.36 12.71 -17.60
C HIS A 10 4.13 14.07 -16.95
N LEU A 11 4.05 14.05 -15.62
CA LEU A 11 3.84 15.27 -14.85
C LEU A 11 5.18 15.82 -14.39
N PRO A 12 5.17 17.13 -14.01
CA PRO A 12 6.38 17.79 -13.54
C PRO A 12 6.74 17.34 -12.12
N PRO A 13 7.93 17.79 -11.66
CA PRO A 13 8.39 17.45 -10.33
C PRO A 13 7.63 18.24 -9.25
N GLU A 14 6.88 19.22 -9.72
CA GLU A 14 6.10 20.06 -8.81
C GLU A 14 4.84 19.31 -8.35
N GLN A 15 4.18 18.69 -9.32
CA GLN A 15 2.96 17.95 -9.03
C GLN A 15 3.30 16.50 -8.71
N GLN A 16 4.32 15.99 -9.39
CA GLN A 16 4.75 14.62 -9.18
C GLN A 16 4.76 14.29 -7.69
N ARG A 17 5.20 15.25 -6.90
CA ARG A 17 5.25 15.06 -5.46
C ARG A 17 3.84 14.93 -4.88
N LYS A 18 2.95 15.76 -5.38
CA LYS A 18 1.57 15.76 -4.93
C LYS A 18 0.92 14.42 -5.32
N ARG A 19 1.41 13.86 -6.42
CA ARG A 19 0.89 12.59 -6.90
C ARG A 19 1.14 11.49 -5.88
N LEU A 20 2.24 11.64 -5.16
CA LEU A 20 2.61 10.66 -4.14
C LEU A 20 1.75 10.89 -2.89
N GLN A 21 1.71 12.14 -2.47
CA GLN A 21 0.93 12.51 -1.29
C GLN A 21 -0.36 11.70 -1.23
N GLN A 22 -0.94 11.48 -2.40
CA GLN A 22 -2.18 10.72 -2.50
C GLN A 22 -1.92 9.24 -2.19
N GLN A 23 -1.17 8.61 -3.08
CA GLN A 23 -0.83 7.20 -2.91
C GLN A 23 -0.47 6.91 -1.46
N LEU A 24 0.46 7.70 -0.95
CA LEU A 24 0.91 7.53 0.43
C LEU A 24 -0.29 7.17 1.31
N GLU A 25 -1.11 8.17 1.56
CA GLU A 25 -2.30 7.98 2.39
C GLU A 25 -3.09 6.77 1.89
N GLU A 26 -3.29 6.72 0.59
CA GLU A 26 -4.04 5.63 -0.02
C GLU A 26 -3.45 4.28 0.43
N ARG A 27 -2.15 4.30 0.69
CA ARG A 27 -1.47 3.09 1.13
C ARG A 27 -1.72 2.85 2.61
N SER A 28 -1.72 3.94 3.37
CA SER A 28 -1.93 3.85 4.80
C SER A 28 -3.42 3.66 5.09
N ARG A 29 -4.20 3.59 4.02
CA ARG A 29 -5.64 3.39 4.15
C ARG A 29 -5.99 1.92 3.96
N GLU A 30 -5.14 1.23 3.22
CA GLU A 30 -5.36 -0.19 2.96
C GLU A 30 -4.41 -1.03 3.80
N LEU A 31 -3.22 -0.48 4.04
CA LEU A 31 -2.21 -1.17 4.83
C LEU A 31 -2.84 -1.63 6.15
N GLN A 32 -3.41 -0.67 6.86
CA GLN A 32 -4.05 -0.96 8.13
C GLN A 32 -5.19 -1.97 7.95
N LYS A 33 -5.58 -2.13 6.70
CA LYS A 33 -6.66 -3.05 6.38
C LYS A 33 -6.08 -4.47 6.24
N GLU A 34 -5.09 -4.60 5.38
CA GLU A 34 -4.45 -5.87 5.16
C GLU A 34 -3.79 -6.37 6.44
N VAL A 35 -3.25 -5.43 7.20
CA VAL A 35 -2.58 -5.76 8.45
C VAL A 35 -3.64 -6.03 9.53
N ASP A 36 -4.82 -5.48 9.30
CA ASP A 36 -5.93 -5.65 10.23
C ASP A 36 -6.47 -7.08 10.11
N GLN A 37 -6.25 -7.67 8.96
CA GLN A 37 -6.71 -9.02 8.70
C GLN A 37 -5.53 -10.00 8.74
N ARG A 38 -4.36 -9.48 8.41
CA ARG A 38 -3.15 -10.28 8.40
C ARG A 38 -3.09 -11.15 9.66
N GLU A 39 -3.54 -10.58 10.76
CA GLU A 39 -3.54 -11.29 12.03
C GLU A 39 -4.80 -12.13 12.16
N ALA A 40 -5.85 -11.71 11.46
CA ALA A 40 -7.11 -12.43 11.49
C ALA A 40 -6.99 -13.71 10.67
N LEU A 41 -6.09 -13.68 9.70
CA LEU A 41 -5.87 -14.82 8.84
C LEU A 41 -5.67 -16.06 9.70
N LYS A 42 -4.77 -15.93 10.68
CA LYS A 42 -4.47 -17.02 11.58
C LYS A 42 -5.72 -17.39 12.37
N LYS A 43 -6.56 -16.39 12.58
CA LYS A 43 -7.79 -16.60 13.32
C LYS A 43 -8.77 -17.41 12.47
N MET A 44 -8.51 -17.39 11.16
CA MET A 44 -9.36 -18.12 10.23
C MET A 44 -8.92 -19.58 10.13
N LYS A 45 -7.81 -19.88 10.79
CA LYS A 45 -7.29 -21.24 10.78
C LYS A 45 -7.90 -22.02 11.95
N ASP A 46 -7.67 -21.51 13.15
CA ASP A 46 -8.19 -22.15 14.35
C ASP A 46 -9.68 -22.42 14.17
N VAL A 47 -10.38 -21.41 13.68
CA VAL A 47 -11.82 -21.52 13.46
C VAL A 47 -12.09 -22.73 12.57
N TYR A 48 -11.22 -22.92 11.59
CA TYR A 48 -11.36 -24.03 10.66
C TYR A 48 -10.72 -25.30 11.22
N GLU A 49 -9.89 -25.10 12.25
CA GLU A 49 -9.21 -26.21 12.88
C GLU A 49 -10.18 -26.98 13.79
N LYS A 50 -11.08 -26.23 14.41
CA LYS A 50 -12.06 -26.82 15.29
C LYS A 50 -13.44 -26.81 14.61
N THR A 51 -13.69 -25.73 13.90
CA THR A 51 -14.96 -25.57 13.20
C THR A 51 -14.72 -25.45 11.69
N PRO A 52 -14.56 -26.64 11.04
CA PRO A 52 -14.33 -26.68 9.61
C PRO A 52 -15.62 -26.39 8.84
N GLN A 53 -16.69 -26.17 9.58
CA GLN A 53 -17.98 -25.88 8.99
C GLN A 53 -18.04 -24.42 8.55
N MET A 54 -16.94 -23.73 8.74
CA MET A 54 -16.86 -22.32 8.36
C MET A 54 -16.14 -22.16 7.02
N GLY A 55 -15.00 -22.81 6.91
CA GLY A 55 -14.22 -22.75 5.68
C GLY A 55 -13.06 -23.75 5.72
N ASP A 56 -12.10 -23.53 4.83
CA ASP A 56 -10.93 -24.40 4.75
C ASP A 56 -9.67 -23.59 5.06
N PRO A 57 -8.80 -24.18 5.90
CA PRO A 57 -7.56 -23.52 6.28
C PRO A 57 -6.54 -23.57 5.14
N ALA A 58 -6.72 -24.54 4.27
CA ALA A 58 -5.82 -24.70 3.14
C ALA A 58 -6.05 -23.56 2.16
N SER A 59 -7.10 -22.79 2.41
CA SER A 59 -7.44 -21.67 1.55
C SER A 59 -6.97 -20.36 2.21
N LEU A 60 -6.26 -20.51 3.32
CA LEU A 60 -5.75 -19.37 4.04
C LEU A 60 -4.22 -19.30 3.88
N GLU A 61 -3.70 -20.30 3.18
CA GLU A 61 -2.26 -20.36 2.94
C GLU A 61 -1.85 -19.40 1.83
N PRO A 62 -2.63 -19.46 0.71
CA PRO A 62 -2.36 -18.61 -0.43
C PRO A 62 -2.81 -17.17 -0.16
N GLN A 63 -3.59 -17.03 0.90
CA GLN A 63 -4.10 -15.72 1.29
C GLN A 63 -3.19 -15.09 2.34
N ILE A 64 -2.61 -15.95 3.17
CA ILE A 64 -1.72 -15.48 4.22
C ILE A 64 -0.46 -14.91 3.60
N ALA A 65 0.28 -15.78 2.92
CA ALA A 65 1.51 -15.37 2.27
C ALA A 65 1.25 -14.15 1.39
N GLU A 66 -0.02 -13.99 1.03
CA GLU A 66 -0.42 -12.87 0.19
C GLU A 66 -0.47 -11.58 1.02
N THR A 67 -0.95 -11.73 2.24
CA THR A 67 -1.07 -10.59 3.14
C THR A 67 0.30 -10.28 3.77
N LEU A 68 1.10 -11.31 3.92
CA LEU A 68 2.42 -11.17 4.51
C LEU A 68 3.38 -10.61 3.47
N SER A 69 3.09 -10.93 2.21
CA SER A 69 3.92 -10.48 1.11
C SER A 69 3.40 -9.13 0.59
N ASN A 70 2.13 -8.89 0.85
CA ASN A 70 1.49 -7.65 0.42
C ASN A 70 1.78 -6.55 1.45
N ILE A 71 1.48 -6.86 2.70
CA ILE A 71 1.70 -5.92 3.79
C ILE A 71 3.07 -5.25 3.59
N GLU A 72 3.98 -6.00 3.00
CA GLU A 72 5.32 -5.49 2.75
C GLU A 72 5.29 -4.38 1.69
N ARG A 73 4.72 -4.72 0.55
CA ARG A 73 4.61 -3.77 -0.55
C ARG A 73 3.82 -2.54 -0.11
N LEU A 74 2.82 -2.78 0.72
CA LEU A 74 1.98 -1.71 1.23
C LEU A 74 2.85 -0.68 1.95
N LYS A 75 3.30 -1.07 3.14
CA LYS A 75 4.14 -0.19 3.94
C LYS A 75 5.26 0.38 3.07
N LEU A 76 6.06 -0.52 2.52
CA LEU A 76 7.16 -0.12 1.66
C LEU A 76 6.71 1.02 0.76
N GLU A 77 5.58 0.80 0.09
CA GLU A 77 5.03 1.79 -0.81
C GLU A 77 4.78 3.10 -0.07
N VAL A 78 4.26 2.97 1.14
CA VAL A 78 3.98 4.14 1.97
C VAL A 78 5.30 4.72 2.49
N GLN A 79 6.38 4.02 2.19
CA GLN A 79 7.69 4.46 2.62
C GLN A 79 8.40 5.21 1.49
N LYS A 80 8.55 4.53 0.36
CA LYS A 80 9.20 5.11 -0.79
C LYS A 80 8.62 6.51 -1.05
N TYR A 81 7.30 6.59 -0.93
CA TYR A 81 6.62 7.86 -1.15
C TYR A 81 7.07 8.91 -0.13
N GLU A 82 6.97 8.55 1.14
CA GLU A 82 7.37 9.44 2.21
C GLU A 82 8.82 9.91 1.99
N ALA A 83 9.55 9.12 1.24
CA ALA A 83 10.94 9.43 0.96
C ALA A 83 11.04 10.10 -0.42
N TRP A 84 10.01 9.89 -1.22
CA TRP A 84 9.96 10.45 -2.55
C TRP A 84 9.65 11.95 -2.42
N LEU A 85 8.74 12.25 -1.50
CA LEU A 85 8.34 13.62 -1.26
C LEU A 85 9.57 14.52 -1.33
N ALA A 86 10.65 14.03 -0.75
CA ALA A 86 11.90 14.78 -0.75
C ALA A 86 12.63 14.57 -2.07
N GLU A 87 12.58 13.34 -2.54
CA GLU A 87 13.24 12.99 -3.80
C GLU A 87 12.59 13.75 -4.97
N ALA A 88 11.41 14.32 -4.68
CA ALA A 88 10.68 15.06 -5.69
C ALA A 88 10.84 16.56 -5.42
N GLU A 89 10.45 16.95 -4.22
CA GLU A 89 10.54 18.34 -3.81
C GLU A 89 11.92 18.91 -4.17
N SER A 90 12.95 18.19 -3.73
CA SER A 90 14.32 18.61 -4.00
C SER A 90 14.48 18.97 -5.48
N ARG A 91 14.07 18.03 -6.33
CA ARG A 91 14.17 18.23 -7.76
C ARG A 91 13.49 19.54 -8.16
N VAL A 92 12.44 19.87 -7.42
CA VAL A 92 11.69 21.09 -7.69
C VAL A 92 12.49 22.29 -7.19
N LEU A 93 12.48 22.48 -5.88
CA LEU A 93 13.19 23.58 -5.27
C LEU A 93 14.55 23.75 -5.95
N SER A 94 15.07 22.63 -6.44
CA SER A 94 16.35 22.64 -7.12
C SER A 94 16.24 23.41 -8.44
N ASN A 95 15.34 22.92 -9.30
CA ASN A 95 15.13 23.55 -10.59
C ASN A 95 14.63 24.98 -10.38
N ARG A 96 15.57 25.88 -10.12
CA ARG A 96 15.23 27.28 -9.90
C ARG A 96 14.98 27.98 -11.23
N GLY A 97 13.76 27.81 -11.73
CA GLY A 97 13.38 28.42 -12.98
C GLY A 97 13.73 29.90 -13.01
N ASP A 98 13.88 30.47 -11.82
CA ASP A 98 14.23 31.87 -11.69
C ASP A 98 15.72 32.00 -11.40
N GLY A 1 -14.50 9.61 -11.99
CA GLY A 1 -15.21 9.12 -13.16
C GLY A 1 -14.43 8.01 -13.86
N PRO A 2 -14.87 7.69 -15.11
CA PRO A 2 -14.23 6.65 -15.89
C PRO A 2 -12.89 7.14 -16.45
N HIS A 3 -12.95 8.26 -17.16
CA HIS A 3 -11.76 8.83 -17.76
C HIS A 3 -10.72 9.11 -16.66
N MET A 4 -9.46 8.98 -17.05
CA MET A 4 -8.37 9.21 -16.12
C MET A 4 -7.14 9.78 -16.83
N THR A 5 -6.32 10.48 -16.06
CA THR A 5 -5.11 11.08 -16.62
C THR A 5 -4.10 9.99 -16.98
N GLU A 6 -2.94 10.45 -17.42
CA GLU A 6 -1.88 9.53 -17.81
C GLU A 6 -0.81 9.45 -16.71
N ASP A 7 0.42 9.22 -17.14
CA ASP A 7 1.53 9.12 -16.21
C ASP A 7 1.68 10.44 -15.46
N PHE A 8 1.93 10.33 -14.17
CA PHE A 8 2.10 11.51 -13.33
C PHE A 8 3.57 11.95 -13.31
N SER A 9 4.33 11.41 -14.25
CA SER A 9 5.74 11.74 -14.35
C SER A 9 5.93 13.06 -15.10
N HIS A 10 5.16 13.19 -16.18
CA HIS A 10 5.23 14.39 -17.00
C HIS A 10 4.87 15.61 -16.15
N LEU A 11 4.26 15.34 -15.00
CA LEU A 11 3.86 16.39 -14.08
C LEU A 11 5.10 17.15 -13.62
N PRO A 12 4.86 18.40 -13.14
CA PRO A 12 5.95 19.24 -12.65
C PRO A 12 6.44 18.77 -11.28
N PRO A 13 7.54 19.41 -10.82
CA PRO A 13 8.12 19.06 -9.53
C PRO A 13 7.27 19.61 -8.38
N GLU A 14 6.19 20.28 -8.76
CA GLU A 14 5.30 20.86 -7.77
C GLU A 14 4.12 19.91 -7.51
N GLN A 15 3.63 19.32 -8.59
CA GLN A 15 2.51 18.40 -8.49
C GLN A 15 3.02 16.97 -8.26
N GLN A 16 4.28 16.75 -8.62
CA GLN A 16 4.88 15.44 -8.45
C GLN A 16 4.86 15.03 -6.98
N ARG A 17 4.98 16.03 -6.12
CA ARG A 17 4.98 15.78 -4.68
C ARG A 17 3.55 15.86 -4.14
N LYS A 18 2.64 16.27 -5.01
CA LYS A 18 1.24 16.40 -4.62
C LYS A 18 0.59 15.01 -4.61
N ARG A 19 1.13 14.14 -5.45
CA ARG A 19 0.61 12.78 -5.54
C ARG A 19 1.30 11.89 -4.51
N LEU A 20 2.60 12.07 -4.37
CA LEU A 20 3.38 11.29 -3.42
C LEU A 20 2.61 11.19 -2.10
N GLN A 21 2.34 12.34 -1.52
CA GLN A 21 1.61 12.40 -0.26
C GLN A 21 0.24 11.75 -0.41
N GLN A 22 -0.44 12.12 -1.49
CA GLN A 22 -1.76 11.59 -1.76
C GLN A 22 -1.72 10.06 -1.82
N GLN A 23 -1.21 9.55 -2.93
CA GLN A 23 -1.11 8.12 -3.13
C GLN A 23 -0.57 7.46 -1.87
N LEU A 24 0.48 8.05 -1.32
CA LEU A 24 1.09 7.52 -0.11
C LEU A 24 0.01 7.10 0.87
N GLU A 25 -0.89 8.04 1.15
CA GLU A 25 -1.98 7.78 2.07
C GLU A 25 -2.79 6.57 1.61
N GLU A 26 -3.14 6.58 0.33
CA GLU A 26 -3.91 5.49 -0.25
C GLU A 26 -3.16 4.17 -0.08
N ARG A 27 -1.88 4.29 0.22
CA ARG A 27 -1.04 3.11 0.41
C ARG A 27 -0.94 2.76 1.89
N SER A 28 -0.82 3.79 2.71
CA SER A 28 -0.71 3.61 4.14
C SER A 28 -2.11 3.54 4.76
N ARG A 29 -3.11 3.65 3.90
CA ARG A 29 -4.49 3.60 4.35
C ARG A 29 -5.08 2.20 4.12
N GLU A 30 -4.81 1.67 2.94
CA GLU A 30 -5.30 0.35 2.59
C GLU A 30 -4.41 -0.73 3.20
N LEU A 31 -3.43 -0.27 3.97
CA LEU A 31 -2.49 -1.19 4.60
C LEU A 31 -3.16 -1.80 5.84
N GLN A 32 -3.63 -0.93 6.72
CA GLN A 32 -4.29 -1.37 7.93
C GLN A 32 -5.47 -2.29 7.60
N LYS A 33 -5.88 -2.23 6.33
CA LYS A 33 -6.99 -3.04 5.88
C LYS A 33 -6.60 -4.52 5.94
N GLU A 34 -5.79 -4.93 4.98
CA GLU A 34 -5.33 -6.31 4.92
C GLU A 34 -4.62 -6.69 6.22
N VAL A 35 -4.14 -5.67 6.91
CA VAL A 35 -3.43 -5.87 8.16
C VAL A 35 -4.45 -6.16 9.27
N ASP A 36 -5.57 -5.47 9.20
CA ASP A 36 -6.63 -5.63 10.18
C ASP A 36 -7.07 -7.10 10.20
N GLN A 37 -6.95 -7.74 9.05
CA GLN A 37 -7.33 -9.14 8.93
C GLN A 37 -6.08 -10.03 8.90
N ARG A 38 -4.98 -9.43 8.48
CA ARG A 38 -3.72 -10.15 8.39
C ARG A 38 -3.58 -11.11 9.58
N GLU A 39 -4.00 -10.63 10.74
CA GLU A 39 -3.92 -11.44 11.95
C GLU A 39 -5.23 -12.21 12.15
N ALA A 40 -6.31 -11.61 11.70
CA ALA A 40 -7.62 -12.23 11.82
C ALA A 40 -7.58 -13.62 11.18
N LEU A 41 -6.86 -13.71 10.07
CA LEU A 41 -6.73 -14.96 9.35
C LEU A 41 -6.49 -16.09 10.36
N LYS A 42 -5.59 -15.82 11.29
CA LYS A 42 -5.26 -16.81 12.32
C LYS A 42 -6.54 -17.27 13.01
N LYS A 43 -7.41 -16.31 13.27
CA LYS A 43 -8.68 -16.60 13.92
C LYS A 43 -9.49 -17.55 13.05
N MET A 44 -9.24 -17.48 11.75
CA MET A 44 -9.95 -18.34 10.80
C MET A 44 -9.31 -19.73 10.74
N LYS A 45 -8.19 -19.87 11.46
CA LYS A 45 -7.49 -21.13 11.50
C LYS A 45 -8.00 -21.96 12.68
N ASP A 46 -7.86 -21.40 13.87
CA ASP A 46 -8.31 -22.07 15.07
C ASP A 46 -9.76 -22.52 14.90
N VAL A 47 -10.57 -21.60 14.41
CA VAL A 47 -11.98 -21.89 14.20
C VAL A 47 -12.11 -23.21 13.42
N TYR A 48 -11.18 -23.39 12.49
CA TYR A 48 -11.18 -24.60 11.67
C TYR A 48 -10.42 -25.74 12.37
N GLU A 49 -9.49 -25.35 13.23
CA GLU A 49 -8.70 -26.31 13.97
C GLU A 49 -9.58 -27.12 14.92
N LYS A 50 -10.68 -26.49 15.31
CA LYS A 50 -11.63 -27.14 16.22
C LYS A 50 -12.96 -27.34 15.50
N THR A 51 -13.31 -26.36 14.69
CA THR A 51 -14.56 -26.41 13.94
C THR A 51 -14.30 -26.16 12.46
N PRO A 52 -13.66 -27.16 11.80
CA PRO A 52 -13.35 -27.05 10.38
C PRO A 52 -14.61 -27.24 9.53
N GLN A 53 -15.73 -27.44 10.21
CA GLN A 53 -17.00 -27.63 9.53
C GLN A 53 -17.48 -26.31 8.92
N MET A 54 -16.85 -25.23 9.35
CA MET A 54 -17.21 -23.91 8.86
C MET A 54 -16.17 -23.40 7.87
N GLY A 55 -15.12 -24.18 7.71
CA GLY A 55 -14.05 -23.82 6.79
C GLY A 55 -12.82 -24.70 7.01
N ASP A 56 -11.77 -24.40 6.24
CA ASP A 56 -10.54 -25.16 6.34
C ASP A 56 -9.36 -24.19 6.35
N PRO A 57 -8.29 -24.59 7.08
CA PRO A 57 -7.09 -23.76 7.18
C PRO A 57 -6.27 -23.84 5.89
N ALA A 58 -6.45 -24.95 5.18
CA ALA A 58 -5.73 -25.15 3.93
C ALA A 58 -6.18 -24.11 2.91
N SER A 59 -7.28 -23.46 3.23
CA SER A 59 -7.83 -22.44 2.35
C SER A 59 -7.47 -21.05 2.88
N LEU A 60 -6.67 -21.04 3.93
CA LEU A 60 -6.24 -19.78 4.55
C LEU A 60 -4.75 -19.58 4.28
N GLU A 61 -4.15 -20.58 3.66
CA GLU A 61 -2.73 -20.52 3.35
C GLU A 61 -2.48 -19.54 2.20
N PRO A 62 -3.31 -19.66 1.14
CA PRO A 62 -3.18 -18.79 -0.01
C PRO A 62 -3.74 -17.40 0.30
N GLN A 63 -4.38 -17.28 1.44
CA GLN A 63 -4.94 -16.01 1.86
C GLN A 63 -4.03 -15.33 2.87
N ILE A 64 -3.32 -16.14 3.64
CA ILE A 64 -2.41 -15.63 4.64
C ILE A 64 -1.12 -15.16 3.96
N ALA A 65 -0.52 -16.07 3.19
CA ALA A 65 0.70 -15.76 2.48
C ALA A 65 0.44 -14.63 1.48
N GLU A 66 -0.84 -14.41 1.21
CA GLU A 66 -1.24 -13.36 0.27
C GLU A 66 -1.32 -12.02 0.99
N THR A 67 -1.74 -12.07 2.25
CA THR A 67 -1.86 -10.87 3.05
C THR A 67 -0.52 -10.51 3.68
N LEU A 68 0.41 -11.46 3.61
CA LEU A 68 1.73 -11.26 4.17
C LEU A 68 2.69 -10.81 3.07
N SER A 69 2.37 -11.23 1.85
CA SER A 69 3.20 -10.87 0.70
C SER A 69 2.70 -9.57 0.09
N ASN A 70 1.57 -9.09 0.61
CA ASN A 70 0.98 -7.86 0.12
C ASN A 70 1.40 -6.70 1.02
N ILE A 71 1.18 -6.89 2.30
CA ILE A 71 1.53 -5.87 3.28
C ILE A 71 2.95 -5.36 2.99
N GLU A 72 3.83 -6.30 2.70
CA GLU A 72 5.21 -5.97 2.40
C GLU A 72 5.28 -4.93 1.28
N ARG A 73 4.41 -5.11 0.29
CA ARG A 73 4.36 -4.20 -0.83
C ARG A 73 3.71 -2.87 -0.42
N LEU A 74 2.70 -2.98 0.41
CA LEU A 74 1.99 -1.80 0.89
C LEU A 74 2.98 -0.88 1.62
N LYS A 75 3.63 -1.45 2.61
CA LYS A 75 4.61 -0.71 3.39
C LYS A 75 5.71 -0.18 2.47
N LEU A 76 6.36 -1.12 1.79
CA LEU A 76 7.43 -0.77 0.88
C LEU A 76 7.01 0.46 0.05
N GLU A 77 5.85 0.33 -0.57
CA GLU A 77 5.33 1.42 -1.39
C GLU A 77 5.13 2.68 -0.54
N VAL A 78 4.77 2.45 0.72
CA VAL A 78 4.54 3.55 1.63
C VAL A 78 5.90 4.12 2.08
N GLN A 79 6.95 3.44 1.67
CA GLN A 79 8.30 3.88 2.02
C GLN A 79 8.93 4.64 0.85
N LYS A 80 8.99 3.97 -0.29
CA LYS A 80 9.56 4.59 -1.48
C LYS A 80 9.03 6.02 -1.61
N TYR A 81 7.74 6.16 -1.36
CA TYR A 81 7.09 7.46 -1.46
C TYR A 81 7.70 8.44 -0.46
N GLU A 82 7.64 8.06 0.82
CA GLU A 82 8.18 8.89 1.88
C GLU A 82 9.63 9.27 1.57
N ALA A 83 10.25 8.47 0.72
CA ALA A 83 11.63 8.71 0.33
C ALA A 83 11.67 9.44 -1.00
N TRP A 84 10.58 9.32 -1.74
CA TRP A 84 10.47 9.96 -3.04
C TRP A 84 10.27 11.46 -2.80
N LEU A 85 9.49 11.78 -1.78
CA LEU A 85 9.22 13.16 -1.45
C LEU A 85 10.50 13.99 -1.62
N ALA A 86 11.59 13.43 -1.12
CA ALA A 86 12.88 14.10 -1.21
C ALA A 86 13.45 13.92 -2.62
N GLU A 87 13.24 12.73 -3.15
CA GLU A 87 13.73 12.41 -4.49
C GLU A 87 13.02 13.27 -5.52
N ALA A 88 11.93 13.88 -5.10
CA ALA A 88 11.15 14.73 -5.98
C ALA A 88 11.41 16.20 -5.63
N GLU A 89 11.01 16.56 -4.42
CA GLU A 89 11.20 17.92 -3.95
C GLU A 89 12.61 18.40 -4.25
N SER A 90 13.55 17.47 -4.19
CA SER A 90 14.95 17.79 -4.45
C SER A 90 15.06 18.61 -5.74
N ARG A 91 14.29 18.19 -6.73
CA ARG A 91 14.28 18.88 -8.01
C ARG A 91 13.84 20.33 -7.84
N VAL A 92 12.95 20.54 -6.89
CA VAL A 92 12.44 21.87 -6.60
C VAL A 92 13.55 22.71 -5.96
N LEU A 93 13.84 22.39 -4.72
CA LEU A 93 14.87 23.11 -3.98
C LEU A 93 16.12 23.22 -4.85
N SER A 94 16.34 22.19 -5.67
CA SER A 94 17.49 22.17 -6.55
C SER A 94 17.52 23.43 -7.41
N ASN A 95 16.55 23.51 -8.32
CA ASN A 95 16.46 24.66 -9.21
C ASN A 95 15.93 25.87 -8.42
N ARG A 96 16.28 27.04 -8.90
CA ARG A 96 15.85 28.27 -8.26
C ARG A 96 14.80 28.98 -9.11
N GLY A 97 14.19 30.01 -8.53
CA GLY A 97 13.17 30.77 -9.22
C GLY A 97 13.44 32.27 -9.11
N ASP A 98 14.70 32.61 -8.90
CA ASP A 98 15.11 33.99 -8.76
C ASP A 98 15.50 34.54 -10.14
N GLY A 1 -10.17 19.57 -8.26
CA GLY A 1 -9.77 18.35 -8.95
C GLY A 1 -10.30 17.11 -8.24
N PRO A 2 -11.64 16.90 -8.36
CA PRO A 2 -12.27 15.76 -7.73
C PRO A 2 -11.97 14.47 -8.50
N HIS A 3 -11.57 14.65 -9.75
CA HIS A 3 -11.25 13.51 -10.60
C HIS A 3 -9.75 13.20 -10.51
N MET A 4 -9.32 12.25 -11.31
CA MET A 4 -7.93 11.86 -11.34
C MET A 4 -7.47 11.50 -12.75
N THR A 5 -6.16 11.52 -12.94
CA THR A 5 -5.59 11.20 -14.24
C THR A 5 -5.42 9.68 -14.39
N GLU A 6 -4.63 9.31 -15.39
CA GLU A 6 -4.37 7.91 -15.66
C GLU A 6 -2.94 7.55 -15.25
N ASP A 7 -2.00 8.14 -15.98
CA ASP A 7 -0.59 7.89 -15.72
C ASP A 7 0.02 9.12 -15.06
N PHE A 8 0.85 8.87 -14.05
CA PHE A 8 1.51 9.94 -13.33
C PHE A 8 3.00 9.68 -13.19
N SER A 9 3.48 8.75 -14.01
CA SER A 9 4.89 8.39 -13.98
C SER A 9 5.64 9.14 -15.08
N HIS A 10 4.96 10.11 -15.67
CA HIS A 10 5.54 10.91 -16.72
C HIS A 10 5.33 12.40 -16.43
N LEU A 11 5.12 12.70 -15.15
CA LEU A 11 4.89 14.07 -14.73
C LEU A 11 6.17 14.60 -14.09
N PRO A 12 6.21 15.96 -13.93
CA PRO A 12 7.36 16.62 -13.34
C PRO A 12 7.40 16.40 -11.83
N PRO A 13 8.56 16.77 -11.22
CA PRO A 13 8.75 16.62 -9.78
C PRO A 13 7.97 17.68 -9.02
N GLU A 14 7.26 18.51 -9.77
CA GLU A 14 6.47 19.57 -9.18
C GLU A 14 5.13 19.03 -8.68
N GLN A 15 4.45 18.34 -9.59
CA GLN A 15 3.15 17.76 -9.25
C GLN A 15 3.31 16.29 -8.85
N GLN A 16 4.39 15.69 -9.35
CA GLN A 16 4.68 14.30 -9.05
C GLN A 16 4.76 14.08 -7.53
N ARG A 17 5.20 15.12 -6.85
CA ARG A 17 5.32 15.05 -5.39
C ARG A 17 3.94 15.14 -4.75
N LYS A 18 3.02 15.77 -5.46
CA LYS A 18 1.66 15.92 -4.96
C LYS A 18 0.92 14.59 -5.10
N ARG A 19 1.31 13.83 -6.10
CA ARG A 19 0.71 12.53 -6.35
C ARG A 19 1.06 11.56 -5.23
N LEU A 20 2.29 11.65 -4.76
CA LEU A 20 2.76 10.79 -3.69
C LEU A 20 1.89 10.99 -2.46
N GLN A 21 1.90 12.21 -1.94
CA GLN A 21 1.12 12.55 -0.77
C GLN A 21 -0.25 11.86 -0.83
N GLN A 22 -0.72 11.65 -2.06
CA GLN A 22 -2.00 11.00 -2.26
C GLN A 22 -1.83 9.47 -2.24
N GLN A 23 -0.85 9.00 -2.98
CA GLN A 23 -0.58 7.58 -3.05
C GLN A 23 0.03 7.09 -1.74
N LEU A 24 0.30 8.04 -0.86
CA LEU A 24 0.88 7.72 0.43
C LEU A 24 -0.24 7.34 1.41
N GLU A 25 -1.24 8.20 1.48
CA GLU A 25 -2.37 7.97 2.36
C GLU A 25 -3.12 6.70 1.94
N GLU A 26 -2.96 6.35 0.67
CA GLU A 26 -3.61 5.17 0.13
C GLU A 26 -2.89 3.91 0.60
N ARG A 27 -1.58 3.90 0.39
CA ARG A 27 -0.76 2.77 0.78
C ARG A 27 -0.89 2.52 2.28
N SER A 28 -1.06 3.60 3.02
CA SER A 28 -1.19 3.51 4.47
C SER A 28 -2.66 3.26 4.84
N ARG A 29 -3.50 3.22 3.81
CA ARG A 29 -4.92 2.98 4.02
C ARG A 29 -5.25 1.51 3.79
N GLU A 30 -4.46 0.89 2.93
CA GLU A 30 -4.66 -0.52 2.62
C GLU A 30 -3.70 -1.40 3.42
N LEU A 31 -2.90 -0.73 4.25
CA LEU A 31 -1.93 -1.42 5.07
C LEU A 31 -2.58 -1.81 6.40
N GLN A 32 -3.22 -0.83 7.02
CA GLN A 32 -3.88 -1.05 8.29
C GLN A 32 -4.95 -2.13 8.15
N LYS A 33 -5.47 -2.25 6.94
CA LYS A 33 -6.51 -3.24 6.66
C LYS A 33 -5.86 -4.61 6.49
N GLU A 34 -4.69 -4.61 5.85
CA GLU A 34 -3.97 -5.84 5.61
C GLU A 34 -3.41 -6.39 6.93
N VAL A 35 -2.99 -5.47 7.79
CA VAL A 35 -2.44 -5.84 9.09
C VAL A 35 -3.59 -6.14 10.06
N ASP A 36 -4.64 -5.33 9.95
CA ASP A 36 -5.80 -5.49 10.81
C ASP A 36 -6.36 -6.90 10.64
N GLN A 37 -6.16 -7.45 9.45
CA GLN A 37 -6.63 -8.79 9.15
C GLN A 37 -5.46 -9.78 9.15
N ARG A 38 -4.28 -9.25 8.83
CA ARG A 38 -3.09 -10.07 8.80
C ARG A 38 -3.14 -11.14 9.89
N GLU A 39 -3.54 -10.71 11.08
CA GLU A 39 -3.63 -11.61 12.21
C GLU A 39 -4.98 -12.33 12.21
N ALA A 40 -6.01 -11.59 11.79
CA ALA A 40 -7.34 -12.14 11.75
C ALA A 40 -7.32 -13.45 10.96
N LEU A 41 -6.48 -13.48 9.94
CA LEU A 41 -6.35 -14.67 9.11
C LEU A 41 -6.27 -15.91 10.00
N LYS A 42 -5.46 -15.80 11.04
CA LYS A 42 -5.27 -16.90 11.98
C LYS A 42 -6.65 -17.34 12.50
N LYS A 43 -7.51 -16.35 12.72
CA LYS A 43 -8.84 -16.62 13.23
C LYS A 43 -9.63 -17.41 12.18
N MET A 44 -9.28 -17.17 10.93
CA MET A 44 -9.94 -17.85 9.82
C MET A 44 -9.50 -19.31 9.73
N LYS A 45 -8.50 -19.65 10.54
CA LYS A 45 -7.97 -21.00 10.56
C LYS A 45 -8.71 -21.81 11.63
N ASP A 46 -8.67 -21.30 12.85
CA ASP A 46 -9.32 -21.97 13.97
C ASP A 46 -10.78 -22.26 13.60
N VAL A 47 -11.40 -21.28 12.97
CA VAL A 47 -12.79 -21.41 12.55
C VAL A 47 -12.94 -22.69 11.72
N TYR A 48 -11.90 -22.99 10.96
CA TYR A 48 -11.89 -24.16 10.11
C TYR A 48 -11.35 -25.38 10.87
N GLU A 49 -10.51 -25.10 11.84
CA GLU A 49 -9.91 -26.16 12.64
C GLU A 49 -10.99 -26.91 13.43
N LYS A 50 -12.07 -26.21 13.70
CA LYS A 50 -13.18 -26.78 14.43
C LYS A 50 -14.41 -26.86 13.53
N THR A 51 -14.54 -25.85 12.67
CA THR A 51 -15.66 -25.80 11.75
C THR A 51 -15.17 -25.53 10.33
N PRO A 52 -14.45 -26.55 9.77
CA PRO A 52 -13.92 -26.43 8.42
C PRO A 52 -15.02 -26.59 7.38
N GLN A 53 -16.24 -26.76 7.88
CA GLN A 53 -17.39 -26.92 7.00
C GLN A 53 -17.77 -25.58 6.38
N MET A 54 -17.04 -24.55 6.77
CA MET A 54 -17.29 -23.21 6.25
C MET A 54 -16.07 -22.68 5.49
N GLY A 55 -15.00 -23.46 5.53
CA GLY A 55 -13.78 -23.07 4.85
C GLY A 55 -12.65 -24.05 5.18
N ASP A 56 -11.43 -23.62 4.88
CA ASP A 56 -10.26 -24.44 5.14
C ASP A 56 -9.04 -23.54 5.33
N PRO A 57 -8.12 -24.00 6.21
CA PRO A 57 -6.90 -23.25 6.49
C PRO A 57 -5.91 -23.37 5.34
N ALA A 58 -6.04 -24.45 4.59
CA ALA A 58 -5.16 -24.70 3.46
C ALA A 58 -5.41 -23.64 2.38
N SER A 59 -6.55 -22.97 2.50
CA SER A 59 -6.92 -21.94 1.56
C SER A 59 -6.64 -20.56 2.16
N LEU A 60 -5.99 -20.57 3.31
CA LEU A 60 -5.65 -19.33 3.99
C LEU A 60 -4.14 -19.11 3.91
N GLU A 61 -3.43 -20.15 3.48
CA GLU A 61 -2.00 -20.07 3.35
C GLU A 61 -1.60 -18.95 2.39
N PRO A 62 -2.33 -18.91 1.23
CA PRO A 62 -2.07 -17.89 0.23
C PRO A 62 -2.62 -16.53 0.66
N GLN A 63 -3.33 -16.55 1.78
CA GLN A 63 -3.91 -15.33 2.31
C GLN A 63 -3.05 -14.78 3.45
N ILE A 64 -2.26 -15.67 4.01
CA ILE A 64 -1.37 -15.29 5.11
C ILE A 64 -0.03 -14.83 4.53
N ALA A 65 0.57 -15.70 3.74
CA ALA A 65 1.86 -15.40 3.12
C ALA A 65 1.69 -14.21 2.18
N GLU A 66 0.46 -14.01 1.73
CA GLU A 66 0.17 -12.91 0.82
C GLU A 66 0.06 -11.60 1.60
N THR A 67 -0.57 -11.69 2.77
CA THR A 67 -0.75 -10.52 3.62
C THR A 67 0.57 -10.18 4.32
N LEU A 68 1.39 -11.20 4.51
CA LEU A 68 2.67 -11.01 5.18
C LEU A 68 3.71 -10.53 4.15
N SER A 69 3.48 -10.93 2.91
CA SER A 69 4.38 -10.56 1.83
C SER A 69 3.96 -9.22 1.24
N ASN A 70 2.70 -8.88 1.46
CA ASN A 70 2.15 -7.62 0.96
C ASN A 70 2.45 -6.51 1.96
N ILE A 71 2.15 -6.80 3.22
CA ILE A 71 2.37 -5.82 4.28
C ILE A 71 3.79 -5.24 4.15
N GLU A 72 4.68 -6.05 3.58
CA GLU A 72 6.05 -5.63 3.39
C GLU A 72 6.14 -4.60 2.26
N ARG A 73 5.31 -4.81 1.25
CA ARG A 73 5.29 -3.91 0.11
C ARG A 73 4.55 -2.61 0.48
N LEU A 74 3.48 -2.77 1.22
CA LEU A 74 2.68 -1.63 1.65
C LEU A 74 3.60 -0.60 2.32
N LYS A 75 3.95 -0.90 3.56
CA LYS A 75 4.81 0.00 4.32
C LYS A 75 5.92 0.54 3.40
N LEU A 76 6.66 -0.38 2.81
CA LEU A 76 7.73 -0.01 1.91
C LEU A 76 7.26 1.13 1.00
N GLU A 77 6.11 0.93 0.39
CA GLU A 77 5.55 1.92 -0.50
C GLU A 77 5.30 3.23 0.26
N VAL A 78 4.87 3.07 1.51
CA VAL A 78 4.59 4.22 2.35
C VAL A 78 5.91 4.88 2.77
N GLN A 79 7.00 4.23 2.40
CA GLN A 79 8.33 4.75 2.73
C GLN A 79 8.93 5.46 1.52
N LYS A 80 9.04 4.73 0.43
CA LYS A 80 9.58 5.29 -0.80
C LYS A 80 8.95 6.65 -1.07
N TYR A 81 7.64 6.70 -0.89
CA TYR A 81 6.90 7.94 -1.11
C TYR A 81 7.36 9.03 -0.14
N GLU A 82 7.22 8.75 1.14
CA GLU A 82 7.62 9.70 2.16
C GLU A 82 9.07 10.14 1.94
N ALA A 83 9.79 9.33 1.19
CA ALA A 83 11.19 9.62 0.89
C ALA A 83 11.28 10.27 -0.49
N TRP A 84 10.26 10.02 -1.30
CA TRP A 84 10.22 10.57 -2.64
C TRP A 84 9.94 12.07 -2.53
N LEU A 85 9.04 12.41 -1.62
CA LEU A 85 8.69 13.80 -1.41
C LEU A 85 9.95 14.66 -1.49
N ALA A 86 11.01 14.18 -0.86
CA ALA A 86 12.27 14.89 -0.86
C ALA A 86 12.99 14.67 -2.19
N GLU A 87 12.90 13.42 -2.66
CA GLU A 87 13.54 13.06 -3.91
C GLU A 87 12.92 13.83 -5.07
N ALA A 88 11.75 14.41 -4.80
CA ALA A 88 11.04 15.18 -5.80
C ALA A 88 11.20 16.67 -5.50
N GLU A 89 10.63 17.07 -4.37
CA GLU A 89 10.70 18.45 -3.94
C GLU A 89 12.06 19.06 -4.28
N SER A 90 13.10 18.33 -3.88
CA SER A 90 14.46 18.76 -4.13
C SER A 90 14.64 19.10 -5.61
N ARG A 91 14.20 18.18 -6.45
CA ARG A 91 14.31 18.36 -7.89
C ARG A 91 13.59 19.65 -8.31
N VAL A 92 12.53 19.97 -7.58
CA VAL A 92 11.76 21.17 -7.87
C VAL A 92 12.55 22.40 -7.44
N LEU A 93 12.67 22.56 -6.13
CA LEU A 93 13.41 23.69 -5.57
C LEU A 93 14.68 23.92 -6.40
N SER A 94 15.21 22.82 -6.91
CA SER A 94 16.43 22.89 -7.71
C SER A 94 16.14 23.57 -9.06
N ASN A 95 15.11 23.06 -9.72
CA ASN A 95 14.71 23.61 -11.01
C ASN A 95 13.19 23.75 -11.06
N ARG A 96 12.74 24.99 -11.20
CA ARG A 96 11.33 25.27 -11.26
C ARG A 96 10.86 25.38 -12.72
N GLY A 97 11.55 24.64 -13.58
CA GLY A 97 11.23 24.64 -14.99
C GLY A 97 11.54 26.01 -15.63
N ASP A 98 12.30 26.80 -14.89
CA ASP A 98 12.68 28.11 -15.37
C ASP A 98 13.28 28.00 -16.77
N GLY A 1 -15.07 18.67 -13.75
CA GLY A 1 -14.59 17.47 -13.08
C GLY A 1 -13.08 17.32 -13.25
N PRO A 2 -12.47 16.48 -12.36
CA PRO A 2 -11.04 16.24 -12.41
C PRO A 2 -10.67 15.33 -13.58
N HIS A 3 -9.42 14.92 -13.59
CA HIS A 3 -8.93 14.04 -14.65
C HIS A 3 -7.75 13.22 -14.13
N MET A 4 -7.39 12.19 -14.89
CA MET A 4 -6.30 11.33 -14.51
C MET A 4 -5.63 10.73 -15.76
N THR A 5 -4.37 10.35 -15.59
CA THR A 5 -3.61 9.77 -16.68
C THR A 5 -3.05 8.40 -16.27
N GLU A 6 -2.17 7.88 -17.12
CA GLU A 6 -1.56 6.59 -16.86
C GLU A 6 -0.26 6.77 -16.09
N ASP A 7 0.75 7.26 -16.81
CA ASP A 7 2.06 7.48 -16.21
C ASP A 7 2.23 8.98 -15.91
N PHE A 8 2.46 9.28 -14.65
CA PHE A 8 2.63 10.65 -14.23
C PHE A 8 4.12 11.03 -14.21
N SER A 9 4.78 10.72 -15.30
CA SER A 9 6.20 11.02 -15.44
C SER A 9 6.40 12.38 -16.10
N HIS A 10 5.81 12.50 -17.29
CA HIS A 10 5.91 13.74 -18.04
C HIS A 10 5.49 14.92 -17.15
N LEU A 11 4.62 14.62 -16.20
CA LEU A 11 4.14 15.63 -15.28
C LEU A 11 5.33 16.30 -14.58
N PRO A 12 5.08 17.51 -14.04
CA PRO A 12 6.13 18.26 -13.35
C PRO A 12 6.40 17.66 -11.97
N PRO A 13 7.51 18.16 -11.35
CA PRO A 13 7.90 17.68 -10.03
C PRO A 13 6.99 18.27 -8.95
N GLU A 14 6.34 19.37 -9.30
CA GLU A 14 5.45 20.03 -8.37
C GLU A 14 4.11 19.31 -8.32
N GLN A 15 3.73 18.72 -9.44
CA GLN A 15 2.48 17.98 -9.53
C GLN A 15 2.72 16.49 -9.34
N GLN A 16 3.95 16.09 -9.62
CA GLN A 16 4.33 14.68 -9.50
C GLN A 16 4.39 14.29 -8.03
N ARG A 17 4.74 15.26 -7.20
CA ARG A 17 4.85 15.03 -5.77
C ARG A 17 3.46 15.03 -5.13
N LYS A 18 2.47 15.36 -5.94
CA LYS A 18 1.10 15.39 -5.47
C LYS A 18 0.49 13.99 -5.55
N ARG A 19 0.73 13.34 -6.69
CA ARG A 19 0.21 12.00 -6.90
C ARG A 19 0.72 11.06 -5.81
N LEU A 20 1.92 11.35 -5.33
CA LEU A 20 2.53 10.54 -4.29
C LEU A 20 1.67 10.64 -3.02
N GLN A 21 1.53 11.86 -2.52
CA GLN A 21 0.75 12.10 -1.32
C GLN A 21 -0.55 11.28 -1.36
N GLN A 22 -1.18 11.29 -2.52
CA GLN A 22 -2.42 10.56 -2.70
C GLN A 22 -2.17 9.05 -2.58
N GLN A 23 -1.49 8.52 -3.59
CA GLN A 23 -1.19 7.10 -3.61
C GLN A 23 -0.71 6.64 -2.23
N LEU A 24 -0.15 7.57 -1.49
CA LEU A 24 0.34 7.28 -0.15
C LEU A 24 -0.83 6.83 0.73
N GLU A 25 -1.66 7.80 1.09
CA GLU A 25 -2.82 7.51 1.93
C GLU A 25 -3.65 6.39 1.32
N GLU A 26 -3.44 6.18 0.03
CA GLU A 26 -4.17 5.13 -0.69
C GLU A 26 -3.63 3.76 -0.31
N ARG A 27 -2.31 3.67 -0.23
CA ARG A 27 -1.66 2.42 0.11
C ARG A 27 -1.95 2.07 1.58
N SER A 28 -1.58 2.98 2.46
CA SER A 28 -1.79 2.78 3.88
C SER A 28 -3.25 2.45 4.15
N ARG A 29 -4.12 3.05 3.35
CA ARG A 29 -5.55 2.84 3.49
C ARG A 29 -5.86 1.34 3.45
N GLU A 30 -5.03 0.60 2.72
CA GLU A 30 -5.21 -0.83 2.59
C GLU A 30 -4.17 -1.57 3.44
N LEU A 31 -3.06 -0.89 3.68
CA LEU A 31 -1.98 -1.46 4.47
C LEU A 31 -2.55 -2.02 5.77
N GLN A 32 -3.39 -1.23 6.41
CA GLN A 32 -4.01 -1.62 7.66
C GLN A 32 -5.07 -2.70 7.40
N LYS A 33 -5.61 -2.67 6.20
CA LYS A 33 -6.64 -3.63 5.82
C LYS A 33 -6.03 -5.04 5.81
N GLU A 34 -4.85 -5.13 5.21
CA GLU A 34 -4.15 -6.40 5.12
C GLU A 34 -3.51 -6.75 6.47
N VAL A 35 -3.00 -5.73 7.12
CA VAL A 35 -2.37 -5.91 8.42
C VAL A 35 -3.44 -6.14 9.48
N ASP A 36 -4.65 -5.74 9.16
CA ASP A 36 -5.76 -5.90 10.07
C ASP A 36 -6.23 -7.36 10.06
N GLN A 37 -5.98 -8.01 8.94
CA GLN A 37 -6.35 -9.41 8.79
C GLN A 37 -5.12 -10.31 8.89
N ARG A 38 -3.97 -9.71 8.63
CA ARG A 38 -2.71 -10.44 8.69
C ARG A 38 -2.63 -11.24 10.00
N GLU A 39 -3.17 -10.65 11.05
CA GLU A 39 -3.16 -11.29 12.36
C GLU A 39 -4.45 -12.09 12.57
N ALA A 40 -5.46 -11.74 11.78
CA ALA A 40 -6.74 -12.42 11.86
C ALA A 40 -6.67 -13.72 11.09
N LEU A 41 -5.71 -13.79 10.18
CA LEU A 41 -5.53 -14.98 9.36
C LEU A 41 -5.31 -16.19 10.27
N LYS A 42 -4.24 -16.10 11.08
CA LYS A 42 -3.91 -17.18 12.00
C LYS A 42 -5.17 -17.56 12.79
N LYS A 43 -6.09 -16.62 12.88
CA LYS A 43 -7.33 -16.85 13.61
C LYS A 43 -8.35 -17.48 12.67
N MET A 44 -8.28 -17.09 11.40
CA MET A 44 -9.19 -17.61 10.41
C MET A 44 -8.96 -19.10 10.16
N LYS A 45 -7.86 -19.59 10.73
CA LYS A 45 -7.51 -21.00 10.59
C LYS A 45 -8.05 -21.77 11.80
N ASP A 46 -7.55 -21.39 12.96
CA ASP A 46 -7.97 -22.05 14.20
C ASP A 46 -9.49 -22.20 14.20
N VAL A 47 -10.15 -21.21 13.63
CA VAL A 47 -11.60 -21.21 13.56
C VAL A 47 -12.07 -22.53 12.94
N TYR A 48 -11.39 -22.92 11.87
CA TYR A 48 -11.73 -24.15 11.17
C TYR A 48 -11.13 -25.36 11.89
N GLU A 49 -9.98 -25.13 12.51
CA GLU A 49 -9.29 -26.20 13.23
C GLU A 49 -10.23 -26.82 14.26
N LYS A 50 -11.14 -26.01 14.77
CA LYS A 50 -12.10 -26.47 15.76
C LYS A 50 -13.49 -26.47 15.14
N THR A 51 -13.71 -25.53 14.24
CA THR A 51 -15.00 -25.41 13.58
C THR A 51 -14.80 -25.22 12.07
N PRO A 52 -14.34 -26.31 11.41
CA PRO A 52 -14.11 -26.27 9.98
C PRO A 52 -15.43 -26.32 9.21
N GLN A 53 -16.52 -26.36 9.96
CA GLN A 53 -17.85 -26.42 9.37
C GLN A 53 -18.19 -25.08 8.73
N MET A 54 -17.30 -24.11 8.93
CA MET A 54 -17.49 -22.78 8.37
C MET A 54 -16.42 -22.46 7.34
N GLY A 55 -15.45 -23.34 7.25
CA GLY A 55 -14.35 -23.16 6.30
C GLY A 55 -13.18 -24.09 6.64
N ASP A 56 -12.08 -23.87 5.93
CA ASP A 56 -10.89 -24.68 6.13
C ASP A 56 -9.67 -23.76 6.26
N PRO A 57 -8.69 -24.22 7.09
CA PRO A 57 -7.49 -23.45 7.31
C PRO A 57 -6.54 -23.56 6.11
N ALA A 58 -6.81 -24.56 5.28
CA ALA A 58 -6.00 -24.78 4.09
C ALA A 58 -6.43 -23.80 3.00
N SER A 59 -7.45 -23.01 3.31
CA SER A 59 -7.95 -22.03 2.37
C SER A 59 -7.44 -20.64 2.73
N LEU A 60 -6.53 -20.62 3.71
CA LEU A 60 -5.96 -19.36 4.15
C LEU A 60 -4.45 -19.39 3.94
N GLU A 61 -3.98 -20.52 3.41
CA GLU A 61 -2.56 -20.69 3.15
C GLU A 61 -2.12 -19.77 2.01
N PRO A 62 -2.94 -19.77 0.92
CA PRO A 62 -2.64 -18.95 -0.24
C PRO A 62 -2.96 -17.47 0.03
N GLN A 63 -3.63 -17.24 1.16
CA GLN A 63 -4.00 -15.89 1.55
C GLN A 63 -3.01 -15.37 2.59
N ILE A 64 -2.50 -16.28 3.39
CA ILE A 64 -1.55 -15.92 4.43
C ILE A 64 -0.32 -15.28 3.80
N ALA A 65 0.35 -16.06 2.95
CA ALA A 65 1.53 -15.60 2.26
C ALA A 65 1.18 -14.39 1.39
N GLU A 66 -0.12 -14.23 1.17
CA GLU A 66 -0.61 -13.13 0.35
C GLU A 66 -0.73 -11.86 1.19
N THR A 67 -1.08 -12.05 2.45
CA THR A 67 -1.23 -10.94 3.37
C THR A 67 0.14 -10.36 3.73
N LEU A 68 1.02 -11.24 4.14
CA LEU A 68 2.36 -10.83 4.53
C LEU A 68 3.03 -10.12 3.35
N SER A 69 2.96 -10.77 2.19
CA SER A 69 3.54 -10.21 0.99
C SER A 69 2.77 -8.98 0.55
N ASN A 70 1.59 -8.82 1.12
CA ASN A 70 0.74 -7.69 0.79
C ASN A 70 1.04 -6.53 1.77
N ILE A 71 1.58 -6.90 2.92
CA ILE A 71 1.93 -5.91 3.92
C ILE A 71 3.29 -5.30 3.60
N GLU A 72 4.22 -6.18 3.22
CA GLU A 72 5.56 -5.75 2.88
C GLU A 72 5.54 -4.94 1.57
N ARG A 73 4.48 -5.15 0.80
CA ARG A 73 4.34 -4.46 -0.47
C ARG A 73 3.42 -3.25 -0.30
N LEU A 74 2.80 -3.17 0.86
CA LEU A 74 1.89 -2.07 1.15
C LEU A 74 2.65 -0.97 1.90
N LYS A 75 3.51 -1.41 2.81
CA LYS A 75 4.29 -0.47 3.60
C LYS A 75 5.46 0.04 2.76
N LEU A 76 5.97 -0.84 1.92
CA LEU A 76 7.09 -0.49 1.06
C LEU A 76 6.68 0.67 0.15
N GLU A 77 5.54 0.50 -0.50
CA GLU A 77 5.03 1.53 -1.40
C GLU A 77 4.77 2.82 -0.63
N VAL A 78 4.54 2.67 0.67
CA VAL A 78 4.28 3.81 1.52
C VAL A 78 5.59 4.30 2.13
N GLN A 79 6.65 3.55 1.85
CA GLN A 79 7.97 3.90 2.36
C GLN A 79 8.77 4.64 1.28
N LYS A 80 8.28 4.56 0.06
CA LYS A 80 8.94 5.21 -1.06
C LYS A 80 8.31 6.58 -1.31
N TYR A 81 6.98 6.60 -1.19
CA TYR A 81 6.24 7.84 -1.40
C TYR A 81 6.63 8.89 -0.36
N GLU A 82 6.42 8.54 0.90
CA GLU A 82 6.74 9.45 1.99
C GLU A 82 8.20 9.88 1.89
N ALA A 83 8.98 9.12 1.14
CA ALA A 83 10.39 9.42 0.96
C ALA A 83 10.57 10.14 -0.36
N TRP A 84 9.62 9.95 -1.25
CA TRP A 84 9.67 10.57 -2.57
C TRP A 84 9.38 12.07 -2.39
N LEU A 85 8.40 12.35 -1.55
CA LEU A 85 8.02 13.73 -1.28
C LEU A 85 9.27 14.60 -1.21
N ALA A 86 10.27 14.06 -0.53
CA ALA A 86 11.53 14.77 -0.37
C ALA A 86 12.37 14.61 -1.64
N GLU A 87 12.34 13.40 -2.19
CA GLU A 87 13.09 13.12 -3.40
C GLU A 87 12.55 13.95 -4.57
N ALA A 88 11.38 14.52 -4.35
CA ALA A 88 10.75 15.34 -5.38
C ALA A 88 10.89 16.82 -4.99
N GLU A 89 10.32 17.15 -3.84
CA GLU A 89 10.38 18.52 -3.36
C GLU A 89 11.79 19.08 -3.50
N SER A 90 12.74 18.35 -2.94
CA SER A 90 14.14 18.75 -2.99
C SER A 90 14.49 19.21 -4.41
N ARG A 91 13.96 18.47 -5.39
CA ARG A 91 14.21 18.78 -6.78
C ARG A 91 13.49 20.08 -7.17
N VAL A 92 12.23 20.16 -6.81
CA VAL A 92 11.42 21.33 -7.11
C VAL A 92 12.18 22.59 -6.66
N LEU A 93 12.42 22.67 -5.37
CA LEU A 93 13.13 23.80 -4.81
C LEU A 93 14.37 24.09 -5.65
N SER A 94 15.21 23.07 -5.77
CA SER A 94 16.44 23.21 -6.54
C SER A 94 16.14 23.87 -7.88
N ASN A 95 14.99 23.53 -8.43
CA ASN A 95 14.57 24.09 -9.71
C ASN A 95 13.77 25.37 -9.47
N ARG A 96 14.50 26.47 -9.38
CA ARG A 96 13.86 27.76 -9.14
C ARG A 96 14.13 28.70 -10.33
N GLY A 97 13.47 29.84 -10.29
CA GLY A 97 13.62 30.84 -11.35
C GLY A 97 14.94 31.59 -11.19
N ASP A 98 16.03 30.88 -11.40
CA ASP A 98 17.36 31.46 -11.28
C ASP A 98 17.49 32.59 -12.31
N GLY A 1 -5.99 4.31 -8.16
CA GLY A 1 -7.06 5.27 -8.37
C GLY A 1 -7.95 4.85 -9.55
N PRO A 2 -9.14 5.51 -9.63
CA PRO A 2 -10.08 5.21 -10.69
C PRO A 2 -9.61 5.80 -12.02
N HIS A 3 -9.35 7.11 -12.00
CA HIS A 3 -8.89 7.81 -13.18
C HIS A 3 -7.49 8.39 -12.94
N MET A 4 -6.83 8.73 -14.03
CA MET A 4 -5.50 9.30 -13.96
C MET A 4 -5.33 10.46 -14.94
N THR A 5 -4.55 11.43 -14.51
CA THR A 5 -4.30 12.60 -15.33
C THR A 5 -3.56 12.22 -16.61
N GLU A 6 -3.18 13.24 -17.37
CA GLU A 6 -2.46 13.00 -18.61
C GLU A 6 -1.41 11.91 -18.44
N ASP A 7 -0.47 12.17 -17.54
CA ASP A 7 0.59 11.22 -17.26
C ASP A 7 1.38 11.68 -16.04
N PHE A 8 1.22 10.93 -14.96
CA PHE A 8 1.90 11.25 -13.71
C PHE A 8 3.37 10.85 -13.79
N SER A 9 3.75 10.31 -14.94
CA SER A 9 5.13 9.89 -15.15
C SER A 9 5.95 11.05 -15.70
N HIS A 10 5.25 12.04 -16.22
CA HIS A 10 5.90 13.21 -16.79
C HIS A 10 5.61 14.43 -15.91
N LEU A 11 4.58 14.30 -15.09
CA LEU A 11 4.19 15.39 -14.20
C LEU A 11 5.46 16.04 -13.63
N PRO A 12 5.30 17.34 -13.24
CA PRO A 12 6.41 18.09 -12.67
C PRO A 12 6.70 17.66 -11.24
N PRO A 13 7.86 18.13 -10.71
CA PRO A 13 8.26 17.80 -9.36
C PRO A 13 7.44 18.59 -8.33
N GLU A 14 6.53 19.40 -8.85
CA GLU A 14 5.68 20.21 -8.00
C GLU A 14 4.34 19.50 -7.76
N GLN A 15 3.83 18.90 -8.82
CA GLN A 15 2.57 18.18 -8.74
C GLN A 15 2.81 16.68 -8.56
N GLN A 16 3.71 16.16 -9.38
CA GLN A 16 4.05 14.74 -9.32
C GLN A 16 4.13 14.28 -7.86
N ARG A 17 4.62 15.18 -7.02
CA ARG A 17 4.76 14.88 -5.61
C ARG A 17 3.38 14.72 -4.96
N LYS A 18 2.52 15.69 -5.24
CA LYS A 18 1.17 15.66 -4.70
C LYS A 18 0.54 14.30 -4.94
N ARG A 19 0.97 13.67 -6.02
CA ARG A 19 0.46 12.35 -6.38
C ARG A 19 0.95 11.31 -5.38
N LEU A 20 2.21 11.43 -5.00
CA LEU A 20 2.81 10.50 -4.05
C LEU A 20 2.13 10.67 -2.69
N GLN A 21 1.98 11.93 -2.29
CA GLN A 21 1.35 12.24 -1.02
C GLN A 21 -0.04 11.60 -0.94
N GLN A 22 -0.57 11.28 -2.11
CA GLN A 22 -1.89 10.67 -2.19
C GLN A 22 -1.78 9.15 -2.08
N GLN A 23 -1.33 8.53 -3.17
CA GLN A 23 -1.17 7.09 -3.20
C GLN A 23 -0.47 6.61 -1.93
N LEU A 24 0.39 7.46 -1.41
CA LEU A 24 1.13 7.14 -0.20
C LEU A 24 0.15 6.86 0.93
N GLU A 25 -0.65 7.86 1.23
CA GLU A 25 -1.63 7.75 2.29
C GLU A 25 -2.61 6.62 1.99
N GLU A 26 -2.70 6.28 0.71
CA GLU A 26 -3.59 5.22 0.28
C GLU A 26 -2.88 3.87 0.35
N ARG A 27 -1.57 3.93 0.57
CA ARG A 27 -0.77 2.72 0.67
C ARG A 27 -0.60 2.31 2.13
N SER A 28 -0.49 3.31 2.98
CA SER A 28 -0.33 3.07 4.41
C SER A 28 -1.65 2.63 5.02
N ARG A 29 -2.67 3.45 4.81
CA ARG A 29 -3.99 3.16 5.34
C ARG A 29 -4.37 1.71 5.05
N GLU A 30 -4.15 1.31 3.80
CA GLU A 30 -4.46 -0.05 3.39
C GLU A 30 -3.48 -1.04 4.02
N LEU A 31 -2.32 -0.51 4.39
CA LEU A 31 -1.29 -1.33 5.01
C LEU A 31 -1.79 -1.87 6.35
N GLN A 32 -2.33 -0.95 7.14
CA GLN A 32 -2.85 -1.31 8.46
C GLN A 32 -4.06 -2.24 8.30
N LYS A 33 -4.53 -2.36 7.07
CA LYS A 33 -5.66 -3.21 6.77
C LYS A 33 -5.18 -4.64 6.51
N GLU A 34 -3.97 -4.73 6.00
CA GLU A 34 -3.37 -6.03 5.70
C GLU A 34 -2.85 -6.67 6.98
N VAL A 35 -2.26 -5.85 7.83
CA VAL A 35 -1.71 -6.33 9.08
C VAL A 35 -2.84 -6.49 10.09
N ASP A 36 -3.85 -5.64 9.96
CA ASP A 36 -4.99 -5.69 10.85
C ASP A 36 -5.68 -7.04 10.72
N GLN A 37 -5.48 -7.68 9.57
CA GLN A 37 -6.08 -8.97 9.31
C GLN A 37 -5.02 -10.07 9.42
N ARG A 38 -3.78 -9.67 9.20
CA ARG A 38 -2.67 -10.62 9.29
C ARG A 38 -2.93 -11.65 10.38
N GLU A 39 -3.03 -11.17 11.60
CA GLU A 39 -3.27 -12.03 12.74
C GLU A 39 -4.68 -12.62 12.66
N ALA A 40 -5.59 -11.82 12.15
CA ALA A 40 -6.98 -12.24 12.01
C ALA A 40 -7.03 -13.59 11.31
N LEU A 41 -6.32 -13.67 10.18
CA LEU A 41 -6.28 -14.90 9.41
C LEU A 41 -6.12 -16.09 10.36
N LYS A 42 -5.06 -16.05 11.14
CA LYS A 42 -4.78 -17.11 12.09
C LYS A 42 -6.06 -17.46 12.84
N LYS A 43 -6.82 -16.43 13.16
CA LYS A 43 -8.08 -16.60 13.88
C LYS A 43 -9.12 -17.22 12.94
N MET A 44 -9.06 -16.79 11.68
CA MET A 44 -9.99 -17.27 10.68
C MET A 44 -9.81 -18.78 10.46
N LYS A 45 -8.72 -19.30 11.02
CA LYS A 45 -8.42 -20.72 10.88
C LYS A 45 -9.09 -21.49 12.02
N ASP A 46 -8.80 -21.06 13.23
CA ASP A 46 -9.37 -21.71 14.41
C ASP A 46 -10.89 -21.80 14.25
N VAL A 47 -11.46 -20.72 13.72
CA VAL A 47 -12.90 -20.67 13.51
C VAL A 47 -13.33 -21.89 12.68
N TYR A 48 -12.44 -22.30 11.79
CA TYR A 48 -12.72 -23.45 10.93
C TYR A 48 -12.21 -24.74 11.57
N GLU A 49 -11.19 -24.60 12.40
CA GLU A 49 -10.61 -25.74 13.08
C GLU A 49 -11.65 -26.40 14.00
N LYS A 50 -12.60 -25.59 14.43
CA LYS A 50 -13.64 -26.08 15.31
C LYS A 50 -15.00 -25.98 14.58
N THR A 51 -15.13 -24.93 13.80
CA THR A 51 -16.36 -24.72 13.05
C THR A 51 -16.04 -24.42 11.59
N PRO A 52 -15.55 -25.47 10.88
CA PRO A 52 -15.20 -25.32 9.47
C PRO A 52 -16.45 -25.29 8.60
N GLN A 53 -17.60 -25.36 9.26
CA GLN A 53 -18.87 -25.34 8.56
C GLN A 53 -19.17 -23.93 8.06
N MET A 54 -18.28 -23.01 8.38
CA MET A 54 -18.43 -21.62 7.96
C MET A 54 -17.28 -21.19 7.07
N GLY A 55 -16.33 -22.09 6.90
CA GLY A 55 -15.17 -21.82 6.08
C GLY A 55 -14.09 -22.89 6.25
N ASP A 56 -13.03 -22.76 5.48
CA ASP A 56 -11.92 -23.71 5.54
C ASP A 56 -10.62 -22.95 5.75
N PRO A 57 -9.70 -23.58 6.54
CA PRO A 57 -8.41 -22.98 6.82
C PRO A 57 -7.48 -23.08 5.60
N ALA A 58 -7.74 -24.08 4.78
CA ALA A 58 -6.95 -24.29 3.59
C ALA A 58 -7.13 -23.11 2.64
N SER A 59 -8.13 -22.29 2.95
CA SER A 59 -8.42 -21.12 2.13
C SER A 59 -7.85 -19.87 2.79
N LEU A 60 -7.08 -20.09 3.85
CA LEU A 60 -6.48 -18.99 4.58
C LEU A 60 -4.95 -19.09 4.47
N GLU A 61 -4.50 -20.16 3.82
CA GLU A 61 -3.07 -20.38 3.64
C GLU A 61 -2.54 -19.49 2.52
N PRO A 62 -3.32 -19.43 1.41
CA PRO A 62 -2.93 -18.64 0.26
C PRO A 62 -3.17 -17.14 0.53
N GLN A 63 -4.02 -16.88 1.50
CA GLN A 63 -4.34 -15.51 1.87
C GLN A 63 -3.37 -15.01 2.93
N ILE A 64 -2.87 -15.95 3.73
CA ILE A 64 -1.93 -15.62 4.78
C ILE A 64 -0.61 -15.15 4.16
N ALA A 65 -0.05 -15.99 3.32
CA ALA A 65 1.20 -15.68 2.67
C ALA A 65 1.00 -14.49 1.73
N GLU A 66 -0.27 -14.16 1.52
CA GLU A 66 -0.63 -13.04 0.65
C GLU A 66 -0.58 -11.74 1.43
N THR A 67 -0.93 -11.83 2.70
CA THR A 67 -0.94 -10.66 3.57
C THR A 67 0.48 -10.18 3.83
N LEU A 68 1.39 -11.14 3.90
CA LEU A 68 2.79 -10.82 4.15
C LEU A 68 3.41 -10.25 2.88
N SER A 69 3.27 -11.02 1.80
CA SER A 69 3.82 -10.60 0.51
C SER A 69 3.17 -9.28 0.08
N ASN A 70 2.02 -9.00 0.67
CA ASN A 70 1.29 -7.78 0.34
C ASN A 70 1.74 -6.66 1.29
N ILE A 71 2.22 -7.07 2.46
CA ILE A 71 2.68 -6.12 3.44
C ILE A 71 4.07 -5.60 3.04
N GLU A 72 4.93 -6.53 2.66
CA GLU A 72 6.28 -6.20 2.25
C GLU A 72 6.24 -5.30 1.01
N ARG A 73 5.28 -5.58 0.14
CA ARG A 73 5.13 -4.81 -1.09
C ARG A 73 4.34 -3.54 -0.82
N LEU A 74 3.82 -3.44 0.40
CA LEU A 74 3.04 -2.28 0.80
C LEU A 74 3.97 -1.23 1.39
N LYS A 75 4.41 -1.50 2.62
CA LYS A 75 5.31 -0.58 3.31
C LYS A 75 6.32 -0.01 2.32
N LEU A 76 6.84 -0.90 1.48
CA LEU A 76 7.82 -0.50 0.48
C LEU A 76 7.32 0.76 -0.23
N GLU A 77 6.08 0.69 -0.68
CA GLU A 77 5.48 1.81 -1.38
C GLU A 77 5.54 3.07 -0.52
N VAL A 78 5.20 2.90 0.75
CA VAL A 78 5.21 4.01 1.69
C VAL A 78 6.66 4.38 2.02
N GLN A 79 7.59 3.60 1.46
CA GLN A 79 9.00 3.83 1.69
C GLN A 79 9.60 4.59 0.51
N LYS A 80 9.17 4.21 -0.69
CA LYS A 80 9.66 4.85 -1.90
C LYS A 80 9.00 6.23 -2.05
N TYR A 81 7.72 6.27 -1.73
CA TYR A 81 6.98 7.51 -1.83
C TYR A 81 7.51 8.55 -0.84
N GLU A 82 7.48 8.19 0.44
CA GLU A 82 7.95 9.07 1.48
C GLU A 82 9.39 9.51 1.18
N ALA A 83 10.05 8.74 0.32
CA ALA A 83 11.43 9.04 -0.05
C ALA A 83 11.43 9.78 -1.38
N TRP A 84 10.37 9.59 -2.14
CA TRP A 84 10.25 10.24 -3.43
C TRP A 84 10.00 11.73 -3.20
N LEU A 85 9.16 12.01 -2.21
CA LEU A 85 8.83 13.39 -1.88
C LEU A 85 10.10 14.25 -1.96
N ALA A 86 11.19 13.68 -1.44
CA ALA A 86 12.46 14.38 -1.44
C ALA A 86 13.11 14.23 -2.82
N GLU A 87 12.98 13.03 -3.38
CA GLU A 87 13.54 12.75 -4.69
C GLU A 87 12.87 13.62 -5.76
N ALA A 88 11.74 14.20 -5.38
CA ALA A 88 10.99 15.05 -6.29
C ALA A 88 11.21 16.52 -5.91
N GLU A 89 10.74 16.87 -4.73
CA GLU A 89 10.89 18.23 -4.24
C GLU A 89 12.26 18.79 -4.63
N SER A 90 13.28 17.97 -4.41
CA SER A 90 14.64 18.37 -4.75
C SER A 90 14.65 19.16 -6.06
N ARG A 91 14.01 18.57 -7.06
CA ARG A 91 13.95 19.20 -8.37
C ARG A 91 13.31 20.59 -8.26
N VAL A 92 12.21 20.64 -7.52
CA VAL A 92 11.50 21.89 -7.33
C VAL A 92 12.46 22.94 -6.77
N LEU A 93 12.97 22.65 -5.57
CA LEU A 93 13.89 23.56 -4.91
C LEU A 93 14.96 24.00 -5.91
N SER A 94 15.27 23.10 -6.83
CA SER A 94 16.28 23.37 -7.84
C SER A 94 15.73 24.38 -8.85
N ASN A 95 14.50 24.14 -9.27
CA ASN A 95 13.85 25.00 -10.24
C ASN A 95 12.40 25.24 -9.82
N ARG A 96 12.11 26.47 -9.44
CA ARG A 96 10.77 26.83 -9.01
C ARG A 96 9.90 27.17 -10.23
N GLY A 97 8.63 27.45 -9.95
CA GLY A 97 7.69 27.79 -11.00
C GLY A 97 6.86 29.01 -10.62
N ASP A 98 7.55 30.13 -10.44
CA ASP A 98 6.88 31.37 -10.07
C ASP A 98 6.58 32.17 -11.33
N GLY A 1 -18.03 5.72 -20.48
CA GLY A 1 -17.30 6.30 -19.35
C GLY A 1 -16.11 7.14 -19.83
N PRO A 2 -15.67 8.07 -18.94
CA PRO A 2 -14.55 8.94 -19.27
C PRO A 2 -13.23 8.18 -19.20
N HIS A 3 -12.14 8.95 -19.12
CA HIS A 3 -10.82 8.36 -19.05
C HIS A 3 -10.16 8.75 -17.72
N MET A 4 -8.91 8.31 -17.57
CA MET A 4 -8.16 8.61 -16.36
C MET A 4 -6.92 9.44 -16.68
N THR A 5 -6.20 9.80 -15.63
CA THR A 5 -5.00 10.60 -15.78
C THR A 5 -3.98 9.88 -16.67
N GLU A 6 -2.85 10.52 -16.86
CA GLU A 6 -1.80 9.94 -17.68
C GLU A 6 -0.47 9.90 -16.91
N ASP A 7 0.62 9.96 -17.66
CA ASP A 7 1.94 9.93 -17.05
C ASP A 7 2.09 11.11 -16.09
N PHE A 8 2.11 10.79 -14.81
CA PHE A 8 2.26 11.81 -13.79
C PHE A 8 3.53 12.62 -13.98
N SER A 9 4.46 12.02 -14.71
CA SER A 9 5.74 12.67 -14.99
C SER A 9 5.51 13.94 -15.80
N HIS A 10 4.38 13.96 -16.50
CA HIS A 10 4.03 15.11 -17.31
C HIS A 10 3.83 16.34 -16.43
N LEU A 11 3.72 16.08 -15.14
CA LEU A 11 3.52 17.16 -14.18
C LEU A 11 4.88 17.68 -13.71
N PRO A 12 4.86 18.93 -13.16
CA PRO A 12 6.08 19.55 -12.67
C PRO A 12 6.53 18.93 -11.35
N PRO A 13 7.76 19.31 -10.93
CA PRO A 13 8.32 18.80 -9.69
C PRO A 13 7.65 19.46 -8.48
N GLU A 14 6.71 20.34 -8.77
CA GLU A 14 5.99 21.04 -7.72
C GLU A 14 4.81 20.20 -7.23
N GLN A 15 3.90 19.93 -8.14
CA GLN A 15 2.73 19.14 -7.82
C GLN A 15 3.08 17.65 -7.77
N GLN A 16 4.22 17.32 -8.37
CA GLN A 16 4.69 15.94 -8.40
C GLN A 16 4.83 15.40 -6.97
N ARG A 17 5.10 16.31 -6.05
CA ARG A 17 5.27 15.94 -4.66
C ARG A 17 3.90 15.75 -3.99
N LYS A 18 2.88 16.28 -4.66
CA LYS A 18 1.52 16.18 -4.15
C LYS A 18 0.96 14.80 -4.47
N ARG A 19 1.53 14.18 -5.50
CA ARG A 19 1.10 12.86 -5.92
C ARG A 19 1.62 11.80 -4.96
N LEU A 20 2.78 12.09 -4.38
CA LEU A 20 3.40 11.17 -3.44
C LEU A 20 2.55 11.09 -2.17
N GLN A 21 2.61 12.15 -1.38
CA GLN A 21 1.85 12.22 -0.15
C GLN A 21 0.46 11.59 -0.34
N GLN A 22 -0.03 11.70 -1.58
CA GLN A 22 -1.33 11.16 -1.90
C GLN A 22 -1.30 9.63 -1.84
N GLN A 23 -0.41 9.05 -2.61
CA GLN A 23 -0.27 7.60 -2.65
C GLN A 23 0.16 7.07 -1.28
N LEU A 24 0.90 7.92 -0.56
CA LEU A 24 1.37 7.54 0.77
C LEU A 24 0.17 7.31 1.69
N GLU A 25 -0.66 8.34 1.79
CA GLU A 25 -1.85 8.25 2.63
C GLU A 25 -2.80 7.19 2.10
N GLU A 26 -2.52 6.73 0.89
CA GLU A 26 -3.34 5.72 0.25
C GLU A 26 -2.87 4.32 0.66
N ARG A 27 -1.56 4.13 0.58
CA ARG A 27 -0.96 2.84 0.93
C ARG A 27 -1.24 2.53 2.41
N SER A 28 -0.88 3.47 3.26
CA SER A 28 -1.07 3.32 4.70
C SER A 28 -2.50 2.83 4.98
N ARG A 29 -3.39 3.12 4.04
CA ARG A 29 -4.78 2.74 4.17
C ARG A 29 -4.96 1.28 3.75
N GLU A 30 -4.58 1.01 2.50
CA GLU A 30 -4.70 -0.33 1.96
C GLU A 30 -3.69 -1.27 2.64
N LEU A 31 -2.83 -0.68 3.45
CA LEU A 31 -1.81 -1.43 4.15
C LEU A 31 -2.39 -1.96 5.47
N GLN A 32 -2.95 -1.04 6.24
CA GLN A 32 -3.55 -1.40 7.52
C GLN A 32 -4.80 -2.26 7.31
N LYS A 33 -5.19 -2.35 6.04
CA LYS A 33 -6.37 -3.14 5.69
C LYS A 33 -5.97 -4.62 5.55
N GLU A 34 -4.72 -4.82 5.15
CA GLU A 34 -4.21 -6.17 4.97
C GLU A 34 -3.43 -6.61 6.22
N VAL A 35 -2.79 -5.64 6.84
CA VAL A 35 -2.01 -5.92 8.04
C VAL A 35 -2.95 -6.08 9.23
N ASP A 36 -4.17 -5.56 9.06
CA ASP A 36 -5.17 -5.64 10.11
C ASP A 36 -5.76 -7.05 10.14
N GLN A 37 -5.70 -7.71 9.00
CA GLN A 37 -6.22 -9.06 8.88
C GLN A 37 -5.07 -10.07 8.83
N ARG A 38 -3.92 -9.58 8.38
CA ARG A 38 -2.74 -10.43 8.28
C ARG A 38 -2.59 -11.28 9.54
N GLU A 39 -2.91 -10.66 10.68
CA GLU A 39 -2.81 -11.34 11.95
C GLU A 39 -4.12 -12.08 12.27
N ALA A 40 -5.19 -11.60 11.65
CA ALA A 40 -6.50 -12.19 11.86
C ALA A 40 -6.60 -13.48 11.05
N LEU A 41 -5.74 -13.58 10.04
CA LEU A 41 -5.72 -14.75 9.18
C LEU A 41 -5.52 -16.00 10.03
N LYS A 42 -4.45 -15.99 10.81
CA LYS A 42 -4.13 -17.12 11.67
C LYS A 42 -5.29 -17.34 12.65
N LYS A 43 -6.06 -16.28 12.86
CA LYS A 43 -7.20 -16.35 13.76
C LYS A 43 -8.35 -17.07 13.06
N MET A 44 -8.31 -17.04 11.73
CA MET A 44 -9.35 -17.68 10.94
C MET A 44 -9.10 -19.19 10.83
N LYS A 45 -7.96 -19.61 11.35
CA LYS A 45 -7.59 -21.01 11.32
C LYS A 45 -8.17 -21.71 12.55
N ASP A 46 -7.75 -21.25 13.71
CA ASP A 46 -8.22 -21.82 14.96
C ASP A 46 -9.75 -21.93 14.92
N VAL A 47 -10.38 -20.85 14.52
CA VAL A 47 -11.83 -20.81 14.43
C VAL A 47 -12.31 -21.99 13.57
N TYR A 48 -11.56 -22.26 12.51
CA TYR A 48 -11.89 -23.34 11.61
C TYR A 48 -11.35 -24.68 12.13
N GLU A 49 -10.42 -24.57 13.06
CA GLU A 49 -9.80 -25.76 13.64
C GLU A 49 -10.76 -26.41 14.64
N LYS A 50 -11.53 -25.57 15.31
CA LYS A 50 -12.49 -26.05 16.29
C LYS A 50 -13.91 -25.91 15.72
N THR A 51 -14.13 -24.80 15.05
CA THR A 51 -15.43 -24.52 14.44
C THR A 51 -15.30 -24.44 12.92
N PRO A 52 -15.32 -25.63 12.27
CA PRO A 52 -15.21 -25.71 10.83
C PRO A 52 -16.53 -25.28 10.17
N GLN A 53 -17.50 -24.95 11.00
CA GLN A 53 -18.79 -24.53 10.50
C GLN A 53 -18.74 -23.08 10.03
N MET A 54 -17.56 -22.48 10.16
CA MET A 54 -17.37 -21.10 9.75
C MET A 54 -16.77 -21.03 8.35
N GLY A 55 -15.72 -21.82 8.14
CA GLY A 55 -15.05 -21.85 6.85
C GLY A 55 -13.98 -22.95 6.82
N ASP A 56 -13.15 -22.88 5.79
CA ASP A 56 -12.08 -23.85 5.64
C ASP A 56 -10.72 -23.16 5.87
N PRO A 57 -9.85 -23.86 6.64
CA PRO A 57 -8.54 -23.33 6.95
C PRO A 57 -7.61 -23.44 5.74
N ALA A 58 -7.90 -24.43 4.90
CA ALA A 58 -7.10 -24.66 3.71
C ALA A 58 -7.24 -23.46 2.77
N SER A 59 -8.26 -22.67 3.01
CA SER A 59 -8.52 -21.49 2.20
C SER A 59 -7.88 -20.26 2.86
N LEU A 60 -7.18 -20.51 3.95
CA LEU A 60 -6.51 -19.45 4.68
C LEU A 60 -5.00 -19.54 4.45
N GLU A 61 -4.60 -20.61 3.80
CA GLU A 61 -3.20 -20.83 3.51
C GLU A 61 -2.76 -19.97 2.32
N PRO A 62 -3.58 -20.03 1.24
CA PRO A 62 -3.30 -19.26 0.04
C PRO A 62 -3.61 -17.78 0.24
N GLN A 63 -4.24 -17.49 1.37
CA GLN A 63 -4.61 -16.13 1.69
C GLN A 63 -3.54 -15.50 2.60
N ILE A 64 -2.99 -16.33 3.47
CA ILE A 64 -1.97 -15.88 4.39
C ILE A 64 -0.77 -15.34 3.61
N ALA A 65 -0.11 -16.25 2.91
CA ALA A 65 1.05 -15.88 2.11
C ALA A 65 0.66 -14.78 1.14
N GLU A 66 -0.64 -14.67 0.90
CA GLU A 66 -1.16 -13.66 -0.01
C GLU A 66 -1.22 -12.30 0.69
N THR A 67 -1.57 -12.34 1.97
CA THR A 67 -1.67 -11.13 2.76
C THR A 67 -0.28 -10.65 3.18
N LEU A 68 0.59 -11.61 3.42
CA LEU A 68 1.96 -11.30 3.82
C LEU A 68 2.68 -10.59 2.68
N SER A 69 2.76 -11.27 1.56
CA SER A 69 3.41 -10.73 0.39
C SER A 69 2.70 -9.45 -0.08
N ASN A 70 1.46 -9.32 0.38
CA ASN A 70 0.66 -8.15 0.02
C ASN A 70 0.96 -7.02 1.01
N ILE A 71 1.51 -7.40 2.15
CA ILE A 71 1.85 -6.42 3.17
C ILE A 71 3.21 -5.80 2.84
N GLU A 72 4.16 -6.67 2.54
CA GLU A 72 5.50 -6.22 2.21
C GLU A 72 5.48 -5.41 0.91
N ARG A 73 4.64 -5.83 -0.01
CA ARG A 73 4.52 -5.16 -1.29
C ARG A 73 3.80 -3.82 -1.11
N LEU A 74 3.30 -3.61 0.10
CA LEU A 74 2.59 -2.38 0.40
C LEU A 74 3.55 -1.40 1.09
N LYS A 75 3.93 -1.75 2.30
CA LYS A 75 4.85 -0.92 3.07
C LYS A 75 5.97 -0.44 2.15
N LEU A 76 6.56 -1.39 1.45
CA LEU A 76 7.65 -1.07 0.54
C LEU A 76 7.27 0.16 -0.29
N GLU A 77 6.03 0.19 -0.72
CA GLU A 77 5.54 1.30 -1.52
C GLU A 77 5.38 2.55 -0.65
N VAL A 78 5.06 2.32 0.62
CA VAL A 78 4.88 3.41 1.55
C VAL A 78 6.26 3.99 1.92
N GLN A 79 7.29 3.34 1.41
CA GLN A 79 8.65 3.78 1.67
C GLN A 79 9.19 4.59 0.50
N LYS A 80 9.19 3.97 -0.67
CA LYS A 80 9.68 4.62 -1.88
C LYS A 80 9.07 6.02 -1.96
N TYR A 81 7.78 6.10 -1.69
CA TYR A 81 7.07 7.36 -1.73
C TYR A 81 7.61 8.33 -0.68
N GLU A 82 7.58 7.87 0.56
CA GLU A 82 8.07 8.69 1.67
C GLU A 82 9.51 9.13 1.40
N ALA A 83 10.17 8.39 0.52
CA ALA A 83 11.55 8.70 0.18
C ALA A 83 11.58 9.50 -1.13
N TRP A 84 10.51 9.34 -1.91
CA TRP A 84 10.41 10.04 -3.17
C TRP A 84 10.19 11.52 -2.87
N LEU A 85 9.39 11.78 -1.86
CA LEU A 85 9.09 13.14 -1.46
C LEU A 85 10.36 13.99 -1.56
N ALA A 86 11.45 13.42 -1.06
CA ALA A 86 12.73 14.11 -1.08
C ALA A 86 13.34 13.99 -2.48
N GLU A 87 13.18 12.81 -3.07
CA GLU A 87 13.71 12.56 -4.39
C GLU A 87 13.03 13.48 -5.42
N ALA A 88 11.91 14.05 -5.00
CA ALA A 88 11.16 14.94 -5.86
C ALA A 88 11.45 16.40 -5.47
N GLU A 89 10.99 16.75 -4.28
CA GLU A 89 11.18 18.10 -3.77
C GLU A 89 12.62 18.56 -4.05
N SER A 90 13.56 17.66 -3.82
CA SER A 90 14.96 17.96 -4.04
C SER A 90 15.11 18.82 -5.31
N ARG A 91 14.40 18.40 -6.35
CA ARG A 91 14.45 19.11 -7.62
C ARG A 91 13.92 20.54 -7.45
N VAL A 92 12.73 20.63 -6.89
CA VAL A 92 12.11 21.93 -6.66
C VAL A 92 13.10 22.85 -5.96
N LEU A 93 13.54 22.40 -4.79
CA LEU A 93 14.50 23.18 -4.01
C LEU A 93 15.70 23.53 -4.87
N SER A 94 16.03 22.61 -5.78
CA SER A 94 17.16 22.81 -6.67
C SER A 94 16.79 23.82 -7.76
N ASN A 95 15.50 23.87 -8.07
CA ASN A 95 15.01 24.79 -9.09
C ASN A 95 13.59 25.22 -8.74
N ARG A 96 13.45 26.51 -8.47
CA ARG A 96 12.15 27.06 -8.12
C ARG A 96 11.27 27.18 -9.36
N GLY A 97 10.09 27.75 -9.15
CA GLY A 97 9.14 27.94 -10.25
C GLY A 97 7.72 28.12 -9.72
N ASP A 98 7.61 28.97 -8.72
CA ASP A 98 6.31 29.24 -8.11
C ASP A 98 5.55 30.25 -8.98
N GLY A 1 -17.78 10.43 -10.21
CA GLY A 1 -16.79 9.46 -9.80
C GLY A 1 -15.53 9.55 -10.66
N PRO A 2 -14.54 10.33 -10.15
CA PRO A 2 -13.29 10.51 -10.87
C PRO A 2 -12.41 9.26 -10.77
N HIS A 3 -11.47 9.16 -11.70
CA HIS A 3 -10.57 8.03 -11.72
C HIS A 3 -9.15 8.49 -11.39
N MET A 4 -8.26 7.52 -11.22
CA MET A 4 -6.88 7.82 -10.89
C MET A 4 -5.93 7.17 -11.90
N THR A 5 -4.74 7.72 -11.98
CA THR A 5 -3.72 7.21 -12.90
C THR A 5 -2.72 6.34 -12.15
N GLU A 6 -1.68 5.95 -12.87
CA GLU A 6 -0.65 5.10 -12.29
C GLU A 6 0.70 5.84 -12.30
N ASP A 7 1.26 5.96 -13.50
CA ASP A 7 2.54 6.64 -13.67
C ASP A 7 2.32 8.14 -13.60
N PHE A 8 3.29 8.83 -13.02
CA PHE A 8 3.22 10.27 -12.89
C PHE A 8 4.38 10.95 -13.62
N SER A 9 4.41 10.77 -14.94
CA SER A 9 5.45 11.34 -15.76
C SER A 9 4.91 12.57 -16.50
N HIS A 10 3.87 12.32 -17.29
CA HIS A 10 3.25 13.39 -18.06
C HIS A 10 3.09 14.64 -17.18
N LEU A 11 2.86 14.38 -15.90
CA LEU A 11 2.68 15.47 -14.95
C LEU A 11 4.03 16.17 -14.73
N PRO A 12 3.94 17.44 -14.28
CA PRO A 12 5.14 18.23 -14.02
C PRO A 12 5.82 17.80 -12.72
N PRO A 13 7.01 18.40 -12.46
CA PRO A 13 7.77 18.07 -11.26
C PRO A 13 7.13 18.72 -10.03
N GLU A 14 6.02 19.41 -10.26
CA GLU A 14 5.32 20.08 -9.19
C GLU A 14 4.15 19.22 -8.71
N GLN A 15 3.68 18.35 -9.61
CA GLN A 15 2.57 17.47 -9.29
C GLN A 15 3.08 16.09 -8.88
N GLN A 16 4.20 15.71 -9.50
CA GLN A 16 4.80 14.42 -9.21
C GLN A 16 4.89 14.20 -7.70
N ARG A 17 5.45 15.18 -7.02
CA ARG A 17 5.62 15.12 -5.58
C ARG A 17 4.25 15.03 -4.90
N LYS A 18 3.23 15.49 -5.63
CA LYS A 18 1.88 15.47 -5.12
C LYS A 18 1.27 14.07 -5.29
N ARG A 19 1.56 13.49 -6.45
CA ARG A 19 1.05 12.17 -6.75
C ARG A 19 1.45 11.18 -5.65
N LEU A 20 2.70 11.29 -5.22
CA LEU A 20 3.20 10.43 -4.17
C LEU A 20 2.34 10.56 -2.93
N GLN A 21 2.41 11.74 -2.32
CA GLN A 21 1.63 12.01 -1.13
C GLN A 21 0.24 11.37 -1.24
N GLN A 22 -0.30 11.43 -2.44
CA GLN A 22 -1.62 10.86 -2.70
C GLN A 22 -1.57 9.35 -2.58
N GLN A 23 -0.75 8.75 -3.43
CA GLN A 23 -0.60 7.29 -3.44
C GLN A 23 -0.08 6.81 -2.09
N LEU A 24 0.41 7.75 -1.30
CA LEU A 24 0.93 7.43 0.02
C LEU A 24 -0.22 7.11 0.96
N GLU A 25 -1.20 8.01 0.98
CA GLU A 25 -2.36 7.84 1.84
C GLU A 25 -3.08 6.53 1.49
N GLU A 26 -3.08 6.21 0.20
CA GLU A 26 -3.73 5.01 -0.27
C GLU A 26 -2.93 3.78 0.15
N ARG A 27 -1.68 3.73 -0.30
CA ARG A 27 -0.81 2.61 0.02
C ARG A 27 -0.91 2.28 1.51
N SER A 28 -0.94 3.33 2.32
CA SER A 28 -1.03 3.16 3.76
C SER A 28 -2.44 2.69 4.14
N ARG A 29 -3.41 3.13 3.36
CA ARG A 29 -4.80 2.76 3.60
C ARG A 29 -4.99 1.26 3.37
N GLU A 30 -4.53 0.81 2.22
CA GLU A 30 -4.65 -0.60 1.86
C GLU A 30 -3.69 -1.44 2.72
N LEU A 31 -2.89 -0.75 3.50
CA LEU A 31 -1.92 -1.42 4.36
C LEU A 31 -2.55 -1.63 5.75
N GLN A 32 -3.15 -0.57 6.25
CA GLN A 32 -3.78 -0.62 7.57
C GLN A 32 -5.07 -1.45 7.49
N LYS A 33 -5.54 -1.66 6.27
CA LYS A 33 -6.75 -2.42 6.05
C LYS A 33 -6.39 -3.89 5.86
N GLU A 34 -5.17 -4.12 5.39
CA GLU A 34 -4.70 -5.47 5.16
C GLU A 34 -4.00 -6.01 6.42
N VAL A 35 -3.41 -5.10 7.16
CA VAL A 35 -2.72 -5.47 8.39
C VAL A 35 -3.73 -5.74 9.49
N ASP A 36 -4.89 -5.12 9.34
CA ASP A 36 -5.96 -5.28 10.32
C ASP A 36 -6.54 -6.69 10.20
N GLN A 37 -6.38 -7.27 9.02
CA GLN A 37 -6.88 -8.60 8.76
C GLN A 37 -5.73 -9.61 8.74
N ARG A 38 -4.55 -9.11 8.39
CA ARG A 38 -3.37 -9.95 8.33
C ARG A 38 -3.27 -10.81 9.59
N GLU A 39 -3.72 -10.24 10.69
CA GLU A 39 -3.68 -10.94 11.97
C GLU A 39 -4.92 -11.82 12.13
N ALA A 40 -5.98 -11.43 11.43
CA ALA A 40 -7.22 -12.18 11.49
C ALA A 40 -7.09 -13.44 10.63
N LEU A 41 -6.27 -13.33 9.60
CA LEU A 41 -6.05 -14.46 8.71
C LEU A 41 -5.76 -15.71 9.53
N LYS A 42 -4.75 -15.60 10.40
CA LYS A 42 -4.36 -16.70 11.25
C LYS A 42 -5.56 -17.13 12.11
N LYS A 43 -6.45 -16.17 12.34
CA LYS A 43 -7.63 -16.43 13.14
C LYS A 43 -8.67 -17.15 12.28
N MET A 44 -8.65 -16.84 11.00
CA MET A 44 -9.59 -17.45 10.07
C MET A 44 -9.29 -18.94 9.89
N LYS A 45 -8.16 -19.36 10.45
CA LYS A 45 -7.75 -20.76 10.36
C LYS A 45 -8.31 -21.52 11.55
N ASP A 46 -8.01 -21.02 12.73
CA ASP A 46 -8.47 -21.64 13.96
C ASP A 46 -9.98 -21.86 13.88
N VAL A 47 -10.66 -20.88 13.29
CA VAL A 47 -12.11 -20.97 13.14
C VAL A 47 -12.47 -22.24 12.38
N TYR A 48 -11.59 -22.62 11.47
CA TYR A 48 -11.80 -23.82 10.68
C TYR A 48 -11.16 -25.04 11.35
N GLU A 49 -10.15 -24.77 12.18
CA GLU A 49 -9.45 -25.82 12.88
C GLU A 49 -10.39 -26.50 13.89
N LYS A 50 -11.35 -25.73 14.37
CA LYS A 50 -12.31 -26.24 15.34
C LYS A 50 -13.70 -26.26 14.71
N THR A 51 -13.95 -25.26 13.87
CA THR A 51 -15.24 -25.15 13.19
C THR A 51 -15.04 -25.05 11.68
N PRO A 52 -14.91 -26.24 11.04
CA PRO A 52 -14.71 -26.29 9.60
C PRO A 52 -16.02 -25.99 8.86
N GLN A 53 -17.05 -25.74 9.63
CA GLN A 53 -18.36 -25.44 9.07
C GLN A 53 -18.43 -23.96 8.66
N MET A 54 -17.34 -23.26 8.92
CA MET A 54 -17.27 -21.84 8.59
C MET A 54 -16.71 -21.63 7.18
N GLY A 55 -15.58 -22.29 6.93
CA GLY A 55 -14.93 -22.19 5.63
C GLY A 55 -13.80 -23.22 5.50
N ASP A 56 -12.88 -22.92 4.60
CA ASP A 56 -11.76 -23.81 4.37
C ASP A 56 -10.45 -23.07 4.67
N PRO A 57 -9.55 -23.76 5.40
CA PRO A 57 -8.27 -23.17 5.78
C PRO A 57 -7.32 -23.15 4.57
N ALA A 58 -7.51 -24.11 3.69
CA ALA A 58 -6.67 -24.21 2.50
C ALA A 58 -6.88 -22.97 1.64
N SER A 59 -8.02 -22.33 1.84
CA SER A 59 -8.35 -21.13 1.09
C SER A 59 -7.89 -19.89 1.85
N LEU A 60 -7.17 -20.14 2.93
CA LEU A 60 -6.66 -19.05 3.76
C LEU A 60 -5.14 -18.98 3.63
N GLU A 61 -4.58 -20.03 3.03
CA GLU A 61 -3.15 -20.10 2.85
C GLU A 61 -2.71 -19.14 1.74
N PRO A 62 -3.49 -19.13 0.64
CA PRO A 62 -3.19 -18.27 -0.49
C PRO A 62 -3.57 -16.81 -0.18
N GLN A 63 -4.23 -16.64 0.95
CA GLN A 63 -4.65 -15.31 1.38
C GLN A 63 -3.65 -14.73 2.38
N ILE A 64 -3.15 -15.61 3.24
CA ILE A 64 -2.18 -15.20 4.25
C ILE A 64 -0.92 -14.68 3.56
N ALA A 65 -0.21 -15.60 2.92
CA ALA A 65 1.01 -15.24 2.22
C ALA A 65 0.75 -14.03 1.32
N GLU A 66 -0.51 -13.86 0.96
CA GLU A 66 -0.91 -12.76 0.12
C GLU A 66 -0.93 -11.45 0.91
N THR A 67 -1.41 -11.56 2.14
CA THR A 67 -1.49 -10.40 3.01
C THR A 67 -0.15 -10.18 3.73
N LEU A 68 0.67 -11.21 3.70
CA LEU A 68 1.98 -11.15 4.33
C LEU A 68 3.03 -10.76 3.29
N SER A 69 2.75 -11.13 2.05
CA SER A 69 3.66 -10.83 0.96
C SER A 69 3.29 -9.48 0.32
N ASN A 70 2.15 -8.95 0.75
CA ASN A 70 1.67 -7.68 0.23
C ASN A 70 2.07 -6.56 1.20
N ILE A 71 1.71 -6.75 2.46
CA ILE A 71 2.02 -5.77 3.48
C ILE A 71 3.48 -5.32 3.33
N GLU A 72 4.34 -6.29 3.07
CA GLU A 72 5.75 -6.02 2.90
C GLU A 72 5.96 -4.98 1.79
N ARG A 73 5.16 -5.11 0.75
CA ARG A 73 5.23 -4.20 -0.38
C ARG A 73 4.51 -2.90 -0.07
N LEU A 74 3.48 -3.01 0.75
CA LEU A 74 2.70 -1.85 1.14
C LEU A 74 3.60 -0.83 1.84
N LYS A 75 4.03 -1.20 3.04
CA LYS A 75 4.90 -0.34 3.81
C LYS A 75 6.06 0.14 2.93
N LEU A 76 6.76 -0.83 2.36
CA LEU A 76 7.89 -0.53 1.50
C LEU A 76 7.51 0.59 0.53
N GLU A 77 6.36 0.42 -0.10
CA GLU A 77 5.86 1.40 -1.04
C GLU A 77 5.52 2.71 -0.31
N VAL A 78 5.08 2.56 0.92
CA VAL A 78 4.72 3.72 1.73
C VAL A 78 5.99 4.41 2.22
N GLN A 79 7.13 3.80 1.91
CA GLN A 79 8.42 4.33 2.32
C GLN A 79 9.05 5.09 1.15
N LYS A 80 9.25 4.37 0.07
CA LYS A 80 9.86 4.95 -1.13
C LYS A 80 9.26 6.33 -1.38
N TYR A 81 7.94 6.40 -1.25
CA TYR A 81 7.23 7.65 -1.45
C TYR A 81 7.68 8.71 -0.45
N GLU A 82 7.50 8.39 0.82
CA GLU A 82 7.89 9.30 1.88
C GLU A 82 9.35 9.73 1.72
N ALA A 83 10.08 8.93 0.95
CA ALA A 83 11.48 9.21 0.70
C ALA A 83 11.63 9.90 -0.65
N TRP A 84 10.62 9.69 -1.50
CA TRP A 84 10.63 10.28 -2.82
C TRP A 84 10.34 11.78 -2.68
N LEU A 85 9.43 12.08 -1.76
CA LEU A 85 9.06 13.47 -1.51
C LEU A 85 10.31 14.35 -1.58
N ALA A 86 11.38 13.86 -0.97
CA ALA A 86 12.64 14.59 -0.96
C ALA A 86 13.36 14.37 -2.28
N GLU A 87 13.29 13.14 -2.77
CA GLU A 87 13.93 12.79 -4.02
C GLU A 87 13.31 13.57 -5.18
N ALA A 88 12.14 14.15 -4.90
CA ALA A 88 11.44 14.92 -5.90
C ALA A 88 11.60 16.40 -5.59
N GLU A 89 11.00 16.82 -4.48
CA GLU A 89 11.06 18.20 -4.06
C GLU A 89 12.45 18.78 -4.33
N SER A 90 13.46 18.01 -3.96
CA SER A 90 14.84 18.43 -4.15
C SER A 90 14.99 19.12 -5.51
N ARG A 91 14.54 18.43 -6.54
CA ARG A 91 14.60 18.95 -7.90
C ARG A 91 13.74 20.21 -8.02
N VAL A 92 12.52 20.11 -7.54
CA VAL A 92 11.59 21.22 -7.59
C VAL A 92 12.30 22.48 -7.09
N LEU A 93 12.69 22.43 -5.82
CA LEU A 93 13.38 23.56 -5.21
C LEU A 93 14.44 24.09 -6.17
N SER A 94 15.17 23.16 -6.75
CA SER A 94 16.22 23.51 -7.70
C SER A 94 15.65 24.37 -8.82
N ASN A 95 14.60 23.86 -9.44
CA ASN A 95 13.95 24.56 -10.54
C ASN A 95 13.16 25.75 -9.97
N ARG A 96 13.83 26.89 -9.92
CA ARG A 96 13.21 28.10 -9.41
C ARG A 96 12.62 28.92 -10.55
N GLY A 97 11.47 29.52 -10.28
CA GLY A 97 10.80 30.34 -11.28
C GLY A 97 11.10 31.82 -11.06
N ASP A 98 11.52 32.14 -9.85
CA ASP A 98 11.83 33.52 -9.50
C ASP A 98 13.35 33.69 -9.45
#